data_5NUO
#
_entry.id   5NUO
#
_cell.length_a   95.597
_cell.length_b   146.461
_cell.length_c   234.931
_cell.angle_alpha   90.00
_cell.angle_beta   90.00
_cell.angle_gamma   90.00
#
_symmetry.space_group_name_H-M   'P 21 21 21'
#
loop_
_entity.id
_entity.type
_entity.pdbx_description
1 polymer 'Outer membrane protein F'
2 polymer 'ABC transporter permease'
3 non-polymer 'SULFATE ION'
4 non-polymer (HYDROXYETHYLOXY)TRI(ETHYLOXY)OCTANE
#
loop_
_entity_poly.entity_id
_entity_poly.type
_entity_poly.pdbx_seq_one_letter_code
_entity_poly.pdbx_strand_id
1 'polypeptide(L)'
;AEIYNKDGNKVDLYGKAVGLHYFSKGNGENSYGGNGDMTYARLGFKGETQINSDLTGYGQWEYNFQGNNSEGADAQTGNK
TRLAFAGLKYADVGSFDYGRNYGVVYDALGYTDMLPEFGGDTAYSDDFFVGRVGGVATYRNSNFFGLVDGLNFAVQYLGK
NERDTARRSNGDGVGGSISYEYEGFGIVGAYGAADRTNLQEAQPLGNGKKAEQWATGLKYDANNIYLAANYGETRNATPI
TNKFTNTSGFANKTQDVLLVAQYQFDFGLRPSIAYTKSKAKDVEGIGDVDLVNYFEVGATYYFNKNMSTYVDYIINQIDS
DNKLGVGSDDTVAVGIVYQF
;
C,A,E
2 'polypeptide(L)'
;CASSSSGDRPQGRSDPLEGFNRTMFNFNFNVVDPYVLRPVAVAWRDYVPQPARNGLSNFTSNLEEPAVMVNYFLQGDPYK
GMVHFTRFFLNTILGMGGLIDVAGMANPQLQRVEPHRFGSTLGHYGVGYGPYVQLPFYGSFTLRDEGGDMADGLYPVLSW
LTWPMSIGKWAVEGIETRAQLLDSDGLLRQSSDPYILMREAYFQRHDFIANGGKLTPADNPNAQAIQDELKDIDSQ
;
D,B,F
#
# COMPACT_ATOMS: atom_id res chain seq x y z
N ALA A 1 8.75 10.66 2.19
CA ALA A 1 9.55 11.00 3.36
C ALA A 1 10.55 9.91 3.58
N GLU A 2 11.79 10.28 3.90
CA GLU A 2 12.79 9.29 4.23
C GLU A 2 12.51 8.74 5.62
N ILE A 3 12.12 7.47 5.69
CA ILE A 3 11.70 6.86 6.93
C ILE A 3 12.65 5.76 7.37
N TYR A 4 13.69 5.49 6.60
CA TYR A 4 14.67 4.48 6.97
C TYR A 4 15.99 4.87 6.34
N ASN A 5 17.05 4.79 7.13
CA ASN A 5 18.38 5.06 6.62
C ASN A 5 19.38 4.43 7.59
N LYS A 6 19.87 3.24 7.24
CA LYS A 6 20.68 2.43 8.14
C LYS A 6 21.43 1.38 7.34
N ASP A 7 22.69 1.17 7.71
CA ASP A 7 23.55 0.17 7.06
C ASP A 7 23.53 0.35 5.54
N GLY A 8 23.75 1.58 5.10
CA GLY A 8 23.93 1.83 3.68
C GLY A 8 22.75 1.50 2.80
N ASN A 9 21.53 1.55 3.32
CA ASN A 9 20.34 1.51 2.48
C ASN A 9 19.34 2.48 3.07
N LYS A 10 18.78 3.34 2.22
CA LYS A 10 17.79 4.33 2.63
C LYS A 10 16.53 4.19 1.79
N VAL A 11 15.38 4.40 2.43
CA VAL A 11 14.05 4.11 1.89
C VAL A 11 13.18 5.34 2.06
N ASP A 12 12.62 5.84 0.97
CA ASP A 12 11.71 6.98 1.00
C ASP A 12 10.32 6.41 0.73
N LEU A 13 9.45 6.43 1.75
CA LEU A 13 8.04 6.08 1.59
C LEU A 13 7.30 7.40 1.43
N TYR A 14 6.77 7.66 0.24
CA TYR A 14 6.18 8.96 -0.06
C TYR A 14 4.75 8.83 -0.53
N GLY A 15 4.01 9.93 -0.43
CA GLY A 15 2.63 9.87 -0.88
C GLY A 15 1.98 11.24 -0.94
N LYS A 16 0.73 11.24 -1.36
CA LYS A 16 -0.09 12.42 -1.25
C LYS A 16 -1.55 12.04 -1.16
N ALA A 17 -2.34 12.95 -0.62
CA ALA A 17 -3.78 12.86 -0.60
C ALA A 17 -4.31 14.10 -1.29
N VAL A 18 -5.00 13.94 -2.40
CA VAL A 18 -5.42 15.09 -3.21
C VAL A 18 -6.93 15.13 -3.26
N GLY A 19 -7.51 16.19 -2.71
CA GLY A 19 -8.92 16.46 -2.89
C GLY A 19 -9.19 17.18 -4.18
N LEU A 20 -9.90 16.56 -5.12
CA LEU A 20 -10.07 17.18 -6.41
C LEU A 20 -11.54 17.33 -6.77
N HIS A 21 -11.87 18.46 -7.38
CA HIS A 21 -13.18 18.62 -7.99
C HIS A 21 -13.04 19.33 -9.33
N TYR A 22 -13.80 18.85 -10.30
CA TYR A 22 -13.88 19.40 -11.65
C TYR A 22 -15.25 20.00 -11.87
N PHE A 23 -15.30 21.22 -12.37
CA PHE A 23 -16.54 21.90 -12.73
C PHE A 23 -16.59 22.05 -14.24
N SER A 24 -17.65 21.52 -14.85
CA SER A 24 -17.89 21.76 -16.27
C SER A 24 -19.36 21.56 -16.58
N LYS A 25 -19.80 22.09 -17.72
CA LYS A 25 -21.22 22.21 -18.03
C LYS A 25 -21.92 20.87 -17.93
N GLY A 26 -23.07 20.89 -17.26
CA GLY A 26 -23.92 19.72 -17.28
C GLY A 26 -23.21 18.53 -16.69
N ASN A 27 -23.36 17.40 -17.37
CA ASN A 27 -22.77 16.15 -16.94
C ASN A 27 -21.28 16.10 -17.23
N GLY A 28 -20.73 17.07 -17.95
CA GLY A 28 -19.33 17.09 -18.23
C GLY A 28 -18.91 16.29 -19.43
N GLU A 29 -19.88 15.77 -20.19
CA GLU A 29 -19.57 14.87 -21.30
C GLU A 29 -18.75 15.53 -22.38
N ASN A 30 -18.99 16.81 -22.65
CA ASN A 30 -18.29 17.56 -23.69
C ASN A 30 -17.22 18.47 -23.13
N SER A 31 -16.55 18.05 -22.06
CA SER A 31 -15.59 18.87 -21.37
C SER A 31 -14.19 18.37 -21.66
N TYR A 32 -13.22 19.25 -21.49
CA TYR A 32 -11.84 18.82 -21.58
C TYR A 32 -11.54 17.76 -20.54
N GLY A 33 -11.99 17.98 -19.30
CA GLY A 33 -11.64 17.13 -18.20
C GLY A 33 -12.78 16.42 -17.49
N GLY A 34 -14.02 16.69 -17.85
CA GLY A 34 -15.10 16.02 -17.17
C GLY A 34 -15.65 16.85 -16.03
N ASN A 35 -16.42 16.19 -15.19
CA ASN A 35 -17.18 16.89 -14.18
C ASN A 35 -17.32 16.03 -12.93
N GLY A 36 -17.17 16.65 -11.77
CA GLY A 36 -17.46 15.94 -10.57
C GLY A 36 -16.29 15.76 -9.62
N ASP A 37 -16.39 14.73 -8.78
CA ASP A 37 -15.36 14.45 -7.80
C ASP A 37 -14.20 13.71 -8.45
N MET A 38 -12.97 14.16 -8.15
CA MET A 38 -11.77 13.59 -8.75
C MET A 38 -10.69 13.22 -7.73
N THR A 39 -11.06 13.14 -6.45
CA THR A 39 -10.11 12.92 -5.37
C THR A 39 -9.36 11.60 -5.47
N TYR A 40 -8.05 11.68 -5.24
CA TYR A 40 -7.19 10.50 -5.32
C TYR A 40 -6.08 10.64 -4.28
N ALA A 41 -5.43 9.53 -4.01
CA ALA A 41 -4.27 9.47 -3.15
C ALA A 41 -3.16 8.76 -3.91
N ARG A 42 -1.95 8.86 -3.38
CA ARG A 42 -0.81 8.20 -4.00
C ARG A 42 0.13 7.70 -2.92
N LEU A 43 0.71 6.52 -3.15
CA LEU A 43 1.66 5.92 -2.25
C LEU A 43 2.78 5.32 -3.09
N GLY A 44 3.99 5.36 -2.57
CA GLY A 44 5.12 4.77 -3.26
C GLY A 44 6.37 4.77 -2.42
N PHE A 45 7.37 4.02 -2.88
CA PHE A 45 8.69 4.07 -2.27
C PHE A 45 9.77 4.24 -3.32
N LYS A 46 10.80 5.00 -2.95
CA LYS A 46 12.04 5.15 -3.68
C LYS A 46 13.11 4.61 -2.75
N GLY A 47 13.77 3.53 -3.16
CA GLY A 47 14.84 2.94 -2.39
C GLY A 47 16.15 3.02 -3.14
N GLU A 48 17.24 3.03 -2.39
CA GLU A 48 18.55 3.38 -2.95
C GLU A 48 19.60 2.84 -2.01
N THR A 49 20.44 1.94 -2.49
CA THR A 49 21.42 1.30 -1.60
C THR A 49 22.83 1.59 -2.11
N GLN A 50 23.72 1.91 -1.17
CA GLN A 50 25.10 2.23 -1.47
C GLN A 50 25.91 0.95 -1.35
N ILE A 51 26.14 0.30 -2.48
CA ILE A 51 26.86 -0.97 -2.49
C ILE A 51 28.35 -0.73 -2.23
N ASN A 52 28.91 0.27 -2.88
CA ASN A 52 30.29 0.73 -2.68
C ASN A 52 30.43 2.07 -3.38
N SER A 53 31.66 2.57 -3.49
CA SER A 53 31.88 3.90 -4.04
C SER A 53 31.43 4.04 -5.50
N ASP A 54 31.38 2.95 -6.26
CA ASP A 54 30.99 3.07 -7.66
C ASP A 54 29.54 2.68 -7.92
N LEU A 55 29.00 1.76 -7.14
CA LEU A 55 27.72 1.13 -7.43
C LEU A 55 26.65 1.62 -6.46
N THR A 56 25.55 2.12 -7.02
CA THR A 56 24.34 2.42 -6.27
C THR A 56 23.20 1.63 -6.87
N GLY A 57 22.58 0.80 -6.07
CA GLY A 57 21.35 0.16 -6.49
C GLY A 57 20.12 0.97 -6.13
N TYR A 58 19.08 0.86 -6.95
CA TYR A 58 17.88 1.64 -6.72
C TYR A 58 16.65 0.87 -7.17
N GLY A 59 15.52 1.18 -6.53
CA GLY A 59 14.24 0.60 -6.91
C GLY A 59 13.13 1.53 -6.46
N GLN A 60 12.00 1.44 -7.16
CA GLN A 60 10.92 2.40 -6.97
C GLN A 60 9.62 1.77 -7.44
N TRP A 61 8.56 2.02 -6.66
CA TRP A 61 7.20 1.55 -6.92
C TRP A 61 6.22 2.65 -6.55
N GLU A 62 5.17 2.81 -7.36
CA GLU A 62 4.23 3.91 -7.12
C GLU A 62 2.84 3.55 -7.63
N TYR A 63 1.84 3.71 -6.77
CA TYR A 63 0.47 3.30 -7.04
C TYR A 63 -0.47 4.50 -6.99
N ASN A 64 -1.59 4.40 -7.68
CA ASN A 64 -2.62 5.42 -7.67
C ASN A 64 -3.89 4.81 -7.08
N PHE A 65 -4.27 5.23 -5.88
CA PHE A 65 -5.51 4.82 -5.24
C PHE A 65 -6.55 5.89 -5.50
N GLN A 66 -7.63 5.54 -6.19
CA GLN A 66 -8.67 6.53 -6.45
C GLN A 66 -9.55 6.69 -5.22
N GLY A 67 -9.77 7.94 -4.82
CA GLY A 67 -10.67 8.25 -3.74
C GLY A 67 -12.10 8.44 -4.14
N ASN A 68 -12.39 8.45 -5.44
CA ASN A 68 -13.73 8.75 -5.92
C ASN A 68 -14.55 7.50 -6.25
N ASN A 69 -14.18 6.33 -5.74
CA ASN A 69 -15.03 5.16 -5.92
C ASN A 69 -15.79 4.86 -4.64
N SER A 70 -16.89 4.12 -4.77
CA SER A 70 -17.63 3.64 -3.63
C SER A 70 -16.92 2.42 -3.07
N GLU A 71 -17.34 1.97 -1.89
CA GLU A 71 -16.75 0.77 -1.30
C GLU A 71 -17.33 -0.50 -1.88
N GLY A 72 -18.18 -0.39 -2.90
CA GLY A 72 -18.84 -1.50 -3.52
C GLY A 72 -18.17 -1.96 -4.81
N ALA A 73 -18.99 -2.33 -5.78
CA ALA A 73 -18.52 -3.08 -6.94
C ALA A 73 -17.46 -2.34 -7.74
N ASP A 74 -17.53 -1.00 -7.78
CA ASP A 74 -16.62 -0.20 -8.60
C ASP A 74 -15.35 0.22 -7.87
N ALA A 75 -15.04 -0.37 -6.72
CA ALA A 75 -13.97 0.17 -5.88
C ALA A 75 -12.65 0.29 -6.62
N GLN A 76 -12.30 -0.67 -7.48
CA GLN A 76 -10.95 -0.68 -8.01
C GLN A 76 -10.79 0.20 -9.24
N THR A 77 -11.85 0.87 -9.64
CA THR A 77 -11.81 1.62 -10.88
C THR A 77 -10.81 2.75 -10.81
N GLY A 78 -9.83 2.72 -11.71
CA GLY A 78 -8.81 3.73 -11.78
C GLY A 78 -7.55 3.44 -10.99
N ASN A 79 -7.58 2.46 -10.09
CA ASN A 79 -6.40 2.00 -9.40
C ASN A 79 -5.45 1.30 -10.36
N LYS A 80 -4.16 1.60 -10.22
CA LYS A 80 -3.12 1.11 -11.11
C LYS A 80 -1.78 1.37 -10.46
N THR A 81 -0.81 0.49 -10.73
CA THR A 81 0.59 0.78 -10.44
C THR A 81 1.12 1.75 -11.48
N ARG A 82 1.84 2.76 -11.03
CA ARG A 82 2.37 3.67 -12.03
C ARG A 82 3.78 3.29 -12.46
N LEU A 83 4.65 3.01 -11.49
CA LEU A 83 6.05 2.69 -11.74
C LEU A 83 6.44 1.44 -10.96
N ALA A 84 7.30 0.64 -11.56
CA ALA A 84 7.83 -0.53 -10.87
C ALA A 84 9.12 -0.89 -11.58
N PHE A 85 10.25 -0.56 -10.96
CA PHE A 85 11.53 -0.83 -11.58
C PHE A 85 12.65 -0.86 -10.55
N ALA A 86 13.75 -1.48 -10.97
CA ALA A 86 15.00 -1.52 -10.25
C ALA A 86 16.11 -1.31 -11.26
N GLY A 87 17.29 -0.98 -10.76
CA GLY A 87 18.38 -0.65 -11.66
C GLY A 87 19.66 -0.47 -10.90
N LEU A 88 20.70 -0.13 -11.66
CA LEU A 88 22.03 0.09 -11.13
C LEU A 88 22.57 1.39 -11.70
N LYS A 89 23.26 2.17 -10.86
CA LYS A 89 23.94 3.40 -11.25
C LYS A 89 25.44 3.23 -11.07
N TYR A 90 26.20 3.49 -12.13
CA TYR A 90 27.64 3.29 -12.18
C TYR A 90 28.28 4.66 -12.15
N ALA A 91 29.22 4.89 -11.22
CA ALA A 91 30.08 6.07 -11.19
C ALA A 91 29.73 7.16 -12.21
N ASP A 92 30.65 7.48 -13.13
CA ASP A 92 30.32 8.35 -14.25
C ASP A 92 29.72 7.63 -15.42
N VAL A 93 29.47 6.34 -15.29
CA VAL A 93 29.18 5.59 -16.48
C VAL A 93 27.70 5.58 -16.76
N GLY A 94 26.89 5.90 -15.77
CA GLY A 94 25.48 6.07 -16.00
C GLY A 94 24.68 5.12 -15.17
N SER A 95 23.51 4.78 -15.69
CA SER A 95 22.52 4.02 -14.97
C SER A 95 21.78 3.15 -15.95
N PHE A 96 21.24 2.06 -15.44
CA PHE A 96 20.46 1.13 -16.25
C PHE A 96 19.43 0.49 -15.34
N ASP A 97 18.15 0.68 -15.66
CA ASP A 97 17.04 0.20 -14.85
C ASP A 97 15.97 -0.37 -15.76
N TYR A 98 15.39 -1.48 -15.34
CA TYR A 98 14.37 -2.13 -16.14
C TYR A 98 13.07 -2.28 -15.36
N GLY A 99 11.97 -2.19 -16.08
CA GLY A 99 10.70 -2.38 -15.45
C GLY A 99 9.64 -1.54 -16.12
N ARG A 100 8.66 -1.16 -15.33
CA ARG A 100 7.64 -0.20 -15.75
C ARG A 100 8.08 1.18 -15.32
N ASN A 101 8.30 2.05 -16.29
CA ASN A 101 8.97 3.30 -16.00
C ASN A 101 8.60 4.28 -17.11
N TYR A 102 9.06 5.53 -16.97
CA TYR A 102 8.72 6.56 -17.95
C TYR A 102 9.38 6.32 -19.30
N GLY A 103 8.62 6.45 -20.39
CA GLY A 103 9.20 6.33 -21.71
C GLY A 103 10.08 7.51 -22.06
N VAL A 104 11.03 7.30 -22.98
CA VAL A 104 12.14 8.23 -23.11
C VAL A 104 11.73 9.55 -23.72
N VAL A 105 10.74 9.55 -24.61
CA VAL A 105 10.27 10.81 -25.17
C VAL A 105 9.68 11.73 -24.12
N TYR A 106 9.33 11.21 -22.94
CA TYR A 106 8.99 12.09 -21.85
C TYR A 106 10.17 12.92 -21.39
N ASP A 107 11.40 12.48 -21.69
CA ASP A 107 12.55 13.33 -21.39
C ASP A 107 12.42 14.69 -22.03
N ALA A 108 11.62 14.80 -23.10
CA ALA A 108 11.33 16.06 -23.77
C ALA A 108 9.97 16.63 -23.41
N LEU A 109 8.94 15.80 -23.34
CA LEU A 109 7.59 16.26 -23.08
C LEU A 109 7.38 16.76 -21.66
N GLY A 110 8.23 16.35 -20.71
CA GLY A 110 8.13 16.87 -19.36
C GLY A 110 8.37 18.36 -19.30
N TYR A 111 9.09 18.91 -20.28
CA TYR A 111 9.32 20.34 -20.31
C TYR A 111 8.02 21.10 -20.12
N THR A 112 6.99 20.74 -20.85
CA THR A 112 5.75 21.50 -20.77
C THR A 112 4.74 20.88 -19.82
N ASP A 113 4.99 19.69 -19.26
CA ASP A 113 4.05 19.02 -18.36
C ASP A 113 4.27 19.53 -16.94
N MET A 114 3.87 20.80 -16.73
CA MET A 114 4.13 21.57 -15.51
C MET A 114 2.90 22.26 -14.94
N LEU A 115 1.72 21.91 -15.43
CA LEU A 115 0.46 22.52 -15.08
C LEU A 115 -0.03 21.99 -13.73
N PRO A 116 -0.92 22.72 -13.05
CA PRO A 116 -1.33 22.25 -11.71
C PRO A 116 -2.17 20.99 -11.74
N GLU A 117 -3.06 20.85 -12.72
CA GLU A 117 -3.84 19.64 -12.82
C GLU A 117 -3.71 19.07 -14.22
N PHE A 118 -3.97 19.88 -15.24
CA PHE A 118 -4.03 19.35 -16.60
C PHE A 118 -2.68 19.49 -17.31
N GLY A 119 -2.69 19.83 -18.60
CA GLY A 119 -1.47 19.87 -19.37
C GLY A 119 -0.86 18.51 -19.62
N GLY A 120 0.31 18.53 -20.27
CA GLY A 120 0.99 17.31 -20.63
C GLY A 120 0.15 16.36 -21.47
N ASP A 121 -0.71 16.90 -22.33
CA ASP A 121 -1.74 16.09 -22.99
C ASP A 121 -1.16 15.03 -23.92
N THR A 122 0.06 15.22 -24.41
CA THR A 122 0.65 14.27 -25.32
C THR A 122 1.45 13.17 -24.63
N ALA A 123 1.57 13.20 -23.30
CA ALA A 123 2.34 12.19 -22.59
C ALA A 123 1.42 11.04 -22.14
N TYR A 124 0.83 10.38 -23.13
CA TYR A 124 -0.13 9.31 -22.88
C TYR A 124 0.50 8.13 -22.16
N SER A 125 -0.25 7.55 -21.23
CA SER A 125 0.15 6.31 -20.60
C SER A 125 -0.01 5.16 -21.57
N ASP A 126 0.86 4.17 -21.43
CA ASP A 126 0.76 2.96 -22.23
C ASP A 126 0.66 3.31 -23.72
N ASP A 127 1.66 4.05 -24.18
CA ASP A 127 1.69 4.58 -25.54
C ASP A 127 3.14 4.76 -25.99
N PHE A 128 3.91 3.67 -26.07
CA PHE A 128 5.31 3.69 -26.52
C PHE A 128 6.13 4.58 -25.60
N PHE A 129 6.77 5.64 -26.09
CA PHE A 129 7.82 6.32 -25.33
C PHE A 129 7.39 7.64 -24.71
N VAL A 130 6.12 8.05 -24.84
CA VAL A 130 5.71 9.38 -24.40
C VAL A 130 5.17 9.39 -22.97
N GLY A 131 4.89 8.25 -22.39
CA GLY A 131 4.45 8.21 -21.01
C GLY A 131 5.01 6.99 -20.33
N ARG A 132 4.43 6.64 -19.20
CA ARG A 132 4.80 5.42 -18.50
C ARG A 132 4.38 4.21 -19.31
N VAL A 133 5.25 3.22 -19.38
CA VAL A 133 5.02 2.02 -20.17
C VAL A 133 5.73 0.86 -19.49
N GLY A 134 5.24 -0.35 -19.72
CA GLY A 134 5.82 -1.54 -19.12
C GLY A 134 6.89 -2.19 -19.98
N GLY A 135 7.94 -2.66 -19.33
CA GLY A 135 8.97 -3.43 -19.99
C GLY A 135 9.96 -2.60 -20.76
N VAL A 136 10.49 -1.55 -20.14
CA VAL A 136 11.51 -0.71 -20.74
C VAL A 136 12.80 -0.90 -19.97
N ALA A 137 13.89 -1.06 -20.70
CA ALA A 137 15.23 -0.99 -20.15
C ALA A 137 15.84 0.34 -20.59
N THR A 138 16.41 1.08 -19.66
CA THR A 138 16.77 2.45 -19.94
C THR A 138 18.22 2.66 -19.53
N TYR A 139 19.08 2.95 -20.48
CA TYR A 139 20.41 3.43 -20.14
C TYR A 139 20.36 4.94 -20.08
N ARG A 140 20.88 5.51 -19.00
CA ARG A 140 21.02 6.95 -18.90
C ARG A 140 22.41 7.29 -18.42
N ASN A 141 22.93 8.39 -18.95
CA ASN A 141 24.21 8.93 -18.51
C ASN A 141 24.11 10.44 -18.45
N SER A 142 24.54 11.04 -17.34
CA SER A 142 24.55 12.48 -17.16
C SER A 142 25.97 13.04 -17.24
N ASN A 143 26.11 14.21 -17.87
CA ASN A 143 27.39 14.89 -18.07
C ASN A 143 28.37 14.06 -18.89
N PHE A 144 27.84 13.37 -19.90
CA PHE A 144 28.61 12.61 -20.89
C PHE A 144 29.86 11.94 -20.32
N PHE A 145 29.66 11.02 -19.38
CA PHE A 145 30.73 10.24 -18.77
C PHE A 145 31.73 11.14 -18.05
N GLY A 146 31.27 12.25 -17.50
CA GLY A 146 32.15 13.22 -16.89
C GLY A 146 32.80 14.23 -17.83
N LEU A 147 32.69 14.07 -19.16
CA LEU A 147 33.36 14.96 -20.10
C LEU A 147 32.62 16.29 -20.25
N VAL A 148 31.51 16.28 -20.98
CA VAL A 148 30.72 17.48 -21.23
C VAL A 148 29.78 17.72 -20.06
N ASP A 149 29.82 18.93 -19.48
CA ASP A 149 28.98 19.23 -18.33
C ASP A 149 27.60 19.71 -18.76
N GLY A 150 26.56 19.18 -18.13
CA GLY A 150 25.21 19.55 -18.49
C GLY A 150 24.68 18.82 -19.69
N LEU A 151 25.42 17.87 -20.23
CA LEU A 151 25.01 17.10 -21.40
C LEU A 151 24.59 15.71 -20.95
N ASN A 152 23.29 15.43 -21.00
CA ASN A 152 22.79 14.11 -20.63
C ASN A 152 22.23 13.44 -21.86
N PHE A 153 22.32 12.12 -21.91
CA PHE A 153 21.56 11.37 -22.89
C PHE A 153 21.03 10.11 -22.24
N ALA A 154 20.14 9.44 -22.96
CA ALA A 154 19.54 8.20 -22.51
C ALA A 154 19.03 7.45 -23.73
N VAL A 155 19.18 6.14 -23.70
CA VAL A 155 18.76 5.23 -24.75
C VAL A 155 17.96 4.10 -24.12
N GLN A 156 16.88 3.69 -24.78
CA GLN A 156 15.85 2.87 -24.18
C GLN A 156 15.43 1.75 -25.12
N TYR A 157 15.12 0.61 -24.54
CA TYR A 157 14.62 -0.55 -25.27
C TYR A 157 13.22 -0.83 -24.76
N LEU A 158 12.30 -1.11 -25.68
CA LEU A 158 10.89 -1.31 -25.34
C LEU A 158 10.53 -2.75 -25.64
N GLY A 159 10.31 -3.55 -24.61
CA GLY A 159 9.86 -4.91 -24.83
C GLY A 159 8.38 -4.91 -25.18
N LYS A 160 8.03 -5.66 -26.22
CA LYS A 160 6.65 -5.69 -26.69
C LYS A 160 5.69 -6.11 -25.59
N ASN A 161 4.53 -5.45 -25.56
CA ASN A 161 3.41 -5.79 -24.68
C ASN A 161 2.23 -6.06 -25.59
N GLU A 162 1.94 -7.33 -25.83
CA GLU A 162 0.76 -7.72 -26.58
C GLU A 162 -0.39 -7.81 -25.58
N ARG A 163 -1.16 -6.73 -25.45
CA ARG A 163 -2.21 -6.73 -24.44
C ARG A 163 -3.54 -7.13 -25.05
N ASP A 164 -4.61 -6.94 -24.29
CA ASP A 164 -5.92 -7.36 -24.77
C ASP A 164 -6.56 -6.27 -25.62
N THR A 165 -6.31 -5.01 -25.30
CA THR A 165 -6.79 -3.89 -26.11
C THR A 165 -5.65 -3.37 -26.95
N ALA A 166 -5.95 -3.01 -28.20
CA ALA A 166 -4.95 -2.34 -29.03
C ALA A 166 -4.41 -1.10 -28.36
N ARG A 167 -5.26 -0.38 -27.64
CA ARG A 167 -4.87 0.90 -27.05
C ARG A 167 -3.64 0.77 -26.18
N ARG A 168 -3.57 -0.31 -25.39
CA ARG A 168 -2.51 -0.47 -24.41
C ARG A 168 -1.37 -1.33 -24.90
N SER A 169 -1.44 -1.83 -26.13
CA SER A 169 -0.40 -2.72 -26.62
C SER A 169 0.74 -1.94 -27.27
N ASN A 170 1.82 -2.67 -27.55
CA ASN A 170 2.95 -2.14 -28.29
C ASN A 170 3.87 -3.29 -28.68
N GLY A 171 4.70 -3.04 -29.70
CA GLY A 171 5.68 -3.99 -30.16
C GLY A 171 7.07 -3.66 -29.66
N ASP A 172 8.05 -4.39 -30.18
CA ASP A 172 9.45 -4.11 -29.83
C ASP A 172 9.86 -2.75 -30.39
N GLY A 173 10.71 -2.04 -29.65
CA GLY A 173 11.12 -0.71 -30.07
C GLY A 173 12.33 -0.21 -29.32
N VAL A 174 12.78 0.98 -29.71
CA VAL A 174 14.00 1.56 -29.14
C VAL A 174 13.93 3.08 -29.32
N GLY A 175 14.53 3.81 -28.38
CA GLY A 175 14.48 5.26 -28.46
C GLY A 175 15.58 5.88 -27.63
N GLY A 176 15.63 7.21 -27.68
CA GLY A 176 16.70 7.93 -27.01
C GLY A 176 16.42 9.40 -26.86
N SER A 177 17.32 10.07 -26.14
CA SER A 177 17.15 11.49 -25.93
C SER A 177 18.49 12.10 -25.57
N ILE A 178 18.68 13.37 -25.90
CA ILE A 178 19.80 14.15 -25.40
C ILE A 178 19.27 15.49 -24.91
N SER A 179 19.77 15.94 -23.76
CA SER A 179 19.45 17.26 -23.25
C SER A 179 20.74 18.01 -22.94
N TYR A 180 20.72 19.30 -23.20
CA TYR A 180 21.75 20.21 -22.74
C TYR A 180 21.10 21.31 -21.92
N GLU A 181 21.66 21.56 -20.74
CA GLU A 181 21.22 22.62 -19.84
C GLU A 181 22.44 23.42 -19.45
N TYR A 182 22.35 24.74 -19.59
CA TYR A 182 23.46 25.62 -19.30
C TYR A 182 22.88 26.93 -18.82
N GLU A 183 23.07 27.23 -17.53
CA GLU A 183 22.66 28.48 -16.90
C GLU A 183 21.19 28.79 -17.15
N GLY A 184 20.36 27.98 -16.49
CA GLY A 184 18.93 28.13 -16.53
C GLY A 184 18.26 27.70 -17.82
N PHE A 185 19.01 27.66 -18.90
CA PHE A 185 18.42 27.27 -20.15
C PHE A 185 18.58 25.78 -20.32
N GLY A 186 17.59 25.17 -20.95
CA GLY A 186 17.72 23.78 -21.28
C GLY A 186 17.13 23.53 -22.63
N ILE A 187 17.79 22.72 -23.43
CA ILE A 187 17.27 22.24 -24.70
C ILE A 187 17.32 20.72 -24.70
N VAL A 188 16.33 20.09 -25.34
CA VAL A 188 16.21 18.63 -25.36
C VAL A 188 15.51 18.16 -26.63
N GLY A 189 15.91 16.98 -27.09
CA GLY A 189 15.20 16.28 -28.14
C GLY A 189 15.18 14.80 -27.83
N ALA A 190 14.21 14.11 -28.42
CA ALA A 190 14.02 12.67 -28.19
C ALA A 190 13.24 12.05 -29.33
N TYR A 191 13.50 10.77 -29.58
CA TYR A 191 12.87 10.04 -30.66
C TYR A 191 12.79 8.58 -30.28
N GLY A 192 11.69 7.94 -30.66
CA GLY A 192 11.54 6.51 -30.50
C GLY A 192 10.70 5.95 -31.62
N ALA A 193 10.89 4.68 -31.89
CA ALA A 193 10.10 3.97 -32.88
C ALA A 193 9.94 2.53 -32.45
N ALA A 194 8.80 1.95 -32.77
CA ALA A 194 8.49 0.60 -32.35
C ALA A 194 7.45 0.02 -33.28
N ASP A 195 7.35 -1.30 -33.29
CA ASP A 195 6.36 -1.98 -34.11
C ASP A 195 5.00 -1.92 -33.47
N ARG A 196 3.97 -2.02 -34.30
CA ARG A 196 2.63 -2.11 -33.78
C ARG A 196 2.23 -3.57 -33.78
N THR A 197 1.44 -3.97 -32.79
CA THR A 197 0.94 -5.33 -32.77
C THR A 197 -0.08 -5.54 -33.90
N ASN A 198 -0.32 -6.82 -34.21
CA ASN A 198 -1.38 -7.18 -35.15
C ASN A 198 -2.72 -6.57 -34.75
N LEU A 199 -3.03 -6.59 -33.44
CA LEU A 199 -4.29 -6.03 -32.96
C LEU A 199 -4.39 -4.54 -33.27
N GLN A 200 -3.30 -3.80 -33.06
CA GLN A 200 -3.33 -2.38 -33.36
C GLN A 200 -3.54 -2.13 -34.84
N GLU A 201 -3.04 -3.04 -35.68
CA GLU A 201 -3.17 -2.89 -37.13
C GLU A 201 -4.60 -3.14 -37.58
N ALA A 202 -5.24 -4.14 -36.98
CA ALA A 202 -6.64 -4.45 -37.24
C ALA A 202 -7.60 -3.46 -36.57
N GLN A 203 -7.14 -2.24 -36.26
CA GLN A 203 -8.07 -1.23 -35.78
C GLN A 203 -8.50 -0.34 -36.94
N PRO A 204 -9.75 0.12 -36.96
CA PRO A 204 -10.19 0.97 -38.08
C PRO A 204 -9.33 2.20 -38.26
N LEU A 205 -8.94 2.87 -37.18
CA LEU A 205 -8.19 4.11 -37.26
C LEU A 205 -6.70 3.84 -37.10
N GLY A 206 -5.92 4.28 -38.08
CA GLY A 206 -4.50 4.04 -38.01
C GLY A 206 -4.07 2.84 -38.81
N ASN A 207 -3.01 3.02 -39.60
CA ASN A 207 -2.45 1.97 -40.43
C ASN A 207 -0.96 2.21 -40.52
N GLY A 208 -0.19 1.12 -40.48
CA GLY A 208 1.26 1.18 -40.54
C GLY A 208 1.88 0.07 -39.73
N LYS A 209 2.95 -0.54 -40.24
CA LYS A 209 3.55 -1.62 -39.47
C LYS A 209 4.40 -1.08 -38.32
N LYS A 210 4.66 0.23 -38.31
CA LYS A 210 5.63 0.82 -37.42
C LYS A 210 5.08 2.13 -36.88
N ALA A 211 5.24 2.34 -35.58
CA ALA A 211 4.82 3.56 -34.88
C ALA A 211 6.04 4.36 -34.41
N GLU A 212 5.93 5.68 -34.47
CA GLU A 212 7.06 6.56 -34.17
C GLU A 212 6.61 7.85 -33.50
N GLN A 213 7.47 8.35 -32.59
CA GLN A 213 7.20 9.53 -31.78
C GLN A 213 8.49 10.31 -31.56
N TRP A 214 8.45 11.61 -31.79
CA TRP A 214 9.59 12.46 -31.45
C TRP A 214 9.08 13.81 -30.96
N ALA A 215 9.92 14.49 -30.18
CA ALA A 215 9.53 15.76 -29.60
C ALA A 215 10.78 16.52 -29.22
N THR A 216 10.65 17.84 -29.18
CA THR A 216 11.75 18.74 -28.91
C THR A 216 11.27 19.74 -27.88
N GLY A 217 12.20 20.31 -27.14
CA GLY A 217 11.84 21.19 -26.05
C GLY A 217 12.85 22.28 -25.83
N LEU A 218 12.37 23.43 -25.42
CA LEU A 218 13.17 24.52 -24.90
C LEU A 218 12.66 24.87 -23.52
N LYS A 219 13.54 25.29 -22.64
CA LYS A 219 13.06 25.74 -21.33
C LYS A 219 13.99 26.79 -20.78
N TYR A 220 13.42 27.74 -20.05
CA TYR A 220 14.17 28.67 -19.22
C TYR A 220 13.65 28.56 -17.80
N ASP A 221 14.57 28.33 -16.86
CA ASP A 221 14.18 27.95 -15.49
C ASP A 221 15.11 28.62 -14.49
N ALA A 222 14.79 29.84 -14.07
CA ALA A 222 15.68 30.61 -13.21
C ALA A 222 14.98 31.86 -12.68
N ASN A 223 15.41 32.31 -11.50
CA ASN A 223 14.96 33.58 -10.94
C ASN A 223 13.45 33.59 -10.74
N ASN A 224 12.89 32.46 -10.29
CA ASN A 224 11.45 32.28 -10.09
C ASN A 224 10.64 32.27 -11.38
N ILE A 225 11.28 32.20 -12.54
CA ILE A 225 10.61 32.30 -13.82
C ILE A 225 10.70 30.93 -14.47
N TYR A 226 9.65 30.52 -15.19
CA TYR A 226 9.67 29.26 -15.92
C TYR A 226 8.93 29.42 -17.23
N LEU A 227 9.66 29.27 -18.34
CA LEU A 227 9.10 29.31 -19.67
C LEU A 227 9.56 28.07 -20.40
N ALA A 228 8.66 27.37 -21.07
CA ALA A 228 9.06 26.14 -21.72
C ALA A 228 8.14 25.85 -22.90
N ALA A 229 8.69 25.18 -23.92
CA ALA A 229 7.94 24.89 -25.13
C ALA A 229 8.35 23.56 -25.69
N ASN A 230 7.37 22.87 -26.28
CA ASN A 230 7.58 21.54 -26.85
C ASN A 230 6.98 21.47 -28.26
N TYR A 231 7.74 20.97 -29.22
CA TYR A 231 7.17 20.58 -30.51
C TYR A 231 7.44 19.10 -30.72
N GLY A 232 6.44 18.39 -31.21
CA GLY A 232 6.71 17.00 -31.53
C GLY A 232 5.74 16.49 -32.55
N GLU A 233 6.05 15.33 -33.11
CA GLU A 233 5.17 14.70 -34.07
C GLU A 233 5.08 13.21 -33.81
N THR A 234 3.89 12.64 -34.00
CA THR A 234 3.72 11.21 -33.90
C THR A 234 3.19 10.63 -35.21
N ARG A 235 3.59 9.40 -35.49
CA ARG A 235 3.03 8.61 -36.57
C ARG A 235 2.50 7.30 -35.98
N ASN A 236 1.21 7.07 -36.12
CA ASN A 236 0.58 5.80 -35.75
C ASN A 236 0.66 5.54 -34.25
N ALA A 237 0.68 6.59 -33.45
CA ALA A 237 0.98 6.42 -32.03
C ALA A 237 -0.05 7.04 -31.11
N THR A 238 -0.56 8.22 -31.42
CA THR A 238 -1.51 8.88 -30.53
C THR A 238 -2.82 8.11 -30.53
N PRO A 239 -3.29 7.65 -29.38
CA PRO A 239 -4.58 6.98 -29.35
C PRO A 239 -5.70 7.98 -29.61
N ILE A 240 -6.53 7.65 -30.57
CA ILE A 240 -7.70 8.47 -30.86
C ILE A 240 -8.91 7.56 -30.79
N THR A 241 -10.06 8.15 -30.51
CA THR A 241 -11.29 7.41 -30.41
C THR A 241 -12.44 8.23 -30.99
N ASN A 242 -13.08 7.70 -32.02
CA ASN A 242 -14.13 8.44 -32.72
C ASN A 242 -15.45 8.24 -31.99
N LYS A 243 -15.92 9.30 -31.32
CA LYS A 243 -17.08 9.16 -30.45
C LYS A 243 -18.34 8.81 -31.24
N PHE A 244 -18.43 9.27 -32.49
CA PHE A 244 -19.64 9.04 -33.29
C PHE A 244 -19.75 7.59 -33.73
N THR A 245 -18.71 7.06 -34.36
CA THR A 245 -18.71 5.69 -34.89
C THR A 245 -18.31 4.65 -33.85
N ASN A 246 -17.99 5.06 -32.63
CA ASN A 246 -17.55 4.16 -31.55
C ASN A 246 -16.37 3.28 -31.95
N THR A 247 -15.42 3.86 -32.66
CA THR A 247 -14.18 3.18 -32.95
C THR A 247 -12.98 3.84 -32.26
N SER A 248 -11.98 3.03 -31.96
CA SER A 248 -10.71 3.48 -31.42
C SER A 248 -9.63 3.17 -32.43
N GLY A 249 -8.38 3.35 -32.01
CA GLY A 249 -7.24 3.15 -32.88
C GLY A 249 -6.18 4.18 -32.64
N PHE A 250 -5.52 4.63 -33.70
CA PHE A 250 -4.43 5.57 -33.59
C PHE A 250 -4.50 6.56 -34.75
N ALA A 251 -4.05 7.78 -34.50
CA ALA A 251 -4.01 8.80 -35.53
C ALA A 251 -2.77 8.60 -36.39
N ASN A 252 -2.95 8.60 -37.71
CA ASN A 252 -1.84 8.32 -38.61
C ASN A 252 -0.74 9.37 -38.51
N LYS A 253 -1.09 10.62 -38.22
CA LYS A 253 -0.10 11.66 -37.97
C LYS A 253 -0.68 12.68 -37.00
N THR A 254 0.17 13.28 -36.17
CA THR A 254 -0.21 14.42 -35.35
C THR A 254 0.98 15.38 -35.21
N GLN A 255 0.69 16.68 -35.17
CA GLN A 255 1.62 17.71 -34.74
C GLN A 255 1.22 18.24 -33.38
N ASP A 256 2.19 18.39 -32.49
CA ASP A 256 1.92 18.71 -31.09
C ASP A 256 2.72 19.93 -30.68
N VAL A 257 2.05 20.93 -30.12
CA VAL A 257 2.71 22.12 -29.61
C VAL A 257 2.24 22.39 -28.18
N LEU A 258 3.17 22.69 -27.28
CA LEU A 258 2.80 23.03 -25.92
C LEU A 258 3.67 24.18 -25.42
N LEU A 259 3.06 25.14 -24.75
CA LEU A 259 3.77 26.28 -24.19
C LEU A 259 3.31 26.49 -22.75
N VAL A 260 4.22 26.98 -21.89
CA VAL A 260 3.95 27.21 -20.47
C VAL A 260 4.79 28.38 -19.98
N ALA A 261 4.17 29.31 -19.28
CA ALA A 261 4.90 30.36 -18.57
C ALA A 261 4.38 30.47 -17.14
N GLN A 262 5.30 30.51 -16.19
CA GLN A 262 4.89 30.57 -14.79
C GLN A 262 5.87 31.43 -14.02
N TYR A 263 5.36 32.19 -13.07
CA TYR A 263 6.19 32.95 -12.14
C TYR A 263 5.91 32.42 -10.75
N GLN A 264 6.92 32.45 -9.90
CA GLN A 264 6.78 32.02 -8.52
C GLN A 264 6.92 33.23 -7.61
N PHE A 265 5.79 33.77 -7.16
CA PHE A 265 5.81 34.88 -6.21
C PHE A 265 6.36 34.43 -4.86
N ASP A 266 7.09 35.33 -4.20
CA ASP A 266 7.66 35.02 -2.90
C ASP A 266 6.61 34.83 -1.81
N PHE A 267 5.42 35.41 -1.96
CA PHE A 267 4.37 35.23 -0.96
C PHE A 267 3.62 33.93 -1.18
N GLY A 268 4.00 33.15 -2.17
CA GLY A 268 3.58 31.77 -2.24
C GLY A 268 2.91 31.29 -3.51
N LEU A 269 2.32 32.20 -4.27
CA LEU A 269 1.53 31.78 -5.42
C LEU A 269 2.42 31.55 -6.63
N ARG A 270 2.16 30.46 -7.35
CA ARG A 270 2.81 30.16 -8.63
C ARG A 270 1.73 30.20 -9.69
N PRO A 271 1.39 31.37 -10.23
CA PRO A 271 0.43 31.42 -11.34
C PRO A 271 1.04 30.75 -12.56
N SER A 272 0.16 30.33 -13.48
CA SER A 272 0.60 29.71 -14.72
C SER A 272 -0.39 30.00 -15.83
N ILE A 273 0.13 30.30 -17.03
CA ILE A 273 -0.69 30.36 -18.24
C ILE A 273 -0.06 29.42 -19.25
N ALA A 274 -0.89 28.83 -20.11
CA ALA A 274 -0.38 27.80 -20.99
C ALA A 274 -1.27 27.62 -22.20
N TYR A 275 -0.67 27.18 -23.30
CA TYR A 275 -1.40 26.91 -24.54
C TYR A 275 -1.03 25.55 -25.10
N THR A 276 -2.03 24.75 -25.48
CA THR A 276 -1.79 23.40 -25.98
C THR A 276 -2.65 23.07 -27.17
N LYS A 277 -2.03 22.60 -28.24
CA LYS A 277 -2.76 22.19 -29.42
C LYS A 277 -2.14 20.93 -30.00
N SER A 278 -2.98 19.95 -30.28
CA SER A 278 -2.54 18.70 -30.90
C SER A 278 -3.47 18.42 -32.07
N LYS A 279 -2.98 18.65 -33.29
CA LYS A 279 -3.75 18.47 -34.51
C LYS A 279 -3.34 17.14 -35.14
N ALA A 280 -4.33 16.28 -35.35
CA ALA A 280 -4.12 15.00 -36.01
C ALA A 280 -4.33 15.16 -37.50
N LYS A 281 -3.83 14.18 -38.27
CA LYS A 281 -3.81 14.24 -39.72
C LYS A 281 -3.98 12.83 -40.28
N ASP A 282 -4.59 12.75 -41.48
CA ASP A 282 -4.83 11.48 -42.18
C ASP A 282 -5.68 10.51 -41.37
N VAL A 283 -6.75 11.00 -40.75
CA VAL A 283 -7.63 10.15 -39.96
C VAL A 283 -8.68 9.53 -40.86
N GLU A 284 -8.78 8.19 -40.81
CA GLU A 284 -9.76 7.40 -41.55
C GLU A 284 -11.15 8.01 -41.56
N GLY A 285 -11.62 8.41 -42.74
CA GLY A 285 -12.97 8.90 -42.87
C GLY A 285 -13.22 10.28 -42.32
N ILE A 286 -12.21 10.94 -41.77
CA ILE A 286 -12.35 12.29 -41.20
C ILE A 286 -11.39 13.26 -41.86
N GLY A 287 -10.12 12.89 -41.96
CA GLY A 287 -9.11 13.78 -42.49
C GLY A 287 -8.28 14.44 -41.41
N ASP A 288 -8.37 15.75 -41.30
CA ASP A 288 -7.69 16.49 -40.26
C ASP A 288 -8.67 16.85 -39.15
N VAL A 289 -8.26 16.60 -37.92
CA VAL A 289 -9.13 16.77 -36.76
C VAL A 289 -8.27 17.11 -35.57
N ASP A 290 -8.73 18.04 -34.76
CA ASP A 290 -7.99 18.42 -33.57
C ASP A 290 -8.25 17.42 -32.46
N LEU A 291 -7.22 17.19 -31.66
CA LEU A 291 -7.35 16.35 -30.48
C LEU A 291 -7.27 17.14 -29.18
N VAL A 292 -6.37 18.12 -29.09
CA VAL A 292 -6.20 18.99 -27.93
C VAL A 292 -6.14 20.42 -28.45
N ASN A 293 -6.85 21.35 -27.81
CA ASN A 293 -6.77 22.76 -28.19
C ASN A 293 -7.33 23.67 -27.09
N TYR A 294 -6.44 24.32 -26.35
CA TYR A 294 -6.88 25.18 -25.26
C TYR A 294 -5.81 26.18 -24.90
N PHE A 295 -6.24 27.23 -24.21
CA PHE A 295 -5.38 28.01 -23.34
C PHE A 295 -5.70 27.63 -21.91
N GLU A 296 -4.76 27.91 -21.02
CA GLU A 296 -4.97 27.71 -19.60
C GLU A 296 -4.52 28.93 -18.82
N VAL A 297 -5.32 29.34 -17.85
CA VAL A 297 -4.86 30.20 -16.78
C VAL A 297 -5.10 29.45 -15.48
N GLY A 298 -4.08 29.41 -14.62
CA GLY A 298 -4.15 28.67 -13.38
C GLY A 298 -3.16 29.22 -12.38
N ALA A 299 -3.28 28.74 -11.15
CA ALA A 299 -2.37 29.19 -10.10
C ALA A 299 -2.31 28.12 -9.03
N THR A 300 -1.18 28.10 -8.33
CA THR A 300 -0.94 27.21 -7.22
C THR A 300 -0.43 28.05 -6.08
N TYR A 301 -1.01 27.88 -4.89
CA TYR A 301 -0.48 28.48 -3.68
C TYR A 301 0.17 27.40 -2.84
N TYR A 302 1.41 27.66 -2.41
CA TYR A 302 2.19 26.73 -1.60
C TYR A 302 2.23 27.21 -0.16
N PHE A 303 1.55 26.51 0.73
CA PHE A 303 1.67 26.81 2.15
C PHE A 303 3.09 26.48 2.63
N ASN A 304 3.53 25.26 2.38
CA ASN A 304 4.91 24.86 2.57
C ASN A 304 5.16 23.68 1.64
N LYS A 305 6.29 23.00 1.82
CA LYS A 305 6.61 21.91 0.91
C LYS A 305 5.69 20.72 1.06
N ASN A 306 4.72 20.76 1.99
CA ASN A 306 3.84 19.65 2.30
C ASN A 306 2.38 19.95 2.02
N MET A 307 1.98 21.21 1.94
CA MET A 307 0.57 21.52 1.79
C MET A 307 0.38 22.61 0.74
N SER A 308 -0.54 22.37 -0.20
CA SER A 308 -0.79 23.34 -1.26
C SER A 308 -2.21 23.17 -1.76
N THR A 309 -2.62 24.13 -2.57
CA THR A 309 -3.93 24.18 -3.17
C THR A 309 -3.83 24.94 -4.48
N TYR A 310 -4.71 24.58 -5.42
CA TYR A 310 -4.61 25.11 -6.77
C TYR A 310 -5.96 25.17 -7.45
N VAL A 311 -6.04 26.07 -8.43
CA VAL A 311 -7.14 26.15 -9.37
C VAL A 311 -6.52 26.06 -10.76
N ASP A 312 -7.19 25.38 -11.68
CA ASP A 312 -6.66 25.16 -13.02
C ASP A 312 -7.82 25.24 -14.00
N TYR A 313 -7.89 26.34 -14.75
CA TYR A 313 -8.98 26.65 -15.67
C TYR A 313 -8.52 26.40 -17.10
N ILE A 314 -9.25 25.57 -17.82
CA ILE A 314 -8.95 25.25 -19.20
C ILE A 314 -9.96 25.97 -20.11
N ILE A 315 -9.48 26.97 -20.84
CA ILE A 315 -10.27 27.67 -21.85
C ILE A 315 -10.26 26.86 -23.14
N ASN A 316 -11.23 25.98 -23.30
CA ASN A 316 -11.20 24.95 -24.32
C ASN A 316 -11.56 25.57 -25.66
N GLN A 317 -10.58 25.59 -26.58
CA GLN A 317 -10.75 26.15 -27.91
C GLN A 317 -11.14 25.08 -28.93
N ILE A 318 -11.83 24.06 -28.52
CA ILE A 318 -12.27 23.02 -29.44
C ILE A 318 -13.69 23.34 -29.86
N ASP A 319 -14.03 22.93 -31.08
CA ASP A 319 -15.23 23.33 -31.78
C ASP A 319 -16.44 22.51 -31.35
N SER A 320 -17.62 23.06 -31.67
CA SER A 320 -18.88 22.40 -31.35
C SER A 320 -19.08 21.16 -32.20
N ASP A 321 -18.49 21.12 -33.39
CA ASP A 321 -18.72 20.07 -34.37
C ASP A 321 -17.47 19.27 -34.69
N ASN A 322 -16.57 19.07 -33.72
CA ASN A 322 -15.37 18.26 -33.92
C ASN A 322 -15.70 16.90 -34.53
N LYS A 323 -15.03 16.58 -35.64
CA LYS A 323 -15.39 15.38 -36.41
C LYS A 323 -15.10 14.08 -35.66
N LEU A 324 -14.30 14.12 -34.59
CA LEU A 324 -14.06 12.94 -33.78
C LEU A 324 -14.89 12.90 -32.51
N GLY A 325 -15.39 14.05 -32.06
CA GLY A 325 -16.22 14.11 -30.88
C GLY A 325 -15.52 14.66 -29.67
N VAL A 326 -14.30 15.20 -29.83
CA VAL A 326 -13.59 15.75 -28.69
C VAL A 326 -14.45 16.84 -28.05
N GLY A 327 -14.49 16.82 -26.73
CA GLY A 327 -15.36 17.74 -26.01
C GLY A 327 -14.96 19.20 -26.19
N SER A 328 -15.97 20.07 -26.26
CA SER A 328 -15.79 21.47 -26.60
C SER A 328 -15.95 22.42 -25.42
N ASP A 329 -16.40 21.93 -24.27
CA ASP A 329 -16.59 22.75 -23.09
C ASP A 329 -15.30 22.92 -22.30
N ASP A 330 -15.24 24.01 -21.55
CA ASP A 330 -14.18 24.27 -20.60
C ASP A 330 -14.29 23.31 -19.43
N THR A 331 -13.21 23.24 -18.64
CA THR A 331 -13.23 22.59 -17.34
C THR A 331 -12.34 23.40 -16.40
N VAL A 332 -12.76 23.51 -15.14
CA VAL A 332 -11.98 24.16 -14.11
C VAL A 332 -11.88 23.20 -12.94
N ALA A 333 -10.66 23.00 -12.46
CA ALA A 333 -10.43 22.08 -11.36
C ALA A 333 -9.96 22.88 -10.17
N VAL A 334 -10.36 22.43 -8.98
CA VAL A 334 -9.93 23.00 -7.71
C VAL A 334 -9.39 21.87 -6.85
N GLY A 335 -8.19 22.06 -6.31
CA GLY A 335 -7.55 21.02 -5.54
C GLY A 335 -6.95 21.53 -4.25
N ILE A 336 -6.98 20.65 -3.25
CA ILE A 336 -6.18 20.80 -2.03
C ILE A 336 -5.39 19.52 -1.85
N VAL A 337 -4.11 19.66 -1.49
CA VAL A 337 -3.09 18.61 -1.56
C VAL A 337 -2.30 18.54 -0.25
N TYR A 338 -2.32 17.40 0.43
CA TYR A 338 -1.32 17.06 1.45
C TYR A 338 -0.41 15.98 0.91
N GLN A 339 0.89 16.25 0.87
CA GLN A 339 1.89 15.31 0.38
C GLN A 339 3.06 15.21 1.34
N PHE A 340 3.77 14.08 1.25
CA PHE A 340 4.85 13.77 2.16
C PHE A 340 5.90 12.88 1.52
N GLY B 12 -6.47 76.76 2.43
CA GLY B 12 -7.87 76.40 2.45
C GLY B 12 -8.34 75.62 1.23
N ARG B 13 -8.93 74.45 1.47
CA ARG B 13 -9.46 73.59 0.41
C ARG B 13 -10.62 74.27 -0.30
N SER B 14 -11.09 73.64 -1.38
CA SER B 14 -12.09 74.20 -2.28
C SER B 14 -13.33 73.32 -2.28
N ASP B 15 -14.45 73.88 -1.81
CA ASP B 15 -15.65 73.12 -1.47
C ASP B 15 -16.82 73.89 -2.07
N PRO B 16 -17.17 73.61 -3.31
CA PRO B 16 -18.24 74.37 -3.97
C PRO B 16 -19.55 74.23 -3.23
N LEU B 17 -19.98 72.98 -3.07
CA LEU B 17 -21.26 72.64 -2.46
C LEU B 17 -21.21 72.70 -0.94
N GLU B 18 -20.33 73.53 -0.37
CA GLU B 18 -20.18 73.56 1.07
C GLU B 18 -21.49 73.79 1.79
N GLY B 19 -22.35 74.63 1.22
CA GLY B 19 -23.64 74.89 1.86
C GLY B 19 -24.54 73.68 1.87
N PHE B 20 -24.72 73.05 0.71
CA PHE B 20 -25.58 71.87 0.70
C PHE B 20 -24.99 70.80 1.60
N ASN B 21 -23.68 70.55 1.49
CA ASN B 21 -23.04 69.49 2.26
C ASN B 21 -23.17 69.72 3.76
N ARG B 22 -22.95 70.95 4.22
CA ARG B 22 -23.04 71.20 5.66
C ARG B 22 -24.42 70.89 6.17
N THR B 23 -25.45 71.16 5.37
CA THR B 23 -26.80 70.81 5.76
C THR B 23 -27.00 69.30 5.81
N MET B 24 -26.58 68.59 4.76
CA MET B 24 -26.75 67.15 4.76
C MET B 24 -25.89 66.49 5.82
N PHE B 25 -24.82 67.13 6.26
CA PHE B 25 -24.03 66.54 7.33
C PHE B 25 -24.75 66.65 8.67
N ASN B 26 -25.45 67.76 8.91
CA ASN B 26 -26.17 67.92 10.17
C ASN B 26 -27.33 66.94 10.25
N PHE B 27 -28.04 66.76 9.13
CA PHE B 27 -29.01 65.69 9.05
C PHE B 27 -28.37 64.37 9.45
N ASN B 28 -27.17 64.11 8.96
CA ASN B 28 -26.55 62.83 9.28
C ASN B 28 -26.01 62.82 10.71
N PHE B 29 -25.36 63.90 11.14
CA PHE B 29 -24.76 63.91 12.47
C PHE B 29 -25.81 63.97 13.56
N ASN B 30 -26.77 64.88 13.43
CA ASN B 30 -27.59 65.22 14.57
C ASN B 30 -28.98 64.60 14.55
N VAL B 31 -29.44 64.03 13.44
CA VAL B 31 -30.74 63.38 13.43
C VAL B 31 -30.70 61.92 12.95
N VAL B 32 -30.18 61.65 11.74
CA VAL B 32 -30.28 60.25 11.28
C VAL B 32 -29.33 59.35 12.08
N ASP B 33 -28.27 59.90 12.66
CA ASP B 33 -27.42 59.01 13.45
C ASP B 33 -27.99 58.72 14.82
N PRO B 34 -28.20 59.71 15.70
CA PRO B 34 -28.62 59.36 17.06
C PRO B 34 -29.98 58.70 17.09
N TYR B 35 -30.85 59.00 16.13
CA TYR B 35 -32.14 58.35 16.13
C TYR B 35 -32.14 57.02 15.39
N VAL B 36 -31.28 56.82 14.39
CA VAL B 36 -31.41 55.61 13.57
C VAL B 36 -30.15 54.75 13.60
N LEU B 37 -29.07 55.22 12.96
CA LEU B 37 -27.89 54.37 12.79
C LEU B 37 -27.27 53.97 14.10
N ARG B 38 -27.16 54.90 15.00
CA ARG B 38 -26.34 54.66 16.17
C ARG B 38 -26.98 53.64 17.10
N PRO B 39 -28.31 53.65 17.29
CA PRO B 39 -28.95 52.54 18.01
C PRO B 39 -28.70 51.18 17.38
N VAL B 40 -28.83 51.09 16.06
CA VAL B 40 -28.58 49.85 15.33
C VAL B 40 -27.16 49.36 15.61
N ALA B 41 -26.20 50.28 15.68
CA ALA B 41 -24.82 49.89 15.93
C ALA B 41 -24.63 49.37 17.34
N VAL B 42 -25.30 49.99 18.32
CA VAL B 42 -25.26 49.48 19.67
C VAL B 42 -25.77 48.04 19.70
N ALA B 43 -26.89 47.80 19.02
CA ALA B 43 -27.43 46.46 18.92
C ALA B 43 -26.39 45.45 18.43
N TRP B 44 -25.62 45.85 17.41
CA TRP B 44 -24.63 44.96 16.81
C TRP B 44 -23.61 44.49 17.84
N ARG B 45 -22.94 45.43 18.51
CA ARG B 45 -21.93 45.05 19.48
C ARG B 45 -22.54 44.42 20.73
N ASP B 46 -23.82 44.67 21.01
CA ASP B 46 -24.38 44.10 22.23
C ASP B 46 -24.72 42.63 22.04
N TYR B 47 -25.22 42.24 20.87
CA TYR B 47 -25.73 40.88 20.66
C TYR B 47 -24.95 40.02 19.65
N VAL B 48 -24.39 40.59 18.57
CA VAL B 48 -23.65 39.81 17.57
C VAL B 48 -22.29 39.33 18.06
N PRO B 49 -22.01 38.02 18.02
CA PRO B 49 -20.73 37.52 18.50
C PRO B 49 -19.57 37.80 17.56
N GLN B 50 -18.36 37.91 18.14
CA GLN B 50 -17.21 38.31 17.36
C GLN B 50 -16.91 37.35 16.23
N PRO B 51 -16.77 36.02 16.45
CA PRO B 51 -16.59 35.10 15.34
C PRO B 51 -17.55 35.42 14.20
N ALA B 52 -18.76 35.81 14.55
CA ALA B 52 -19.71 36.19 13.52
C ALA B 52 -19.34 37.53 12.90
N ARG B 53 -18.92 38.50 13.70
CA ARG B 53 -18.66 39.84 13.16
C ARG B 53 -17.43 39.85 12.25
N ASN B 54 -16.27 39.48 12.77
CA ASN B 54 -15.14 39.49 11.84
C ASN B 54 -15.25 38.37 10.82
N GLY B 55 -16.15 37.40 11.03
CA GLY B 55 -16.46 36.46 9.97
C GLY B 55 -17.17 37.10 8.79
N LEU B 56 -18.02 38.09 9.05
CA LEU B 56 -18.73 38.76 7.97
C LEU B 56 -17.89 39.85 7.30
N SER B 57 -17.03 40.54 8.04
CA SER B 57 -16.22 41.55 7.37
C SER B 57 -15.21 40.90 6.45
N ASN B 58 -14.77 39.72 6.83
CA ASN B 58 -14.01 38.91 5.88
C ASN B 58 -14.88 38.55 4.68
N PHE B 59 -16.15 38.23 4.91
CA PHE B 59 -16.97 37.77 3.79
C PHE B 59 -17.27 38.88 2.81
N THR B 60 -17.64 40.07 3.27
CA THR B 60 -17.93 41.12 2.30
C THR B 60 -16.67 41.66 1.66
N SER B 61 -15.57 41.80 2.42
CA SER B 61 -14.34 42.33 1.85
C SER B 61 -13.75 41.42 0.81
N ASN B 62 -14.24 40.18 0.73
CA ASN B 62 -13.84 39.25 -0.31
C ASN B 62 -14.46 39.58 -1.65
N LEU B 63 -15.75 39.95 -1.64
CA LEU B 63 -16.42 40.25 -2.88
C LEU B 63 -15.74 41.38 -3.63
N GLU B 64 -14.95 42.19 -2.94
CA GLU B 64 -14.20 43.24 -3.59
C GLU B 64 -12.82 42.80 -4.01
N GLU B 65 -12.32 41.67 -3.52
CA GLU B 65 -10.94 41.29 -3.82
C GLU B 65 -10.69 41.10 -5.30
N PRO B 66 -11.55 40.48 -6.08
CA PRO B 66 -11.25 40.40 -7.52
C PRO B 66 -11.23 41.76 -8.18
N ALA B 67 -12.10 42.68 -7.75
CA ALA B 67 -12.04 44.04 -8.27
C ALA B 67 -10.75 44.73 -7.86
N VAL B 68 -10.29 44.53 -6.63
CA VAL B 68 -9.05 45.17 -6.23
C VAL B 68 -7.90 44.61 -7.07
N MET B 69 -7.99 43.35 -7.47
CA MET B 69 -6.96 42.76 -8.32
C MET B 69 -6.92 43.41 -9.69
N VAL B 70 -8.06 43.50 -10.36
CA VAL B 70 -8.13 44.08 -11.69
C VAL B 70 -7.60 45.50 -11.64
N ASN B 71 -7.96 46.24 -10.60
CA ASN B 71 -7.55 47.63 -10.54
C ASN B 71 -6.08 47.78 -10.23
N TYR B 72 -5.47 46.82 -9.54
CA TYR B 72 -4.04 46.94 -9.34
C TYR B 72 -3.28 46.63 -10.62
N PHE B 73 -3.86 45.82 -11.50
CA PHE B 73 -3.22 45.59 -12.80
C PHE B 73 -3.30 46.85 -13.63
N LEU B 74 -4.48 47.47 -13.69
CA LEU B 74 -4.63 48.74 -14.40
C LEU B 74 -3.75 49.85 -13.83
N GLN B 75 -3.26 49.72 -12.60
CA GLN B 75 -2.33 50.69 -12.06
C GLN B 75 -0.89 50.23 -12.21
N GLY B 76 -0.68 49.10 -12.87
CA GLY B 76 0.66 48.65 -13.17
C GLY B 76 1.41 48.02 -12.03
N ASP B 77 0.72 47.50 -11.02
CA ASP B 77 1.37 46.84 -9.89
C ASP B 77 0.91 45.39 -9.87
N PRO B 78 1.39 44.58 -10.81
CA PRO B 78 0.91 43.19 -10.89
C PRO B 78 1.23 42.37 -9.65
N TYR B 79 2.26 42.75 -8.88
CA TYR B 79 2.59 42.06 -7.64
C TYR B 79 1.41 42.15 -6.68
N LYS B 80 1.09 43.37 -6.22
CA LYS B 80 -0.10 43.54 -5.39
C LYS B 80 -1.31 42.94 -6.07
N GLY B 81 -1.39 43.04 -7.39
CA GLY B 81 -2.53 42.50 -8.11
C GLY B 81 -2.67 41.00 -7.95
N MET B 82 -1.54 40.28 -7.92
CA MET B 82 -1.59 38.85 -7.65
C MET B 82 -1.70 38.55 -6.17
N VAL B 83 -1.38 39.49 -5.29
CA VAL B 83 -1.67 39.30 -3.87
C VAL B 83 -3.16 39.16 -3.66
N HIS B 84 -3.93 40.09 -4.22
CA HIS B 84 -5.36 40.15 -3.94
C HIS B 84 -6.10 39.04 -4.65
N PHE B 85 -5.59 38.56 -5.78
CA PHE B 85 -6.05 37.27 -6.27
C PHE B 85 -5.92 36.21 -5.18
N THR B 86 -4.70 36.03 -4.65
CA THR B 86 -4.47 34.99 -3.65
C THR B 86 -5.40 35.14 -2.48
N ARG B 87 -5.62 36.37 -2.00
CA ARG B 87 -6.60 36.62 -0.96
C ARG B 87 -7.93 36.00 -1.34
N PHE B 88 -8.47 36.42 -2.48
CA PHE B 88 -9.76 35.90 -2.92
C PHE B 88 -9.72 34.39 -3.06
N PHE B 89 -8.75 33.89 -3.84
CA PHE B 89 -8.63 32.45 -4.10
C PHE B 89 -8.57 31.64 -2.82
N LEU B 90 -7.59 31.94 -1.95
CA LEU B 90 -7.47 31.16 -0.72
C LEU B 90 -8.71 31.29 0.16
N ASN B 91 -9.19 32.52 0.36
CA ASN B 91 -10.27 32.72 1.32
C ASN B 91 -11.58 32.17 0.78
N THR B 92 -11.76 32.17 -0.53
CA THR B 92 -13.00 31.68 -1.10
C THR B 92 -13.10 30.15 -1.01
N ILE B 93 -12.06 29.44 -1.42
CA ILE B 93 -12.14 27.98 -1.49
C ILE B 93 -11.93 27.36 -0.12
N LEU B 94 -10.75 27.56 0.45
CA LEU B 94 -10.43 27.02 1.76
C LEU B 94 -11.15 27.77 2.88
N GLY B 95 -11.28 29.08 2.76
CA GLY B 95 -11.90 29.85 3.83
C GLY B 95 -13.42 29.94 3.84
N MET B 96 -14.09 28.93 3.31
CA MET B 96 -15.55 28.81 3.40
C MET B 96 -16.26 29.96 2.69
N GLY B 97 -15.85 30.23 1.46
CA GLY B 97 -16.49 31.26 0.66
C GLY B 97 -16.19 32.68 1.08
N GLY B 98 -15.07 32.89 1.75
CA GLY B 98 -14.66 34.20 2.21
C GLY B 98 -14.87 34.46 3.68
N LEU B 99 -15.42 33.49 4.43
CA LEU B 99 -15.68 33.71 5.84
C LEU B 99 -14.42 33.72 6.69
N ILE B 100 -13.39 32.97 6.28
CA ILE B 100 -12.16 32.81 7.05
C ILE B 100 -10.99 33.38 6.26
N ASP B 101 -10.18 34.19 6.92
CA ASP B 101 -9.04 34.86 6.29
C ASP B 101 -7.83 33.93 6.27
N VAL B 102 -7.93 32.87 5.46
CA VAL B 102 -6.81 31.92 5.40
C VAL B 102 -5.58 32.58 4.78
N ALA B 103 -5.78 33.41 3.74
CA ALA B 103 -4.69 34.23 3.26
C ALA B 103 -4.48 35.31 4.29
N GLY B 104 -3.27 35.45 4.78
CA GLY B 104 -3.15 36.40 5.85
C GLY B 104 -2.85 35.67 7.13
N MET B 105 -3.57 34.58 7.40
CA MET B 105 -3.05 33.56 8.30
C MET B 105 -1.89 32.81 7.65
N ALA B 106 -1.84 32.77 6.32
CA ALA B 106 -0.76 32.06 5.61
C ALA B 106 0.50 32.90 5.54
N ASN B 107 0.53 33.88 4.69
CA ASN B 107 1.64 34.81 4.56
C ASN B 107 1.23 36.17 5.10
N PRO B 108 2.16 37.00 5.58
CA PRO B 108 1.79 38.38 5.93
C PRO B 108 1.64 39.30 4.73
N GLN B 109 2.28 39.00 3.60
CA GLN B 109 2.07 39.84 2.42
C GLN B 109 0.66 39.67 1.87
N LEU B 110 -0.12 38.75 2.44
CA LEU B 110 -1.49 38.52 2.04
C LEU B 110 -2.49 39.16 2.98
N GLN B 111 -2.05 39.96 3.94
CA GLN B 111 -2.98 40.55 4.89
C GLN B 111 -4.03 41.40 4.20
N ARG B 112 -5.29 41.27 4.64
CA ARG B 112 -6.34 42.16 4.17
C ARG B 112 -5.94 43.61 4.35
N VAL B 113 -6.09 44.38 3.28
CA VAL B 113 -5.85 45.81 3.31
C VAL B 113 -7.05 46.54 2.72
N GLU B 114 -7.01 47.86 2.81
CA GLU B 114 -8.08 48.66 2.29
C GLU B 114 -8.18 48.47 0.78
N PRO B 115 -9.38 48.44 0.22
CA PRO B 115 -9.50 48.12 -1.19
C PRO B 115 -8.97 49.25 -2.05
N HIS B 116 -8.49 48.90 -3.23
CA HIS B 116 -8.07 49.85 -4.26
C HIS B 116 -8.89 49.50 -5.49
N ARG B 117 -9.99 50.21 -5.70
CA ARG B 117 -10.85 49.90 -6.82
C ARG B 117 -10.76 51.01 -7.87
N PHE B 118 -11.71 51.00 -8.82
CA PHE B 118 -11.61 51.87 -9.98
C PHE B 118 -11.46 53.34 -9.62
N GLY B 119 -12.06 53.77 -8.52
CA GLY B 119 -11.85 55.15 -8.10
C GLY B 119 -10.39 55.50 -7.95
N SER B 120 -9.63 54.62 -7.29
CA SER B 120 -8.21 54.90 -7.11
C SER B 120 -7.45 54.73 -8.40
N THR B 121 -7.92 53.84 -9.28
CA THR B 121 -7.28 53.69 -10.57
C THR B 121 -7.42 54.93 -11.42
N LEU B 122 -8.60 55.57 -11.41
CA LEU B 122 -8.74 56.88 -12.04
C LEU B 122 -7.78 57.87 -11.38
N GLY B 123 -7.83 57.97 -10.06
CA GLY B 123 -6.94 58.88 -9.35
C GLY B 123 -5.47 58.51 -9.42
N HIS B 124 -5.16 57.21 -9.60
CA HIS B 124 -3.78 56.82 -9.86
C HIS B 124 -3.26 57.55 -11.09
N TYR B 125 -4.08 57.61 -12.13
CA TYR B 125 -3.81 58.36 -13.33
C TYR B 125 -4.26 59.80 -13.21
N GLY B 126 -4.39 60.30 -11.97
CA GLY B 126 -4.64 61.70 -11.68
C GLY B 126 -5.90 62.27 -12.29
N VAL B 127 -7.06 61.97 -11.71
CA VAL B 127 -8.34 62.38 -12.27
C VAL B 127 -8.99 63.53 -11.49
N GLY B 128 -8.94 63.49 -10.17
CA GLY B 128 -9.60 64.47 -9.34
C GLY B 128 -11.00 64.04 -8.96
N TYR B 129 -11.55 64.67 -7.92
CA TYR B 129 -12.87 64.27 -7.44
C TYR B 129 -14.04 65.07 -7.98
N GLY B 130 -13.81 66.24 -8.53
CA GLY B 130 -14.91 67.13 -8.79
C GLY B 130 -15.33 67.69 -7.46
N PRO B 131 -16.54 68.22 -7.35
CA PRO B 131 -16.97 68.76 -6.06
C PRO B 131 -17.20 67.62 -5.09
N TYR B 132 -16.73 67.82 -3.87
CA TYR B 132 -17.02 66.93 -2.75
C TYR B 132 -18.45 67.13 -2.29
N VAL B 133 -19.25 66.07 -2.33
CA VAL B 133 -20.61 66.19 -1.84
C VAL B 133 -20.79 65.32 -0.59
N GLN B 134 -21.80 65.69 0.19
CA GLN B 134 -22.55 64.86 1.19
C GLN B 134 -23.91 64.68 1.14
N LEU B 135 -24.19 63.39 1.12
CA LEU B 135 -25.51 62.92 0.85
C LEU B 135 -26.20 62.44 2.11
N PRO B 136 -27.52 62.61 2.21
CA PRO B 136 -28.25 62.11 3.38
C PRO B 136 -28.33 60.60 3.33
N PHE B 137 -28.16 59.97 4.49
CA PHE B 137 -28.18 58.52 4.61
C PHE B 137 -26.96 57.88 3.93
N TYR B 138 -26.32 58.59 3.02
CA TYR B 138 -25.14 58.00 2.42
C TYR B 138 -23.88 58.37 3.17
N GLY B 139 -23.74 59.65 3.53
CA GLY B 139 -22.47 60.16 3.97
C GLY B 139 -21.70 60.71 2.80
N SER B 140 -20.37 60.71 2.87
CA SER B 140 -19.57 61.31 1.82
C SER B 140 -19.78 60.62 0.48
N PHE B 141 -19.65 61.40 -0.59
CA PHE B 141 -19.74 60.92 -1.96
C PHE B 141 -18.94 61.89 -2.82
N THR B 142 -18.03 61.36 -3.62
CA THR B 142 -17.45 62.12 -4.71
C THR B 142 -17.78 61.42 -6.02
N LEU B 143 -17.52 62.10 -7.12
CA LEU B 143 -17.78 61.44 -8.40
C LEU B 143 -16.71 60.42 -8.72
N ARG B 144 -15.45 60.74 -8.45
CA ARG B 144 -14.39 59.85 -8.89
C ARG B 144 -14.42 58.53 -8.13
N ASP B 145 -14.53 58.58 -6.81
CA ASP B 145 -14.33 57.41 -5.98
C ASP B 145 -15.65 56.71 -5.64
N GLU B 146 -16.48 57.27 -4.78
CA GLU B 146 -17.81 56.70 -4.68
C GLU B 146 -18.47 56.81 -6.04
N GLY B 147 -19.18 55.78 -6.45
CA GLY B 147 -19.81 55.88 -7.74
C GLY B 147 -18.89 55.72 -8.93
N GLY B 148 -17.67 56.24 -8.84
CA GLY B 148 -16.65 55.85 -9.80
C GLY B 148 -16.14 54.45 -9.52
N ASP B 149 -16.18 54.05 -8.24
CA ASP B 149 -15.98 52.66 -7.87
C ASP B 149 -17.09 51.78 -8.40
N MET B 150 -18.22 52.37 -8.82
CA MET B 150 -19.33 51.56 -9.32
C MET B 150 -18.96 50.84 -10.61
N ALA B 151 -17.93 51.33 -11.29
CA ALA B 151 -17.44 50.67 -12.49
C ALA B 151 -17.12 49.22 -12.22
N ASP B 152 -16.57 48.91 -11.04
CA ASP B 152 -16.32 47.51 -10.72
C ASP B 152 -17.59 46.70 -10.60
N GLY B 153 -18.75 47.33 -10.53
CA GLY B 153 -19.98 46.55 -10.56
C GLY B 153 -20.26 45.91 -11.91
N LEU B 154 -19.47 46.24 -12.92
CA LEU B 154 -19.62 45.78 -14.30
C LEU B 154 -18.88 44.49 -14.59
N TYR B 155 -18.15 43.91 -13.63
CA TYR B 155 -17.38 42.72 -13.90
C TYR B 155 -17.33 41.84 -12.66
N PRO B 156 -16.99 40.57 -12.81
CA PRO B 156 -17.38 39.56 -11.82
C PRO B 156 -16.93 39.71 -10.37
N VAL B 157 -17.60 38.84 -9.63
CA VAL B 157 -18.00 38.89 -8.23
C VAL B 157 -18.94 40.08 -8.00
N LEU B 158 -18.47 41.31 -8.21
CA LEU B 158 -19.36 42.44 -7.92
C LEU B 158 -20.47 42.54 -8.94
N SER B 159 -20.25 41.98 -10.11
CA SER B 159 -21.23 41.93 -11.18
C SER B 159 -22.37 40.97 -10.86
N TRP B 160 -22.14 40.04 -9.96
CA TRP B 160 -23.11 39.00 -9.64
C TRP B 160 -23.99 39.38 -8.46
N LEU B 161 -23.81 40.55 -7.90
CA LEU B 161 -24.57 40.96 -6.71
C LEU B 161 -25.90 41.58 -7.12
N THR B 162 -26.99 40.99 -6.59
CA THR B 162 -28.31 41.56 -6.74
C THR B 162 -28.40 42.91 -6.03
N TRP B 163 -29.33 43.75 -6.45
CA TRP B 163 -29.50 45.05 -5.80
C TRP B 163 -29.97 44.90 -4.34
N PRO B 164 -30.67 43.81 -3.96
CA PRO B 164 -30.76 43.51 -2.51
C PRO B 164 -29.41 43.23 -1.88
N MET B 165 -28.61 42.34 -2.48
CA MET B 165 -27.31 42.03 -1.89
C MET B 165 -26.40 43.25 -1.85
N SER B 166 -26.47 44.09 -2.88
CA SER B 166 -25.62 45.28 -2.90
C SER B 166 -25.95 46.18 -1.72
N ILE B 167 -27.23 46.52 -1.55
CA ILE B 167 -27.61 47.34 -0.41
C ILE B 167 -27.43 46.59 0.90
N GLY B 168 -27.43 45.25 0.87
CA GLY B 168 -27.18 44.50 2.08
C GLY B 168 -25.72 44.54 2.49
N LYS B 169 -24.83 44.29 1.53
CA LYS B 169 -23.39 44.44 1.78
C LYS B 169 -23.07 45.84 2.25
N TRP B 170 -23.68 46.84 1.60
CA TRP B 170 -23.50 48.23 2.02
C TRP B 170 -23.90 48.41 3.47
N ALA B 171 -25.06 47.88 3.84
CA ALA B 171 -25.62 48.14 5.16
C ALA B 171 -24.81 47.45 6.24
N VAL B 172 -24.51 46.16 6.06
CA VAL B 172 -23.79 45.39 7.07
C VAL B 172 -22.37 45.94 7.25
N GLU B 173 -21.66 46.23 6.16
CA GLU B 173 -20.37 46.90 6.30
C GLU B 173 -20.50 48.19 7.09
N GLY B 174 -21.52 48.99 6.74
CA GLY B 174 -21.74 50.25 7.42
C GLY B 174 -22.02 50.10 8.90
N ILE B 175 -22.86 49.13 9.27
CA ILE B 175 -23.18 48.96 10.68
C ILE B 175 -21.95 48.55 11.47
N GLU B 176 -21.09 47.73 10.88
CA GLU B 176 -19.85 47.34 11.55
C GLU B 176 -18.95 48.55 11.77
N THR B 177 -18.69 49.31 10.71
CA THR B 177 -17.87 50.50 10.82
C THR B 177 -18.35 51.39 11.94
N ARG B 178 -19.65 51.67 11.95
CA ARG B 178 -20.27 52.56 12.94
C ARG B 178 -20.20 51.97 14.33
N ALA B 179 -20.27 50.66 14.47
CA ALA B 179 -20.14 50.04 15.78
C ALA B 179 -18.73 50.19 16.32
N GLN B 180 -17.72 50.02 15.47
CA GLN B 180 -16.34 50.18 15.92
C GLN B 180 -16.07 51.60 16.38
N LEU B 181 -16.81 52.57 15.84
CA LEU B 181 -16.62 53.97 16.18
C LEU B 181 -17.32 54.37 17.46
N LEU B 182 -18.04 53.45 18.12
CA LEU B 182 -18.87 53.82 19.26
C LEU B 182 -18.09 54.38 20.43
N ASP B 183 -16.78 54.19 20.46
CA ASP B 183 -15.95 54.73 21.54
C ASP B 183 -15.43 56.13 21.21
N SER B 184 -14.83 56.28 20.02
CA SER B 184 -14.34 57.55 19.49
C SER B 184 -15.46 58.56 19.26
N ASP B 185 -16.70 58.14 19.51
CA ASP B 185 -17.89 58.97 19.34
C ASP B 185 -17.71 60.37 19.92
N GLY B 186 -17.44 60.44 21.21
CA GLY B 186 -17.40 61.73 21.88
C GLY B 186 -16.31 62.66 21.36
N LEU B 187 -15.24 62.10 20.81
CA LEU B 187 -14.15 62.93 20.32
C LEU B 187 -14.59 63.82 19.16
N LEU B 188 -15.60 63.40 18.40
CA LEU B 188 -16.16 64.28 17.37
C LEU B 188 -17.23 65.21 17.93
N ARG B 189 -17.95 64.80 18.97
CA ARG B 189 -18.93 65.66 19.62
C ARG B 189 -18.30 66.80 20.41
N GLN B 190 -16.98 66.81 20.50
CA GLN B 190 -16.20 67.83 21.21
C GLN B 190 -15.19 68.45 20.25
N SER B 191 -15.65 68.88 19.09
CA SER B 191 -14.76 69.52 18.12
C SER B 191 -15.48 70.71 17.52
N SER B 192 -14.71 71.77 17.21
CA SER B 192 -15.32 73.06 16.89
C SER B 192 -16.21 72.96 15.64
N ASP B 193 -15.68 72.44 14.55
CA ASP B 193 -16.42 72.35 13.28
C ASP B 193 -16.25 70.95 12.73
N PRO B 194 -17.08 70.00 13.16
CA PRO B 194 -16.90 68.61 12.74
C PRO B 194 -17.27 68.33 11.29
N TYR B 195 -17.87 69.25 10.56
CA TYR B 195 -18.00 68.97 9.13
C TYR B 195 -16.64 69.05 8.46
N ILE B 196 -15.79 69.97 8.89
CA ILE B 196 -14.50 70.21 8.24
C ILE B 196 -13.49 69.14 8.63
N LEU B 197 -13.67 68.52 9.79
CA LEU B 197 -12.84 67.38 10.16
C LEU B 197 -13.30 66.14 9.43
N MET B 198 -14.61 65.92 9.37
CA MET B 198 -15.08 64.69 8.77
C MET B 198 -14.96 64.67 7.24
N ARG B 199 -14.68 65.80 6.61
CA ARG B 199 -14.37 65.75 5.20
C ARG B 199 -12.88 65.75 4.96
N GLU B 200 -12.13 66.35 5.88
CA GLU B 200 -10.69 66.26 5.78
C GLU B 200 -10.24 64.85 6.10
N ALA B 201 -11.00 64.16 6.97
CA ALA B 201 -10.78 62.74 7.22
C ALA B 201 -11.10 61.90 6.00
N TYR B 202 -12.02 62.37 5.17
CA TYR B 202 -12.30 61.67 3.91
C TYR B 202 -11.16 61.82 2.92
N PHE B 203 -10.66 63.03 2.75
CA PHE B 203 -9.66 63.20 1.69
C PHE B 203 -8.31 62.67 2.11
N GLN B 204 -7.96 62.78 3.40
CA GLN B 204 -6.74 62.15 3.87
C GLN B 204 -6.76 60.66 3.59
N ARG B 205 -7.91 60.02 3.80
CA ARG B 205 -8.03 58.60 3.56
C ARG B 205 -8.03 58.28 2.07
N HIS B 206 -8.76 59.06 1.27
CA HIS B 206 -8.94 58.70 -0.13
C HIS B 206 -7.71 59.01 -0.96
N ASP B 207 -6.92 59.99 -0.54
CA ASP B 207 -5.66 60.28 -1.21
C ASP B 207 -4.67 59.16 -0.98
N PHE B 208 -4.58 58.67 0.26
CA PHE B 208 -3.67 57.57 0.58
C PHE B 208 -3.90 56.39 -0.35
N ILE B 209 -5.16 56.00 -0.57
CA ILE B 209 -5.42 54.89 -1.48
C ILE B 209 -5.04 55.27 -2.90
N ALA B 210 -5.47 56.46 -3.34
CA ALA B 210 -5.27 56.86 -4.73
C ALA B 210 -3.80 57.11 -5.06
N ASN B 211 -3.00 57.51 -4.09
CA ASN B 211 -1.57 57.78 -4.30
C ASN B 211 -0.67 56.62 -3.84
N ALA C 1 1.46 4.03 13.47
CA ALA C 1 2.62 4.55 14.19
C ALA C 1 3.13 5.81 13.56
N GLU C 2 3.69 6.71 14.37
CA GLU C 2 4.38 7.88 13.84
C GLU C 2 5.76 7.43 13.39
N ILE C 3 5.98 7.44 12.09
CA ILE C 3 7.20 6.93 11.49
C ILE C 3 8.03 8.02 10.88
N TYR C 4 7.57 9.27 10.96
CA TYR C 4 8.35 10.39 10.47
C TYR C 4 7.87 11.63 11.19
N ASN C 5 8.82 12.43 11.67
CA ASN C 5 8.47 13.69 12.31
C ASN C 5 9.73 14.55 12.28
N LYS C 6 9.79 15.45 11.32
CA LYS C 6 10.99 16.22 11.05
C LYS C 6 10.61 17.41 10.19
N ASP C 7 11.24 18.55 10.48
CA ASP C 7 11.04 19.81 9.73
C ASP C 7 9.57 20.14 9.57
N GLY C 8 8.83 20.08 10.67
CA GLY C 8 7.45 20.55 10.63
C GLY C 8 6.59 19.81 9.63
N ASN C 9 6.53 18.49 9.80
CA ASN C 9 5.64 17.57 9.13
C ASN C 9 5.80 16.21 9.78
N LYS C 10 4.72 15.60 10.25
CA LYS C 10 4.77 14.29 10.86
C LYS C 10 3.82 13.37 10.12
N VAL C 11 4.22 12.11 9.98
CA VAL C 11 3.50 11.12 9.19
C VAL C 11 3.33 9.88 10.04
N ASP C 12 2.09 9.47 10.25
CA ASP C 12 1.72 8.27 10.98
C ASP C 12 1.31 7.21 9.97
N LEU C 13 2.13 6.17 9.82
CA LEU C 13 1.77 5.02 9.00
C LEU C 13 1.17 3.94 9.89
N TYR C 14 -0.13 3.68 9.73
CA TYR C 14 -0.85 2.78 10.60
C TYR C 14 -1.50 1.64 9.83
N GLY C 15 -1.79 0.55 10.56
CA GLY C 15 -2.43 -0.60 9.95
C GLY C 15 -2.88 -1.59 11.00
N LYS C 16 -3.52 -2.66 10.52
CA LYS C 16 -3.83 -3.78 11.39
C LYS C 16 -3.99 -5.03 10.55
N ALA C 17 -3.83 -6.17 11.20
CA ALA C 17 -4.10 -7.47 10.62
C ALA C 17 -5.10 -8.16 11.52
N VAL C 18 -6.27 -8.49 10.98
CA VAL C 18 -7.37 -9.00 11.78
C VAL C 18 -7.68 -10.41 11.33
N GLY C 19 -7.36 -11.38 12.18
CA GLY C 19 -7.77 -12.75 11.93
C GLY C 19 -9.20 -12.89 12.38
N LEU C 20 -10.12 -13.09 11.45
CA LEU C 20 -11.53 -13.07 11.78
C LEU C 20 -12.21 -14.34 11.29
N HIS C 21 -13.10 -14.87 12.11
CA HIS C 21 -13.97 -15.95 11.70
C HIS C 21 -15.37 -15.70 12.22
N TYR C 22 -16.37 -15.96 11.38
CA TYR C 22 -17.77 -15.83 11.74
C TYR C 22 -18.40 -17.21 11.77
N PHE C 23 -19.10 -17.52 12.86
CA PHE C 23 -19.82 -18.77 12.99
C PHE C 23 -21.31 -18.48 12.92
N SER C 24 -21.99 -19.12 11.97
CA SER C 24 -23.43 -19.03 11.85
C SER C 24 -23.94 -20.34 11.30
N LYS C 25 -25.20 -20.65 11.62
CA LYS C 25 -25.76 -21.97 11.36
C LYS C 25 -25.75 -22.27 9.87
N GLY C 26 -25.22 -23.44 9.52
CA GLY C 26 -25.23 -23.86 8.12
C GLY C 26 -24.34 -23.00 7.24
N ASN C 27 -24.87 -22.60 6.08
CA ASN C 27 -24.11 -21.80 5.13
C ASN C 27 -23.93 -20.36 5.58
N GLY C 28 -24.77 -19.88 6.49
CA GLY C 28 -24.71 -18.51 6.95
C GLY C 28 -25.44 -17.52 6.07
N GLU C 29 -26.06 -17.97 4.98
CA GLU C 29 -26.75 -17.06 4.09
C GLU C 29 -27.93 -16.42 4.77
N ASN C 30 -28.57 -17.12 5.69
CA ASN C 30 -29.70 -16.59 6.45
C ASN C 30 -29.29 -16.14 7.84
N SER C 31 -28.10 -15.58 7.95
CA SER C 31 -27.49 -15.18 9.21
C SER C 31 -27.50 -13.67 9.32
N TYR C 32 -27.24 -13.17 10.54
CA TYR C 32 -26.97 -11.75 10.69
C TYR C 32 -25.70 -11.36 9.95
N GLY C 33 -24.65 -12.16 10.12
CA GLY C 33 -23.33 -11.78 9.65
C GLY C 33 -22.64 -12.69 8.66
N GLY C 34 -23.24 -13.80 8.31
CA GLY C 34 -22.61 -14.68 7.38
C GLY C 34 -21.80 -15.74 8.10
N ASN C 35 -21.02 -16.48 7.32
CA ASN C 35 -20.37 -17.66 7.87
C ASN C 35 -19.04 -17.87 7.18
N GLY C 36 -18.00 -18.18 7.97
CA GLY C 36 -16.71 -18.54 7.42
C GLY C 36 -15.61 -17.58 7.84
N ASP C 37 -14.58 -17.49 7.03
CA ASP C 37 -13.42 -16.65 7.29
C ASP C 37 -13.70 -15.20 6.94
N MET C 38 -13.30 -14.27 7.82
CA MET C 38 -13.56 -12.86 7.60
C MET C 38 -12.32 -11.98 7.70
N THR C 39 -11.14 -12.59 7.69
CA THR C 39 -9.87 -11.91 7.91
C THR C 39 -9.60 -10.79 6.92
N TYR C 40 -9.11 -9.67 7.45
CA TYR C 40 -8.79 -8.51 6.63
C TYR C 40 -7.60 -7.79 7.23
N ALA C 41 -6.96 -6.95 6.43
CA ALA C 41 -5.91 -6.08 6.94
C ALA C 41 -6.24 -4.66 6.56
N ARG C 42 -5.56 -3.73 7.21
CA ARG C 42 -5.78 -2.33 6.92
C ARG C 42 -4.46 -1.60 6.96
N LEU C 43 -4.32 -0.66 6.05
CA LEU C 43 -3.16 0.20 5.91
C LEU C 43 -3.66 1.60 5.64
N GLY C 44 -2.91 2.58 6.14
CA GLY C 44 -3.25 3.95 5.94
C GLY C 44 -2.14 4.85 6.41
N PHE C 45 -2.24 6.12 6.03
CA PHE C 45 -1.35 7.13 6.58
C PHE C 45 -2.21 8.29 7.05
N LYS C 46 -1.80 8.87 8.15
CA LYS C 46 -2.37 10.10 8.68
C LYS C 46 -1.22 11.10 8.78
N GLY C 47 -1.26 12.13 7.96
CA GLY C 47 -0.21 13.14 7.94
C GLY C 47 -0.71 14.53 8.28
N GLU C 48 0.20 15.34 8.79
CA GLU C 48 -0.16 16.61 9.40
C GLU C 48 1.08 17.49 9.35
N THR C 49 0.97 18.68 8.75
CA THR C 49 2.11 19.58 8.62
C THR C 49 1.80 20.89 9.33
N GLN C 50 2.80 21.41 10.03
CA GLN C 50 2.65 22.64 10.78
C GLN C 50 3.09 23.79 9.89
N ILE C 51 2.14 24.47 9.26
CA ILE C 51 2.51 25.57 8.38
C ILE C 51 2.96 26.77 9.19
N ASN C 52 2.17 27.14 10.20
CA ASN C 52 2.54 28.18 11.16
C ASN C 52 1.60 28.09 12.36
N SER C 53 1.63 29.11 13.21
CA SER C 53 0.89 29.08 14.46
C SER C 53 -0.60 28.94 14.25
N ASP C 54 -1.10 29.43 13.12
CA ASP C 54 -2.51 29.38 12.83
C ASP C 54 -2.89 28.26 11.89
N LEU C 55 -2.00 27.86 10.99
CA LEU C 55 -2.34 26.96 9.90
C LEU C 55 -1.77 25.57 10.14
N THR C 56 -2.63 24.57 10.08
CA THR C 56 -2.20 23.18 10.08
C THR C 56 -2.80 22.47 8.88
N GLY C 57 -1.96 22.00 7.97
CA GLY C 57 -2.43 21.17 6.90
C GLY C 57 -2.43 19.70 7.27
N TYR C 58 -3.37 18.95 6.69
CA TYR C 58 -3.48 17.55 7.05
C TYR C 58 -4.01 16.74 5.86
N GLY C 59 -3.71 15.45 5.89
CA GLY C 59 -4.21 14.51 4.90
C GLY C 59 -4.28 13.11 5.46
N GLN C 60 -5.10 12.28 4.82
CA GLN C 60 -5.30 10.95 5.36
C GLN C 60 -5.83 10.01 4.29
N TRP C 61 -5.30 8.79 4.27
CA TRP C 61 -5.72 7.77 3.33
C TRP C 61 -5.67 6.42 4.02
N GLU C 62 -6.69 5.60 3.77
CA GLU C 62 -6.89 4.34 4.47
C GLU C 62 -7.55 3.32 3.55
N TYR C 63 -6.95 2.14 3.45
CA TYR C 63 -7.40 1.10 2.53
C TYR C 63 -7.79 -0.16 3.30
N ASN C 64 -8.68 -0.93 2.71
CA ASN C 64 -9.08 -2.20 3.29
C ASN C 64 -8.69 -3.30 2.33
N PHE C 65 -7.73 -4.12 2.75
CA PHE C 65 -7.29 -5.30 2.01
C PHE C 65 -7.96 -6.52 2.60
N GLN C 66 -8.68 -7.26 1.77
CA GLN C 66 -9.34 -8.45 2.28
C GLN C 66 -8.36 -9.59 2.37
N GLY C 67 -8.34 -10.26 3.53
CA GLY C 67 -7.54 -11.45 3.65
C GLY C 67 -8.24 -12.74 3.27
N ASN C 68 -9.55 -12.68 3.03
CA ASN C 68 -10.37 -13.87 2.80
C ASN C 68 -10.66 -14.15 1.32
N ASN C 69 -9.90 -13.56 0.40
CA ASN C 69 -10.02 -13.89 -1.01
C ASN C 69 -8.87 -14.81 -1.38
N SER C 70 -9.01 -15.49 -2.52
CA SER C 70 -7.89 -16.25 -3.07
C SER C 70 -6.96 -15.33 -3.85
N GLU C 71 -5.80 -15.88 -4.21
CA GLU C 71 -4.87 -15.13 -5.04
C GLU C 71 -5.29 -15.15 -6.49
N GLY C 72 -6.43 -15.76 -6.78
CA GLY C 72 -6.90 -15.92 -8.14
C GLY C 72 -7.85 -14.84 -8.57
N ALA C 73 -8.90 -15.25 -9.27
CA ALA C 73 -9.76 -14.31 -9.98
C ALA C 73 -10.45 -13.33 -9.03
N ASP C 74 -10.74 -13.76 -7.81
CA ASP C 74 -11.48 -12.96 -6.84
C ASP C 74 -10.61 -12.07 -5.97
N ALA C 75 -9.33 -11.90 -6.31
CA ALA C 75 -8.37 -11.33 -5.38
C ALA C 75 -8.82 -9.98 -4.81
N GLN C 76 -9.51 -9.16 -5.60
CA GLN C 76 -9.86 -7.80 -5.21
C GLN C 76 -11.23 -7.68 -4.56
N THR C 77 -11.98 -8.78 -4.38
CA THR C 77 -13.33 -8.66 -3.85
C THR C 77 -13.30 -8.10 -2.45
N GLY C 78 -13.91 -6.94 -2.27
CA GLY C 78 -13.96 -6.31 -0.98
C GLY C 78 -12.82 -5.36 -0.70
N ASN C 79 -11.78 -5.38 -1.52
CA ASN C 79 -10.74 -4.36 -1.41
C ASN C 79 -11.31 -3.01 -1.81
N LYS C 80 -10.95 -2.00 -1.04
CA LYS C 80 -11.50 -0.66 -1.17
C LYS C 80 -10.63 0.32 -0.42
N THR C 81 -10.58 1.54 -0.94
CA THR C 81 -10.13 2.69 -0.19
C THR C 81 -11.30 3.16 0.65
N ARG C 82 -11.06 3.40 1.94
CA ARG C 82 -12.10 3.90 2.81
C ARG C 82 -12.07 5.42 2.94
N LEU C 83 -10.89 5.99 3.13
CA LEU C 83 -10.75 7.42 3.35
C LEU C 83 -9.63 7.98 2.48
N ALA C 84 -9.84 9.20 1.98
CA ALA C 84 -8.82 9.89 1.21
C ALA C 84 -9.21 11.36 1.16
N PHE C 85 -8.58 12.18 1.98
CA PHE C 85 -8.99 13.58 2.04
C PHE C 85 -7.86 14.45 2.56
N ALA C 86 -7.98 15.75 2.27
CA ALA C 86 -7.01 16.73 2.73
C ALA C 86 -7.75 17.98 3.20
N GLY C 87 -7.05 18.79 3.99
CA GLY C 87 -7.70 19.95 4.57
C GLY C 87 -6.74 20.82 5.32
N LEU C 88 -7.30 21.86 5.94
CA LEU C 88 -6.61 22.81 6.80
C LEU C 88 -7.37 22.96 8.10
N LYS C 89 -6.61 23.14 9.17
CA LYS C 89 -7.13 23.51 10.47
C LYS C 89 -6.65 24.92 10.72
N TYR C 90 -7.58 25.83 11.04
CA TYR C 90 -7.25 27.23 11.31
C TYR C 90 -7.39 27.52 12.79
N ALA C 91 -6.34 28.12 13.37
CA ALA C 91 -6.36 28.73 14.70
C ALA C 91 -7.56 28.32 15.54
N ASP C 92 -8.40 29.30 15.87
CA ASP C 92 -9.67 29.09 16.56
C ASP C 92 -10.82 28.90 15.60
N VAL C 93 -10.62 29.35 14.36
CA VAL C 93 -11.70 29.49 13.40
C VAL C 93 -12.20 28.16 12.87
N GLY C 94 -11.47 27.07 13.07
CA GLY C 94 -12.01 25.77 12.72
C GLY C 94 -11.16 25.07 11.69
N SER C 95 -11.79 24.23 10.89
CA SER C 95 -11.05 23.39 9.96
C SER C 95 -11.92 23.08 8.77
N PHE C 96 -11.28 22.77 7.65
CA PHE C 96 -11.99 22.47 6.42
C PHE C 96 -11.24 21.43 5.61
N ASP C 97 -11.90 20.32 5.28
CA ASP C 97 -11.27 19.24 4.53
C ASP C 97 -12.23 18.69 3.48
N TYR C 98 -11.68 18.36 2.31
CA TYR C 98 -12.44 17.82 1.20
C TYR C 98 -11.86 16.49 0.75
N GLY C 99 -12.71 15.56 0.36
CA GLY C 99 -12.30 14.27 -0.12
C GLY C 99 -13.35 13.22 0.20
N ARG C 100 -12.88 11.98 0.37
CA ARG C 100 -13.71 10.86 0.82
C ARG C 100 -13.56 10.73 2.33
N ASN C 101 -14.64 10.97 3.04
CA ASN C 101 -14.55 11.13 4.48
C ASN C 101 -15.90 10.76 5.06
N TYR C 102 -15.96 10.70 6.38
CA TYR C 102 -17.17 10.26 7.05
C TYR C 102 -18.27 11.30 6.89
N GLY C 103 -19.50 10.83 6.68
CA GLY C 103 -20.63 11.72 6.65
C GLY C 103 -20.97 12.26 8.02
N VAL C 104 -21.71 13.36 8.04
CA VAL C 104 -21.88 14.13 9.27
C VAL C 104 -22.78 13.45 10.28
N VAL C 105 -23.79 12.70 9.82
CA VAL C 105 -24.65 11.99 10.76
C VAL C 105 -23.87 10.93 11.54
N TYR C 106 -22.68 10.54 11.06
CA TYR C 106 -21.82 9.72 11.89
C TYR C 106 -21.27 10.49 13.09
N ASP C 107 -21.24 11.83 13.04
CA ASP C 107 -20.92 12.63 14.23
C ASP C 107 -21.84 12.29 15.38
N ALA C 108 -23.01 11.71 15.09
CA ALA C 108 -23.95 11.22 16.07
C ALA C 108 -23.98 9.71 16.18
N LEU C 109 -23.93 9.02 15.03
CA LEU C 109 -24.05 7.56 15.02
C LEU C 109 -22.86 6.84 15.60
N GLY C 110 -21.69 7.49 15.64
CA GLY C 110 -20.53 6.86 16.25
C GLY C 110 -20.71 6.55 17.72
N TYR C 111 -21.60 7.27 18.40
CA TYR C 111 -21.85 7.05 19.83
C TYR C 111 -22.03 5.57 20.15
N THR C 112 -22.84 4.89 19.36
CA THR C 112 -23.16 3.49 19.60
C THR C 112 -22.31 2.53 18.76
N ASP C 113 -21.42 3.04 17.90
CA ASP C 113 -20.61 2.20 17.03
C ASP C 113 -19.33 1.79 17.76
N MET C 114 -19.51 0.93 18.75
CA MET C 114 -18.43 0.58 19.68
C MET C 114 -18.26 -0.90 19.89
N LEU C 115 -18.96 -1.73 19.13
CA LEU C 115 -18.97 -3.14 19.39
C LEU C 115 -17.67 -3.76 18.92
N PRO C 116 -17.34 -4.97 19.39
CA PRO C 116 -16.06 -5.54 18.99
C PRO C 116 -16.01 -5.85 17.50
N GLU C 117 -17.11 -6.30 16.91
CA GLU C 117 -17.11 -6.54 15.48
C GLU C 117 -18.31 -5.89 14.80
N PHE C 118 -19.51 -6.16 15.31
CA PHE C 118 -20.71 -5.72 14.63
C PHE C 118 -21.18 -4.38 15.17
N GLY C 119 -22.49 -4.21 15.33
CA GLY C 119 -23.01 -2.92 15.73
C GLY C 119 -22.85 -1.89 14.63
N GLY C 120 -23.27 -0.66 14.96
CA GLY C 120 -23.24 0.42 13.98
C GLY C 120 -24.02 0.11 12.72
N ASP C 121 -25.13 -0.61 12.84
CA ASP C 121 -25.81 -1.12 11.65
C ASP C 121 -26.38 -0.02 10.79
N THR C 122 -26.62 1.16 11.36
CA THR C 122 -27.20 2.25 10.58
C THR C 122 -26.18 3.11 9.87
N ALA C 123 -24.88 2.92 10.12
CA ALA C 123 -23.85 3.77 9.53
C ALA C 123 -23.37 3.17 8.20
N TYR C 124 -24.32 3.06 7.27
CA TYR C 124 -24.07 2.43 5.99
C TYR C 124 -23.02 3.19 5.21
N SER C 125 -22.12 2.47 4.56
CA SER C 125 -21.20 3.13 3.66
C SER C 125 -21.91 3.51 2.38
N ASP C 126 -21.45 4.60 1.77
CA ASP C 126 -21.94 5.10 0.49
C ASP C 126 -23.45 5.34 0.57
N ASP C 127 -23.85 6.12 1.57
CA ASP C 127 -25.26 6.25 1.89
C ASP C 127 -25.52 7.62 2.51
N PHE C 128 -25.23 8.66 1.73
CA PHE C 128 -25.41 10.06 2.13
C PHE C 128 -24.52 10.29 3.35
N PHE C 129 -25.06 10.67 4.51
CA PHE C 129 -24.31 11.23 5.62
C PHE C 129 -24.09 10.29 6.79
N VAL C 130 -24.52 9.04 6.72
CA VAL C 130 -24.44 8.17 7.88
C VAL C 130 -23.15 7.36 7.94
N GLY C 131 -22.40 7.29 6.84
CA GLY C 131 -21.14 6.55 6.83
C GLY C 131 -20.07 7.18 5.96
N ARG C 132 -19.08 6.40 5.57
CA ARG C 132 -18.06 6.90 4.67
C ARG C 132 -18.64 7.15 3.29
N VAL C 133 -18.31 8.30 2.72
CA VAL C 133 -18.91 8.75 1.47
C VAL C 133 -17.88 9.58 0.72
N GLY C 134 -18.00 9.62 -0.61
CA GLY C 134 -17.11 10.39 -1.45
C GLY C 134 -17.62 11.79 -1.81
N GLY C 135 -16.69 12.73 -1.87
CA GLY C 135 -16.98 14.06 -2.37
C GLY C 135 -17.72 14.96 -1.39
N VAL C 136 -17.25 15.00 -0.15
CA VAL C 136 -17.83 15.84 0.89
C VAL C 136 -16.83 16.92 1.26
N ALA C 137 -17.32 18.14 1.41
CA ALA C 137 -16.55 19.23 2.01
C ALA C 137 -17.09 19.49 3.40
N THR C 138 -16.22 19.57 4.40
CA THR C 138 -16.64 19.58 5.79
C THR C 138 -15.93 20.67 6.58
N TYR C 139 -16.68 21.66 7.04
CA TYR C 139 -16.19 22.60 8.02
C TYR C 139 -16.56 22.07 9.39
N ARG C 140 -15.60 22.08 10.29
CA ARG C 140 -15.80 21.74 11.69
C ARG C 140 -15.17 22.83 12.53
N ASN C 141 -15.73 23.02 13.72
CA ASN C 141 -15.18 23.98 14.66
C ASN C 141 -15.30 23.40 16.06
N SER C 142 -14.22 23.49 16.84
CA SER C 142 -14.19 23.03 18.22
C SER C 142 -14.28 24.17 19.22
N ASN C 143 -15.06 23.95 20.29
CA ASN C 143 -15.17 24.90 21.39
C ASN C 143 -15.59 26.27 20.88
N PHE C 144 -16.46 26.28 19.89
CA PHE C 144 -17.08 27.49 19.34
C PHE C 144 -16.11 28.66 19.28
N PHE C 145 -15.04 28.49 18.50
CA PHE C 145 -14.07 29.55 18.24
C PHE C 145 -13.34 29.95 19.51
N GLY C 146 -13.13 28.99 20.41
CA GLY C 146 -12.57 29.28 21.70
C GLY C 146 -13.56 29.77 22.74
N LEU C 147 -14.79 30.10 22.37
CA LEU C 147 -15.74 30.66 23.34
C LEU C 147 -16.37 29.60 24.24
N VAL C 148 -17.33 28.83 23.73
CA VAL C 148 -18.00 27.80 24.52
C VAL C 148 -17.16 26.52 24.48
N ASP C 149 -16.68 26.06 25.63
CA ASP C 149 -15.81 24.88 25.64
C ASP C 149 -16.64 23.61 25.63
N GLY C 150 -16.24 22.67 24.79
CA GLY C 150 -16.95 21.43 24.61
C GLY C 150 -18.13 21.51 23.67
N LEU C 151 -18.31 22.65 23.02
CA LEU C 151 -19.38 22.86 22.05
C LEU C 151 -18.76 22.80 20.66
N ASN C 152 -19.08 21.75 19.91
CA ASN C 152 -18.63 21.59 18.55
C ASN C 152 -19.80 21.62 17.59
N PHE C 153 -19.54 22.10 16.38
CA PHE C 153 -20.47 21.93 15.29
C PHE C 153 -19.70 21.55 14.04
N ALA C 154 -20.44 21.20 13.00
CA ALA C 154 -19.84 20.86 11.73
C ALA C 154 -20.91 20.98 10.66
N VAL C 155 -20.52 21.49 9.51
CA VAL C 155 -21.39 21.59 8.35
C VAL C 155 -20.66 21.03 7.14
N GLN C 156 -21.41 20.29 6.33
CA GLN C 156 -20.87 19.41 5.30
C GLN C 156 -21.70 19.53 4.03
N TYR C 157 -21.04 19.50 2.88
CA TYR C 157 -21.71 19.58 1.60
C TYR C 157 -21.42 18.30 0.85
N LEU C 158 -22.45 17.71 0.29
CA LEU C 158 -22.38 16.44 -0.43
C LEU C 158 -22.56 16.71 -1.89
N GLY C 159 -21.49 16.56 -2.65
CA GLY C 159 -21.59 16.67 -4.09
C GLY C 159 -22.19 15.40 -4.67
N LYS C 160 -23.02 15.57 -5.70
CA LYS C 160 -23.66 14.43 -6.32
C LYS C 160 -22.64 13.40 -6.78
N ASN C 161 -22.96 12.13 -6.58
CA ASN C 161 -22.19 11.02 -7.11
C ASN C 161 -23.20 10.18 -7.88
N GLU C 162 -23.27 10.37 -9.19
CA GLU C 162 -24.13 9.55 -10.04
C GLU C 162 -23.30 8.35 -10.45
N ARG C 163 -23.43 7.27 -9.71
CA ARG C 163 -22.63 6.08 -9.97
C ARG C 163 -23.49 5.10 -10.77
N ASP C 164 -23.04 3.86 -10.90
CA ASP C 164 -23.79 2.91 -11.72
C ASP C 164 -24.91 2.23 -10.96
N THR C 165 -24.73 1.92 -9.69
CA THR C 165 -25.79 1.30 -8.94
C THR C 165 -26.51 2.36 -8.13
N ALA C 166 -27.83 2.20 -8.00
CA ALA C 166 -28.59 3.06 -7.10
C ALA C 166 -28.02 3.03 -5.69
N ARG C 167 -27.56 1.86 -5.24
CA ARG C 167 -27.13 1.70 -3.84
C ARG C 167 -26.05 2.71 -3.46
N ARG C 168 -25.09 2.97 -4.35
CA ARG C 168 -23.91 3.78 -4.06
C ARG C 168 -24.00 5.21 -4.59
N SER C 169 -25.08 5.59 -5.26
CA SER C 169 -25.24 6.92 -5.85
C SER C 169 -25.82 7.91 -4.84
N ASN C 170 -25.80 9.19 -5.22
CA ASN C 170 -26.45 10.23 -4.44
C ASN C 170 -26.41 11.53 -5.23
N GLY C 171 -27.28 12.47 -4.85
CA GLY C 171 -27.30 13.79 -5.44
C GLY C 171 -26.62 14.82 -4.57
N ASP C 172 -26.77 16.09 -4.96
CA ASP C 172 -26.25 17.21 -4.17
C ASP C 172 -26.94 17.27 -2.81
N GLY C 173 -26.21 17.69 -1.78
CA GLY C 173 -26.83 17.71 -0.47
C GLY C 173 -26.02 18.53 0.53
N VAL C 174 -26.57 18.63 1.74
CA VAL C 174 -25.94 19.40 2.81
C VAL C 174 -26.43 18.89 4.17
N GLY C 175 -25.57 19.01 5.19
CA GLY C 175 -25.93 18.56 6.52
C GLY C 175 -25.07 19.20 7.59
N GLY C 176 -25.36 18.84 8.84
CA GLY C 176 -24.67 19.44 9.99
C GLY C 176 -24.87 18.64 11.24
N SER C 177 -24.16 19.05 12.30
CA SER C 177 -24.19 18.38 13.59
C SER C 177 -23.78 19.36 14.69
N ILE C 178 -24.26 19.09 15.91
CA ILE C 178 -23.81 19.79 17.12
C ILE C 178 -23.54 18.76 18.20
N SER C 179 -22.46 18.97 18.93
CA SER C 179 -22.18 18.17 20.11
C SER C 179 -21.97 19.11 21.27
N TYR C 180 -22.41 18.68 22.44
CA TYR C 180 -21.94 19.29 23.67
C TYR C 180 -21.33 18.17 24.49
N GLU C 181 -20.13 18.40 24.99
CA GLU C 181 -19.48 17.41 25.84
C GLU C 181 -19.13 18.13 27.12
N TYR C 182 -19.55 17.55 28.24
CA TYR C 182 -19.24 18.14 29.53
C TYR C 182 -19.18 17.06 30.60
N GLU C 183 -17.97 16.75 31.04
CA GLU C 183 -17.69 15.80 32.11
C GLU C 183 -18.35 14.45 31.92
N GLY C 184 -17.76 13.64 31.05
CA GLY C 184 -18.20 12.28 30.79
C GLY C 184 -19.47 12.19 29.97
N PHE C 185 -20.29 13.22 30.00
CA PHE C 185 -21.53 13.20 29.25
C PHE C 185 -21.33 13.85 27.90
N GLY C 186 -22.06 13.36 26.92
CA GLY C 186 -22.09 13.97 25.61
C GLY C 186 -23.48 13.94 25.06
N ILE C 187 -23.89 15.01 24.40
CA ILE C 187 -25.15 15.03 23.67
C ILE C 187 -24.82 15.43 22.25
N VAL C 188 -25.51 14.84 21.27
CA VAL C 188 -25.21 15.13 19.87
C VAL C 188 -26.47 14.95 19.04
N GLY C 189 -26.62 15.81 18.04
CA GLY C 189 -27.62 15.62 17.01
C GLY C 189 -27.06 16.12 15.70
N ALA C 190 -27.57 15.54 14.61
CA ALA C 190 -27.12 15.86 13.26
C ALA C 190 -28.20 15.46 12.28
N TYR C 191 -28.26 16.19 11.17
CA TYR C 191 -29.28 16.02 10.14
C TYR C 191 -28.66 16.38 8.80
N GLY C 192 -29.03 15.64 7.76
CA GLY C 192 -28.63 15.96 6.41
C GLY C 192 -29.73 15.57 5.44
N ALA C 193 -29.73 16.25 4.29
CA ALA C 193 -30.70 16.00 3.25
C ALA C 193 -30.02 16.21 1.91
N ALA C 194 -30.46 15.45 0.90
CA ALA C 194 -29.81 15.49 -0.40
C ALA C 194 -30.80 15.03 -1.45
N ASP C 195 -30.52 15.37 -2.69
CA ASP C 195 -31.39 14.91 -3.76
C ASP C 195 -31.07 13.45 -4.06
N ARG C 196 -32.06 12.75 -4.60
CA ARG C 196 -31.84 11.38 -5.03
C ARG C 196 -31.63 11.34 -6.54
N THR C 197 -30.78 10.42 -6.99
CA THR C 197 -30.52 10.27 -8.41
C THR C 197 -31.76 9.79 -9.13
N ASN C 198 -31.86 10.15 -10.41
CA ASN C 198 -32.92 9.63 -11.25
C ASN C 198 -32.89 8.10 -11.25
N LEU C 199 -31.71 7.52 -11.25
CA LEU C 199 -31.58 6.08 -11.08
C LEU C 199 -32.17 5.64 -9.76
N GLN C 200 -31.86 6.37 -8.68
CA GLN C 200 -32.40 6.02 -7.38
C GLN C 200 -33.91 6.16 -7.36
N GLU C 201 -34.43 7.16 -8.07
CA GLU C 201 -35.88 7.36 -8.10
C GLU C 201 -36.55 6.26 -8.90
N ALA C 202 -35.88 5.80 -9.96
CA ALA C 202 -36.36 4.71 -10.79
C ALA C 202 -36.16 3.34 -10.15
N GLN C 203 -36.08 3.26 -8.82
CA GLN C 203 -36.00 1.97 -8.13
C GLN C 203 -37.38 1.54 -7.65
N PRO C 204 -37.64 0.22 -7.63
CA PRO C 204 -38.96 -0.25 -7.16
C PRO C 204 -39.28 0.15 -5.72
N LEU C 205 -38.29 0.01 -4.83
CA LEU C 205 -38.44 0.27 -3.40
C LEU C 205 -37.90 1.66 -3.11
N GLY C 206 -38.72 2.50 -2.51
CA GLY C 206 -38.25 3.83 -2.18
C GLY C 206 -38.63 4.88 -3.19
N ASN C 207 -39.17 5.99 -2.69
CA ASN C 207 -39.60 7.08 -3.55
C ASN C 207 -39.59 8.40 -2.82
N GLY C 208 -39.20 9.44 -3.55
CA GLY C 208 -39.14 10.79 -3.02
C GLY C 208 -38.03 11.54 -3.71
N LYS C 209 -38.25 12.82 -4.01
CA LYS C 209 -37.18 13.54 -4.69
C LYS C 209 -36.01 13.81 -3.77
N LYS C 210 -36.16 13.54 -2.47
CA LYS C 210 -35.19 13.98 -1.47
C LYS C 210 -34.93 12.85 -0.48
N ALA C 211 -33.66 12.67 -0.13
CA ALA C 211 -33.23 11.72 0.89
C ALA C 211 -32.85 12.48 2.14
N GLU C 212 -33.11 11.88 3.30
CA GLU C 212 -32.98 12.62 4.54
C GLU C 212 -32.54 11.68 5.67
N GLN C 213 -31.65 12.16 6.53
CA GLN C 213 -31.12 11.32 7.59
C GLN C 213 -30.86 12.17 8.82
N TRP C 214 -31.36 11.73 9.98
CA TRP C 214 -31.03 12.45 11.18
C TRP C 214 -30.82 11.46 12.32
N ALA C 215 -30.08 11.91 13.33
CA ALA C 215 -29.78 11.07 14.46
C ALA C 215 -29.38 11.93 15.63
N THR C 216 -29.64 11.41 16.81
CA THR C 216 -29.37 12.06 18.08
C THR C 216 -28.76 11.03 19.01
N GLY C 217 -27.91 11.51 19.92
CA GLY C 217 -27.21 10.60 20.78
C GLY C 217 -26.87 11.20 22.13
N LEU C 218 -26.91 10.39 23.17
CA LEU C 218 -26.40 10.75 24.47
C LEU C 218 -25.35 9.73 24.82
N LYS C 219 -24.30 10.17 25.52
CA LYS C 219 -23.30 9.23 25.92
C LYS C 219 -22.76 9.63 27.28
N TYR C 220 -22.38 8.61 28.04
CA TYR C 220 -21.58 8.77 29.24
C TYR C 220 -20.35 7.92 29.07
N ASP C 221 -19.19 8.56 29.17
CA ASP C 221 -17.91 8.03 28.75
C ASP C 221 -16.90 8.44 29.82
N ALA C 222 -16.89 7.68 30.92
CA ALA C 222 -16.14 8.10 32.08
C ALA C 222 -16.08 6.94 33.06
N ASN C 223 -15.01 6.90 33.84
CA ASN C 223 -14.91 5.95 34.94
C ASN C 223 -14.95 4.50 34.46
N ASN C 224 -14.23 4.19 33.38
CA ASN C 224 -14.18 2.83 32.85
C ASN C 224 -15.53 2.36 32.34
N ILE C 225 -16.49 3.27 32.28
CA ILE C 225 -17.86 2.99 31.86
C ILE C 225 -18.09 3.71 30.55
N TYR C 226 -18.86 3.07 29.67
CA TYR C 226 -19.32 3.66 28.43
C TYR C 226 -20.75 3.23 28.23
N LEU C 227 -21.64 4.21 28.23
CA LEU C 227 -23.05 4.01 27.93
C LEU C 227 -23.43 5.03 26.89
N ALA C 228 -24.15 4.59 25.87
CA ALA C 228 -24.55 5.47 24.79
C ALA C 228 -25.83 4.96 24.15
N ALA C 229 -26.62 5.88 23.64
CA ALA C 229 -27.86 5.52 22.98
C ALA C 229 -28.06 6.47 21.80
N ASN C 230 -28.63 5.93 20.73
CA ASN C 230 -28.84 6.63 19.48
C ASN C 230 -30.26 6.41 19.00
N TYR C 231 -30.95 7.51 18.68
CA TYR C 231 -32.19 7.50 17.93
C TYR C 231 -32.03 8.33 16.67
N GLY C 232 -32.61 7.83 15.57
CA GLY C 232 -32.66 8.61 14.35
C GLY C 232 -33.73 8.08 13.43
N GLU C 233 -34.04 8.90 12.41
CA GLU C 233 -34.99 8.54 11.37
C GLU C 233 -34.44 8.92 10.00
N THR C 234 -34.72 8.09 9.01
CA THR C 234 -34.37 8.38 7.63
C THR C 234 -35.61 8.43 6.77
N ARG C 235 -35.57 9.29 5.76
CA ARG C 235 -36.59 9.34 4.73
C ARG C 235 -35.84 9.06 3.42
N ASN C 236 -36.15 7.92 2.81
CA ASN C 236 -35.68 7.56 1.48
C ASN C 236 -34.17 7.32 1.41
N ALA C 237 -33.55 6.84 2.49
CA ALA C 237 -32.08 6.78 2.45
C ALA C 237 -31.52 5.41 2.79
N THR C 238 -32.08 4.69 3.73
CA THR C 238 -31.49 3.42 4.10
C THR C 238 -31.62 2.45 2.94
N PRO C 239 -30.52 1.90 2.45
CA PRO C 239 -30.61 0.88 1.40
C PRO C 239 -31.24 -0.39 1.93
N ILE C 240 -32.26 -0.86 1.23
CA ILE C 240 -32.95 -2.11 1.55
C ILE C 240 -32.91 -3.01 0.33
N THR C 241 -33.02 -4.30 0.59
CA THR C 241 -33.00 -5.30 -0.47
C THR C 241 -33.98 -6.41 -0.16
N ASN C 242 -34.91 -6.65 -1.07
CA ASN C 242 -35.92 -7.69 -0.90
C ASN C 242 -35.39 -9.00 -1.48
N LYS C 243 -35.00 -9.93 -0.61
CA LYS C 243 -34.40 -11.18 -1.06
C LYS C 243 -35.39 -12.04 -1.84
N PHE C 244 -36.69 -11.92 -1.58
CA PHE C 244 -37.65 -12.77 -2.26
C PHE C 244 -37.86 -12.32 -3.71
N THR C 245 -38.16 -11.03 -3.92
CA THR C 245 -38.45 -10.49 -5.25
C THR C 245 -37.20 -10.04 -6.00
N ASN C 246 -36.04 -10.09 -5.36
CA ASN C 246 -34.75 -9.68 -5.93
C ASN C 246 -34.75 -8.26 -6.51
N THR C 247 -35.42 -7.34 -5.82
CA THR C 247 -35.30 -5.92 -6.08
C THR C 247 -34.59 -5.26 -4.89
N SER C 248 -33.91 -4.15 -5.17
CA SER C 248 -33.32 -3.29 -4.14
C SER C 248 -33.98 -1.92 -4.26
N GLY C 249 -33.43 -0.94 -3.57
CA GLY C 249 -33.98 0.40 -3.53
C GLY C 249 -33.75 1.02 -2.15
N PHE C 250 -34.74 1.74 -1.67
CA PHE C 250 -34.56 2.41 -0.39
C PHE C 250 -35.83 2.32 0.43
N ALA C 251 -35.67 2.33 1.74
CA ALA C 251 -36.81 2.37 2.63
C ALA C 251 -37.31 3.80 2.68
N ASN C 252 -38.61 3.99 2.46
CA ASN C 252 -39.15 5.34 2.48
C ASN C 252 -39.00 6.00 3.84
N LYS C 253 -39.03 5.21 4.91
CA LYS C 253 -38.78 5.74 6.25
C LYS C 253 -38.18 4.62 7.08
N THR C 254 -37.33 5.00 8.05
CA THR C 254 -36.88 4.07 9.07
C THR C 254 -36.76 4.83 10.38
N GLN C 255 -37.12 4.16 11.47
CA GLN C 255 -36.80 4.61 12.82
C GLN C 255 -35.76 3.68 13.41
N ASP C 256 -34.70 4.26 13.95
CA ASP C 256 -33.48 3.54 14.31
C ASP C 256 -33.12 3.79 15.77
N VAL C 257 -32.90 2.72 16.52
CA VAL C 257 -32.49 2.77 17.92
C VAL C 257 -31.27 1.87 18.12
N LEU C 258 -30.27 2.40 18.82
CA LEU C 258 -29.07 1.68 19.20
C LEU C 258 -28.72 2.01 20.63
N LEU C 259 -28.33 0.99 21.40
CA LEU C 259 -27.91 1.14 22.78
C LEU C 259 -26.62 0.38 22.98
N VAL C 260 -25.76 0.90 23.84
CA VAL C 260 -24.45 0.28 24.08
C VAL C 260 -24.08 0.46 25.54
N ALA C 261 -23.67 -0.64 26.19
CA ALA C 261 -23.10 -0.59 27.52
C ALA C 261 -21.83 -1.43 27.54
N GLN C 262 -20.75 -0.85 28.06
CA GLN C 262 -19.46 -1.52 28.14
C GLN C 262 -18.75 -1.06 29.40
N TYR C 263 -18.06 -1.99 30.05
CA TYR C 263 -17.16 -1.67 31.15
C TYR C 263 -15.77 -2.17 30.80
N GLN C 264 -14.74 -1.45 31.27
CA GLN C 264 -13.34 -1.79 31.02
C GLN C 264 -12.66 -2.26 32.30
N PHE C 265 -12.57 -3.57 32.50
CA PHE C 265 -11.87 -4.08 33.67
C PHE C 265 -10.39 -3.75 33.56
N ASP C 266 -9.76 -3.51 34.71
CA ASP C 266 -8.34 -3.16 34.76
C ASP C 266 -7.42 -4.29 34.32
N PHE C 267 -7.88 -5.53 34.36
CA PHE C 267 -7.09 -6.66 33.90
C PHE C 267 -7.23 -6.93 32.40
N GLY C 268 -8.02 -6.14 31.68
CA GLY C 268 -7.98 -6.17 30.23
C GLY C 268 -9.28 -6.42 29.50
N LEU C 269 -10.24 -7.07 30.15
CA LEU C 269 -11.46 -7.45 29.46
C LEU C 269 -12.42 -6.28 29.42
N ARG C 270 -13.02 -6.08 28.24
CA ARG C 270 -14.09 -5.11 28.03
C ARG C 270 -15.34 -5.87 27.58
N PRO C 271 -16.18 -6.31 28.52
CA PRO C 271 -17.44 -6.93 28.13
C PRO C 271 -18.33 -5.92 27.44
N SER C 272 -19.25 -6.43 26.62
CA SER C 272 -20.13 -5.51 25.92
C SER C 272 -21.49 -6.12 25.75
N ILE C 273 -22.51 -5.33 26.05
CA ILE C 273 -23.88 -5.69 25.74
C ILE C 273 -24.45 -4.52 24.97
N ALA C 274 -25.32 -4.84 24.02
CA ALA C 274 -25.84 -3.80 23.14
C ALA C 274 -27.13 -4.27 22.50
N TYR C 275 -28.00 -3.32 22.22
CA TYR C 275 -29.27 -3.58 21.57
C TYR C 275 -29.42 -2.64 20.40
N THR C 276 -29.86 -3.18 19.27
CA THR C 276 -30.00 -2.42 18.04
C THR C 276 -31.28 -2.87 17.35
N LYS C 277 -32.10 -1.90 16.95
CA LYS C 277 -33.29 -2.19 16.17
C LYS C 277 -33.48 -1.08 15.15
N SER C 278 -33.65 -1.48 13.89
CA SER C 278 -33.87 -0.55 12.78
C SER C 278 -35.09 -1.05 12.04
N LYS C 279 -36.20 -0.35 12.17
CA LYS C 279 -37.46 -0.75 11.57
C LYS C 279 -37.81 0.19 10.42
N ALA C 280 -38.03 -0.37 9.23
CA ALA C 280 -38.43 0.37 8.05
C ALA C 280 -39.94 0.46 7.92
N LYS C 281 -40.39 1.45 7.15
CA LYS C 281 -41.79 1.83 7.08
C LYS C 281 -42.16 2.24 5.66
N ASP C 282 -43.44 2.07 5.33
CA ASP C 282 -43.99 2.40 4.01
C ASP C 282 -43.25 1.68 2.88
N VAL C 283 -42.91 0.42 3.08
CA VAL C 283 -42.16 -0.32 2.08
C VAL C 283 -43.12 -0.90 1.07
N GLU C 284 -42.87 -0.58 -0.20
CA GLU C 284 -43.66 -1.02 -1.35
C GLU C 284 -44.06 -2.49 -1.25
N GLY C 285 -45.36 -2.75 -1.12
CA GLY C 285 -45.88 -4.09 -1.10
C GLY C 285 -45.61 -4.88 0.16
N ILE C 286 -44.96 -4.29 1.15
CA ILE C 286 -44.65 -4.98 2.40
C ILE C 286 -45.19 -4.18 3.59
N GLY C 287 -44.90 -2.89 3.63
CA GLY C 287 -45.34 -2.07 4.73
C GLY C 287 -44.28 -1.80 5.77
N ASP C 288 -44.50 -2.26 7.01
CA ASP C 288 -43.57 -2.09 8.11
C ASP C 288 -42.77 -3.38 8.28
N VAL C 289 -41.45 -3.27 8.35
CA VAL C 289 -40.60 -4.46 8.36
C VAL C 289 -39.30 -4.15 9.10
N ASP C 290 -38.83 -5.14 9.85
CA ASP C 290 -37.59 -4.99 10.59
C ASP C 290 -36.40 -5.21 9.66
N LEU C 291 -35.34 -4.43 9.85
CA LEU C 291 -34.09 -4.55 9.12
C LEU C 291 -32.96 -5.08 9.98
N VAL C 292 -32.83 -4.56 11.20
CA VAL C 292 -31.86 -5.01 12.19
C VAL C 292 -32.62 -5.18 13.49
N ASN C 293 -32.35 -6.26 14.22
CA ASN C 293 -33.01 -6.46 15.52
C ASN C 293 -32.22 -7.49 16.33
N TYR C 294 -31.41 -7.01 17.28
CA TYR C 294 -30.63 -7.97 18.03
C TYR C 294 -30.25 -7.40 19.39
N PHE C 295 -29.94 -8.31 20.29
CA PHE C 295 -29.09 -8.00 21.42
C PHE C 295 -27.73 -8.58 21.12
N GLU C 296 -26.70 -8.00 21.70
CA GLU C 296 -25.35 -8.46 21.48
C GLU C 296 -24.70 -8.60 22.84
N VAL C 297 -24.04 -9.71 23.06
CA VAL C 297 -23.11 -9.86 24.17
C VAL C 297 -21.76 -10.20 23.56
N GLY C 298 -20.73 -9.46 23.96
CA GLY C 298 -19.42 -9.63 23.38
C GLY C 298 -18.39 -9.11 24.35
N ALA C 299 -17.13 -9.34 24.02
CA ALA C 299 -16.08 -8.86 24.89
C ALA C 299 -14.80 -8.72 24.09
N THR C 300 -13.90 -7.86 24.57
CA THR C 300 -12.59 -7.65 23.97
C THR C 300 -11.52 -7.80 25.04
N TYR C 301 -10.46 -8.54 24.75
CA TYR C 301 -9.32 -8.58 25.65
C TYR C 301 -8.21 -7.73 25.05
N TYR C 302 -7.69 -6.79 25.84
CA TYR C 302 -6.62 -5.91 25.40
C TYR C 302 -5.32 -6.37 26.06
N PHE C 303 -4.43 -6.97 25.28
CA PHE C 303 -3.13 -7.35 25.80
C PHE C 303 -2.30 -6.10 26.08
N ASN C 304 -2.15 -5.26 25.07
CA ASN C 304 -1.58 -3.94 25.20
C ASN C 304 -2.20 -3.10 24.09
N LYS C 305 -1.62 -1.93 23.83
CA LYS C 305 -2.20 -1.04 22.84
C LYS C 305 -2.10 -1.60 21.43
N ASN C 306 -1.49 -2.76 21.21
CA ASN C 306 -1.20 -3.28 19.89
C ASN C 306 -1.80 -4.65 19.59
N MET C 307 -2.17 -5.42 20.61
CA MET C 307 -2.65 -6.79 20.42
C MET C 307 -3.90 -7.02 21.26
N SER C 308 -4.93 -7.57 20.62
CA SER C 308 -6.20 -7.78 21.27
C SER C 308 -6.94 -8.94 20.62
N THR C 309 -8.00 -9.36 21.28
CA THR C 309 -8.81 -10.47 20.82
C THR C 309 -10.23 -10.26 21.32
N TYR C 310 -11.21 -10.75 20.57
CA TYR C 310 -12.59 -10.50 20.92
C TYR C 310 -13.48 -11.61 20.41
N VAL C 311 -14.61 -11.75 21.08
CA VAL C 311 -15.73 -12.55 20.62
C VAL C 311 -16.93 -11.62 20.63
N ASP C 312 -17.79 -11.76 19.63
CA ASP C 312 -18.90 -10.84 19.48
C ASP C 312 -20.10 -11.68 19.08
N TYR C 313 -21.00 -11.88 20.03
CA TYR C 313 -22.16 -12.75 19.85
C TYR C 313 -23.37 -11.87 19.61
N ILE C 314 -24.02 -12.10 18.48
CA ILE C 314 -25.27 -11.44 18.15
C ILE C 314 -26.38 -12.44 18.42
N ILE C 315 -27.18 -12.16 19.45
CA ILE C 315 -28.37 -12.96 19.69
C ILE C 315 -29.43 -12.41 18.75
N ASN C 316 -29.50 -12.95 17.55
CA ASN C 316 -30.28 -12.33 16.49
C ASN C 316 -31.76 -12.53 16.74
N GLN C 317 -32.43 -11.46 17.13
CA GLN C 317 -33.85 -11.46 17.47
C GLN C 317 -34.70 -10.99 16.28
N ILE C 318 -34.55 -11.65 15.14
CA ILE C 318 -35.33 -11.28 13.97
C ILE C 318 -36.03 -12.53 13.44
N ASP C 319 -37.14 -12.30 12.75
CA ASP C 319 -38.10 -13.37 12.48
C ASP C 319 -37.71 -14.30 11.35
N SER C 320 -38.41 -15.43 11.33
CA SER C 320 -38.27 -16.43 10.29
C SER C 320 -38.99 -16.01 9.01
N ASP C 321 -40.05 -15.22 9.14
CA ASP C 321 -40.87 -14.85 7.99
C ASP C 321 -40.74 -13.36 7.69
N ASN C 322 -39.57 -12.80 7.92
CA ASN C 322 -39.30 -11.43 7.54
C ASN C 322 -39.63 -11.23 6.06
N LYS C 323 -40.54 -10.30 5.78
CA LYS C 323 -41.05 -10.09 4.43
C LYS C 323 -40.02 -9.52 3.47
N LEU C 324 -38.90 -9.01 3.96
CA LEU C 324 -37.80 -8.56 3.10
C LEU C 324 -36.70 -9.60 2.98
N GLY C 325 -36.63 -10.56 3.90
CA GLY C 325 -35.67 -11.64 3.82
C GLY C 325 -34.49 -11.54 4.76
N VAL C 326 -34.50 -10.62 5.71
CA VAL C 326 -33.35 -10.46 6.59
C VAL C 326 -33.09 -11.79 7.29
N GLY C 327 -31.84 -12.20 7.31
CA GLY C 327 -31.50 -13.47 7.94
C GLY C 327 -31.74 -13.42 9.43
N SER C 328 -32.22 -14.54 9.97
CA SER C 328 -32.67 -14.59 11.36
C SER C 328 -31.75 -15.37 12.27
N ASP C 329 -30.74 -16.04 11.74
CA ASP C 329 -29.88 -16.85 12.57
C ASP C 329 -28.85 -15.99 13.27
N ASP C 330 -28.42 -16.47 14.43
CA ASP C 330 -27.39 -15.74 15.16
C ASP C 330 -26.09 -15.78 14.39
N THR C 331 -25.18 -14.89 14.77
CA THR C 331 -23.79 -14.91 14.34
C THR C 331 -22.91 -14.61 15.53
N VAL C 332 -21.81 -15.32 15.62
CA VAL C 332 -20.80 -15.07 16.63
C VAL C 332 -19.46 -15.01 15.91
N ALA C 333 -18.72 -13.94 16.15
CA ALA C 333 -17.44 -13.70 15.49
C ALA C 333 -16.35 -13.82 16.53
N VAL C 334 -15.20 -14.32 16.10
CA VAL C 334 -14.01 -14.39 16.93
C VAL C 334 -12.88 -13.71 16.19
N GLY C 335 -12.19 -12.80 16.85
CA GLY C 335 -11.14 -12.05 16.20
C GLY C 335 -9.87 -12.00 17.04
N ILE C 336 -8.75 -12.00 16.35
CA ILE C 336 -7.46 -11.65 16.93
C ILE C 336 -6.87 -10.53 16.10
N VAL C 337 -6.38 -9.49 16.77
CA VAL C 337 -6.10 -8.22 16.14
C VAL C 337 -4.69 -7.75 16.51
N TYR C 338 -3.83 -7.62 15.50
CA TYR C 338 -2.60 -6.88 15.64
C TYR C 338 -2.71 -5.59 14.85
N GLN C 339 -2.52 -4.48 15.52
CA GLN C 339 -2.59 -3.17 14.92
C GLN C 339 -1.37 -2.38 15.33
N PHE C 340 -1.05 -1.38 14.54
CA PHE C 340 0.13 -0.59 14.78
C PHE C 340 -0.13 0.79 14.22
N ASP D 15 -19.02 -35.60 63.41
CA ASP D 15 -18.55 -36.72 62.59
C ASP D 15 -19.31 -38.01 62.93
N PRO D 16 -20.55 -38.15 62.41
CA PRO D 16 -21.39 -39.30 62.76
C PRO D 16 -20.78 -40.62 62.32
N LEU D 17 -20.54 -40.75 61.01
CA LEU D 17 -20.01 -41.97 60.46
C LEU D 17 -18.52 -42.12 60.67
N GLU D 18 -17.99 -41.56 61.76
CA GLU D 18 -16.55 -41.65 62.04
C GLU D 18 -16.09 -43.10 62.07
N GLY D 19 -16.94 -44.01 62.51
CA GLY D 19 -16.57 -45.42 62.46
C GLY D 19 -16.43 -45.93 61.03
N PHE D 20 -17.46 -45.69 60.21
CA PHE D 20 -17.42 -46.15 58.83
C PHE D 20 -16.29 -45.46 58.07
N ASN D 21 -16.16 -44.14 58.23
CA ASN D 21 -15.17 -43.37 57.48
C ASN D 21 -13.75 -43.87 57.73
N ARG D 22 -13.44 -44.19 58.98
CA ARG D 22 -12.11 -44.70 59.30
C ARG D 22 -11.86 -46.02 58.58
N THR D 23 -12.91 -46.81 58.35
CA THR D 23 -12.79 -48.06 57.61
C THR D 23 -12.45 -47.84 56.14
N MET D 24 -13.23 -47.01 55.44
CA MET D 24 -12.91 -46.75 54.04
C MET D 24 -11.61 -45.98 53.88
N PHE D 25 -11.19 -45.25 54.91
CA PHE D 25 -9.92 -44.56 54.80
C PHE D 25 -8.76 -45.55 54.86
N ASN D 26 -8.92 -46.62 55.65
CA ASN D 26 -7.90 -47.66 55.71
C ASN D 26 -7.79 -48.42 54.41
N PHE D 27 -8.93 -48.83 53.85
CA PHE D 27 -8.98 -49.43 52.53
C PHE D 27 -8.23 -48.55 51.55
N ASN D 28 -8.43 -47.24 51.65
CA ASN D 28 -7.78 -46.31 50.76
C ASN D 28 -6.32 -46.08 51.09
N PHE D 29 -5.99 -45.92 52.37
CA PHE D 29 -4.63 -45.55 52.73
C PHE D 29 -3.68 -46.71 52.51
N ASN D 30 -4.07 -47.91 52.93
CA ASN D 30 -3.17 -49.04 53.06
C ASN D 30 -3.29 -50.07 51.95
N VAL D 31 -4.35 -50.05 51.14
CA VAL D 31 -4.33 -50.95 50.00
C VAL D 31 -4.55 -50.23 48.67
N VAL D 32 -5.62 -49.45 48.49
CA VAL D 32 -5.86 -48.96 47.14
C VAL D 32 -4.85 -47.90 46.74
N ASP D 33 -4.26 -47.21 47.70
CA ASP D 33 -3.29 -46.19 47.34
C ASP D 33 -1.94 -46.84 47.07
N PRO D 34 -1.28 -47.47 48.05
CA PRO D 34 0.08 -47.97 47.79
C PRO D 34 0.13 -49.12 46.79
N TYR D 35 -0.96 -49.88 46.60
CA TYR D 35 -0.96 -50.94 45.60
C TYR D 35 -1.44 -50.49 44.22
N VAL D 36 -2.31 -49.48 44.14
CA VAL D 36 -2.92 -49.09 42.88
C VAL D 36 -2.68 -47.62 42.53
N LEU D 37 -3.30 -46.70 43.29
CA LEU D 37 -3.25 -45.28 42.94
C LEU D 37 -1.84 -44.74 42.95
N ARG D 38 -1.07 -45.09 43.95
CA ARG D 38 0.27 -44.54 44.10
C ARG D 38 1.22 -45.15 43.06
N PRO D 39 1.14 -46.45 42.74
CA PRO D 39 1.89 -46.95 41.57
C PRO D 39 1.50 -46.28 40.26
N VAL D 40 0.20 -46.19 39.96
CA VAL D 40 -0.28 -45.52 38.74
C VAL D 40 0.23 -44.08 38.68
N ALA D 41 0.28 -43.40 39.83
CA ALA D 41 0.78 -42.03 39.87
C ALA D 41 2.30 -41.97 39.67
N VAL D 42 3.04 -42.93 40.20
CA VAL D 42 4.49 -42.98 39.96
C VAL D 42 4.77 -43.12 38.46
N ALA D 43 4.06 -44.02 37.79
CA ALA D 43 4.20 -44.16 36.33
C ALA D 43 3.95 -42.82 35.63
N TRP D 44 2.91 -42.10 36.05
CA TRP D 44 2.58 -40.78 35.50
C TRP D 44 3.77 -39.83 35.63
N ARG D 45 4.35 -39.76 36.83
CA ARG D 45 5.44 -38.83 37.11
C ARG D 45 6.69 -39.09 36.27
N ASP D 46 6.96 -40.34 35.91
CA ASP D 46 8.18 -40.70 35.20
C ASP D 46 8.08 -40.61 33.68
N TYR D 47 6.97 -41.03 33.09
CA TYR D 47 6.92 -41.23 31.64
C TYR D 47 6.17 -40.13 30.91
N VAL D 48 5.17 -39.50 31.53
CA VAL D 48 4.48 -38.39 30.90
C VAL D 48 5.40 -37.18 30.94
N PRO D 49 5.76 -36.57 29.81
CA PRO D 49 6.63 -35.41 29.87
C PRO D 49 5.90 -34.20 30.41
N GLN D 50 6.67 -33.32 31.07
CA GLN D 50 6.07 -32.18 31.76
C GLN D 50 5.17 -31.31 30.90
N PRO D 51 5.59 -30.81 29.74
CA PRO D 51 4.64 -30.09 28.87
C PRO D 51 3.31 -30.79 28.69
N ALA D 52 3.30 -32.12 28.64
CA ALA D 52 2.04 -32.86 28.54
C ALA D 52 1.27 -32.84 29.85
N ARG D 53 1.97 -32.95 30.98
CA ARG D 53 1.30 -33.07 32.26
C ARG D 53 0.53 -31.80 32.62
N ASN D 54 1.21 -30.65 32.67
CA ASN D 54 0.47 -29.42 32.92
C ASN D 54 -0.35 -29.00 31.71
N GLY D 55 -0.01 -29.48 30.51
CA GLY D 55 -0.87 -29.26 29.37
C GLY D 55 -2.22 -29.94 29.52
N LEU D 56 -2.26 -31.07 30.21
CA LEU D 56 -3.50 -31.82 30.39
C LEU D 56 -4.37 -31.22 31.49
N SER D 57 -3.76 -30.79 32.62
CA SER D 57 -4.56 -30.16 33.68
C SER D 57 -4.97 -28.75 33.30
N ASN D 58 -4.22 -28.10 32.43
CA ASN D 58 -4.74 -26.87 31.83
C ASN D 58 -6.02 -27.18 31.08
N PHE D 59 -6.05 -28.30 30.36
CA PHE D 59 -7.22 -28.59 29.53
C PHE D 59 -8.43 -29.02 30.35
N THR D 60 -8.26 -29.89 31.34
CA THR D 60 -9.43 -30.36 32.06
C THR D 60 -10.06 -29.24 32.89
N SER D 61 -9.22 -28.42 33.51
CA SER D 61 -9.69 -27.30 34.31
C SER D 61 -10.33 -26.19 33.49
N ASN D 62 -10.19 -26.21 32.17
CA ASN D 62 -10.87 -25.21 31.36
C ASN D 62 -12.36 -25.46 31.34
N LEU D 63 -12.79 -26.72 31.37
CA LEU D 63 -14.20 -27.02 31.39
C LEU D 63 -14.90 -26.48 32.64
N GLU D 64 -14.17 -26.16 33.69
CA GLU D 64 -14.83 -25.65 34.89
C GLU D 64 -14.96 -24.14 34.91
N GLU D 65 -14.24 -23.44 34.04
CA GLU D 65 -14.22 -21.98 34.09
C GLU D 65 -15.58 -21.33 33.84
N PRO D 66 -16.41 -21.78 32.89
CA PRO D 66 -17.75 -21.18 32.76
C PRO D 66 -18.61 -21.43 33.97
N ALA D 67 -18.47 -22.59 34.60
CA ALA D 67 -19.19 -22.86 35.83
C ALA D 67 -18.74 -21.93 36.95
N VAL D 68 -17.43 -21.68 37.07
CA VAL D 68 -16.95 -20.76 38.11
C VAL D 68 -17.39 -19.33 37.83
N MET D 69 -17.47 -18.95 36.56
CA MET D 69 -17.98 -17.63 36.21
C MET D 69 -19.43 -17.50 36.63
N VAL D 70 -20.25 -18.50 36.28
CA VAL D 70 -21.65 -18.50 36.70
C VAL D 70 -21.73 -18.44 38.21
N ASN D 71 -20.87 -19.19 38.89
CA ASN D 71 -20.96 -19.28 40.33
C ASN D 71 -20.50 -18.02 41.04
N TYR D 72 -19.55 -17.29 40.48
CA TYR D 72 -19.16 -16.05 41.13
C TYR D 72 -20.22 -14.98 40.93
N PHE D 73 -21.01 -15.10 39.86
CA PHE D 73 -22.11 -14.18 39.63
C PHE D 73 -23.18 -14.40 40.70
N LEU D 74 -23.56 -15.66 40.90
CA LEU D 74 -24.48 -16.08 41.95
C LEU D 74 -23.98 -15.76 43.35
N GLN D 75 -22.71 -15.43 43.51
CA GLN D 75 -22.20 -14.96 44.79
C GLN D 75 -22.02 -13.44 44.85
N GLY D 76 -22.43 -12.71 43.82
CA GLY D 76 -22.38 -11.26 43.89
C GLY D 76 -21.01 -10.66 43.68
N ASP D 77 -20.10 -11.38 43.01
CA ASP D 77 -18.76 -10.91 42.68
C ASP D 77 -18.58 -10.88 41.17
N PRO D 78 -19.18 -9.90 40.49
CA PRO D 78 -19.10 -9.88 39.01
C PRO D 78 -17.68 -9.79 38.50
N TYR D 79 -16.79 -9.17 39.27
CA TYR D 79 -15.39 -9.03 38.92
C TYR D 79 -14.71 -10.37 38.71
N LYS D 80 -14.58 -11.14 39.79
CA LYS D 80 -14.00 -12.48 39.67
C LYS D 80 -14.76 -13.34 38.66
N GLY D 81 -16.08 -13.16 38.54
CA GLY D 81 -16.82 -13.92 37.55
C GLY D 81 -16.40 -13.59 36.13
N MET D 82 -16.14 -12.32 35.84
CA MET D 82 -15.66 -11.99 34.52
C MET D 82 -14.17 -12.29 34.39
N VAL D 83 -13.45 -12.40 35.51
CA VAL D 83 -12.06 -12.85 35.46
C VAL D 83 -12.00 -14.26 34.90
N HIS D 84 -12.88 -15.14 35.38
CA HIS D 84 -12.87 -16.52 34.94
C HIS D 84 -13.53 -16.68 33.59
N PHE D 85 -14.47 -15.80 33.22
CA PHE D 85 -14.81 -15.72 31.81
C PHE D 85 -13.56 -15.50 30.98
N THR D 86 -12.79 -14.45 31.30
CA THR D 86 -11.59 -14.13 30.53
C THR D 86 -10.66 -15.32 30.42
N ARG D 87 -10.49 -16.05 31.52
CA ARG D 87 -9.71 -17.30 31.48
C ARG D 87 -10.22 -18.20 30.37
N PHE D 88 -11.51 -18.54 30.43
CA PHE D 88 -12.09 -19.45 29.44
C PHE D 88 -11.94 -18.90 28.03
N PHE D 89 -12.39 -17.67 27.82
CA PHE D 89 -12.31 -17.01 26.52
C PHE D 89 -10.88 -17.00 25.97
N LEU D 90 -9.93 -16.46 26.73
CA LEU D 90 -8.55 -16.38 26.26
C LEU D 90 -7.95 -17.77 26.05
N ASN D 91 -8.16 -18.70 26.98
CA ASN D 91 -7.51 -20.00 26.85
C ASN D 91 -8.16 -20.92 25.84
N THR D 92 -9.47 -20.82 25.61
CA THR D 92 -10.09 -21.69 24.61
C THR D 92 -9.74 -21.23 23.21
N ILE D 93 -9.81 -19.92 22.96
CA ILE D 93 -9.61 -19.37 21.62
C ILE D 93 -8.14 -19.24 21.27
N LEU D 94 -7.37 -18.42 21.98
CA LEU D 94 -5.96 -18.33 21.60
C LEU D 94 -5.19 -19.58 22.01
N GLY D 95 -5.40 -20.06 23.23
CA GLY D 95 -4.61 -21.13 23.83
C GLY D 95 -4.89 -22.58 23.51
N MET D 96 -5.34 -22.86 22.30
CA MET D 96 -5.49 -24.21 21.77
C MET D 96 -6.51 -25.04 22.55
N GLY D 97 -7.69 -24.47 22.77
CA GLY D 97 -8.76 -25.20 23.40
C GLY D 97 -8.53 -25.50 24.86
N GLY D 98 -7.73 -24.70 25.54
CA GLY D 98 -7.45 -24.91 26.93
C GLY D 98 -6.13 -25.58 27.23
N LEU D 99 -5.34 -25.91 26.21
CA LEU D 99 -4.05 -26.53 26.43
C LEU D 99 -3.01 -25.51 26.87
N ILE D 100 -3.12 -24.26 26.44
CA ILE D 100 -2.14 -23.22 26.72
C ILE D 100 -2.79 -22.13 27.57
N ASP D 101 -2.12 -21.76 28.67
CA ASP D 101 -2.62 -20.74 29.59
C ASP D 101 -2.14 -19.34 29.20
N VAL D 102 -2.79 -18.77 28.18
CA VAL D 102 -2.45 -17.39 27.80
C VAL D 102 -2.86 -16.41 28.89
N ALA D 103 -4.00 -16.63 29.53
CA ALA D 103 -4.51 -15.83 30.64
C ALA D 103 -3.78 -16.18 31.93
N GLY D 104 -2.64 -15.54 32.15
CA GLY D 104 -1.80 -15.91 33.28
C GLY D 104 -0.39 -15.60 32.86
N MET D 105 -0.10 -16.00 31.63
CA MET D 105 0.92 -15.33 30.85
C MET D 105 0.49 -13.91 30.54
N ALA D 106 -0.81 -13.66 30.54
CA ALA D 106 -1.36 -12.33 30.25
C ALA D 106 -1.20 -11.38 31.43
N ASN D 107 -2.00 -11.59 32.47
CA ASN D 107 -2.01 -10.84 33.72
C ASN D 107 -1.55 -11.72 34.87
N PRO D 108 -1.09 -11.12 35.98
CA PRO D 108 -1.05 -11.89 37.22
C PRO D 108 -2.44 -12.01 37.86
N GLN D 109 -3.37 -11.11 37.55
CA GLN D 109 -4.75 -11.25 38.03
C GLN D 109 -5.52 -12.33 37.30
N LEU D 110 -4.97 -12.87 36.22
CA LEU D 110 -5.61 -13.99 35.57
C LEU D 110 -4.95 -15.30 35.96
N GLN D 111 -4.01 -15.26 36.90
CA GLN D 111 -3.34 -16.47 37.33
C GLN D 111 -4.40 -17.45 37.78
N ARG D 112 -4.31 -18.68 37.30
CA ARG D 112 -5.20 -19.74 37.72
C ARG D 112 -5.22 -19.88 39.24
N VAL D 113 -6.43 -19.95 39.78
CA VAL D 113 -6.64 -20.33 41.17
C VAL D 113 -7.59 -21.52 41.14
N GLU D 114 -7.68 -22.21 42.28
CA GLU D 114 -8.53 -23.40 42.36
C GLU D 114 -10.01 -23.02 42.34
N PRO D 115 -10.86 -23.81 41.68
CA PRO D 115 -12.21 -23.36 41.33
C PRO D 115 -13.16 -23.21 42.49
N HIS D 116 -14.16 -22.33 42.29
CA HIS D 116 -15.26 -22.08 43.22
C HIS D 116 -16.57 -22.41 42.48
N ARG D 117 -17.10 -23.60 42.72
CA ARG D 117 -18.27 -24.12 42.01
C ARG D 117 -19.52 -24.03 42.89
N PHE D 118 -20.60 -24.71 42.48
CA PHE D 118 -21.86 -24.60 43.20
C PHE D 118 -21.71 -25.01 44.65
N GLY D 119 -20.77 -25.91 44.92
CA GLY D 119 -20.47 -26.28 46.30
C GLY D 119 -20.19 -25.06 47.16
N SER D 120 -19.40 -24.12 46.63
CA SER D 120 -19.08 -22.89 47.35
C SER D 120 -20.25 -21.91 47.39
N THR D 121 -21.08 -21.89 46.34
CA THR D 121 -22.23 -20.99 46.31
C THR D 121 -23.21 -21.36 47.41
N LEU D 122 -23.41 -22.65 47.64
CA LEU D 122 -24.17 -23.11 48.79
C LEU D 122 -23.53 -22.64 50.09
N GLY D 123 -22.23 -22.91 50.25
CA GLY D 123 -21.54 -22.51 51.46
C GLY D 123 -21.34 -21.02 51.62
N HIS D 124 -21.27 -20.28 50.51
CA HIS D 124 -21.28 -18.82 50.65
C HIS D 124 -22.61 -18.34 51.20
N TYR D 125 -23.72 -18.86 50.65
CA TYR D 125 -25.03 -18.46 51.12
C TYR D 125 -25.45 -19.22 52.36
N GLY D 126 -24.48 -19.72 53.11
CA GLY D 126 -24.69 -20.16 54.47
C GLY D 126 -24.96 -21.64 54.68
N VAL D 127 -25.00 -22.45 53.62
CA VAL D 127 -25.48 -23.81 53.77
C VAL D 127 -24.34 -24.67 54.29
N GLY D 128 -24.69 -25.65 55.11
CA GLY D 128 -23.73 -26.57 55.66
C GLY D 128 -23.62 -27.84 54.84
N TYR D 129 -22.67 -28.68 55.23
CA TYR D 129 -22.49 -29.97 54.58
C TYR D 129 -23.44 -30.96 55.22
N GLY D 130 -22.85 -31.94 55.87
CA GLY D 130 -23.54 -32.99 56.58
C GLY D 130 -22.46 -33.79 57.27
N PRO D 131 -22.51 -35.10 57.17
CA PRO D 131 -21.39 -35.89 57.68
C PRO D 131 -20.24 -35.89 56.68
N TYR D 132 -19.04 -35.70 57.18
CA TYR D 132 -17.89 -35.99 56.33
C TYR D 132 -17.81 -37.50 56.17
N VAL D 133 -17.95 -37.98 54.94
CA VAL D 133 -17.87 -39.40 54.66
C VAL D 133 -16.61 -39.67 53.84
N GLN D 134 -16.12 -40.89 53.95
CA GLN D 134 -14.93 -41.31 53.23
C GLN D 134 -15.31 -42.57 52.46
N LEU D 135 -15.18 -42.52 51.15
CA LEU D 135 -15.62 -43.52 50.19
C LEU D 135 -14.43 -44.30 49.65
N PRO D 136 -14.61 -45.59 49.38
CA PRO D 136 -13.54 -46.36 48.78
C PRO D 136 -13.35 -45.97 47.32
N PHE D 137 -12.08 -45.88 46.91
CA PHE D 137 -11.68 -45.51 45.55
C PHE D 137 -12.00 -44.04 45.26
N TYR D 138 -12.94 -43.43 45.98
CA TYR D 138 -13.20 -42.00 45.81
C TYR D 138 -12.30 -41.22 46.76
N GLY D 139 -12.19 -41.66 47.99
CA GLY D 139 -11.60 -40.81 49.00
C GLY D 139 -12.66 -39.95 49.65
N SER D 140 -12.29 -38.75 50.08
CA SER D 140 -13.17 -37.86 50.81
C SER D 140 -14.40 -37.43 50.00
N PHE D 141 -15.52 -37.22 50.70
CA PHE D 141 -16.78 -36.77 50.10
C PHE D 141 -17.63 -36.07 51.15
N THR D 142 -18.13 -34.87 50.83
CA THR D 142 -19.21 -34.24 51.57
C THR D 142 -20.41 -34.04 50.65
N LEU D 143 -21.55 -33.73 51.24
CA LEU D 143 -22.75 -33.53 50.44
C LEU D 143 -22.79 -32.14 49.81
N ARG D 144 -22.40 -31.10 50.55
CA ARG D 144 -22.54 -29.75 50.01
C ARG D 144 -21.59 -29.50 48.84
N ASP D 145 -20.32 -29.89 48.97
CA ASP D 145 -19.33 -29.50 47.98
C ASP D 145 -19.28 -30.51 46.84
N GLU D 146 -18.75 -31.71 47.10
CA GLU D 146 -19.00 -32.83 46.19
C GLU D 146 -20.50 -33.05 46.14
N GLY D 147 -21.03 -33.40 44.98
CA GLY D 147 -22.46 -33.58 44.91
C GLY D 147 -23.23 -32.28 44.81
N GLY D 148 -22.77 -31.22 45.48
CA GLY D 148 -23.24 -29.89 45.15
C GLY D 148 -22.58 -29.29 43.94
N ASP D 149 -21.32 -29.64 43.68
CA ASP D 149 -20.66 -29.25 42.44
C ASP D 149 -21.28 -29.88 41.22
N MET D 150 -22.13 -30.89 41.40
CA MET D 150 -22.77 -31.51 40.25
C MET D 150 -23.79 -30.59 39.61
N ALA D 151 -24.28 -29.60 40.34
CA ALA D 151 -25.18 -28.61 39.74
C ALA D 151 -24.53 -27.98 38.53
N ASP D 152 -23.23 -27.72 38.61
CA ASP D 152 -22.52 -27.19 37.45
C ASP D 152 -22.55 -28.16 36.28
N GLY D 153 -22.98 -29.39 36.48
CA GLY D 153 -23.19 -30.31 35.38
C GLY D 153 -24.43 -30.04 34.54
N LEU D 154 -25.31 -29.14 34.98
CA LEU D 154 -26.59 -28.89 34.32
C LEU D 154 -26.55 -27.78 33.25
N TYR D 155 -25.41 -27.18 32.98
CA TYR D 155 -25.31 -26.06 32.05
C TYR D 155 -23.96 -26.11 31.33
N PRO D 156 -23.82 -25.39 30.21
CA PRO D 156 -22.76 -25.69 29.24
C PRO D 156 -21.32 -25.66 29.73
N VAL D 157 -20.51 -26.16 28.79
CA VAL D 157 -19.19 -26.80 28.83
C VAL D 157 -19.21 -28.05 29.72
N LEU D 158 -19.53 -27.96 31.01
CA LEU D 158 -19.54 -29.20 31.79
C LEU D 158 -20.73 -30.07 31.44
N SER D 159 -21.78 -29.47 30.88
CA SER D 159 -22.97 -30.19 30.45
C SER D 159 -22.72 -31.02 29.20
N TRP D 160 -21.67 -30.71 28.45
CA TRP D 160 -21.42 -31.37 27.17
C TRP D 160 -20.53 -32.60 27.32
N LEU D 161 -20.18 -32.96 28.55
CA LEU D 161 -19.30 -34.08 28.80
C LEU D 161 -20.11 -35.37 28.94
N THR D 162 -19.86 -36.32 28.04
CA THR D 162 -20.48 -37.62 28.17
C THR D 162 -19.96 -38.27 29.45
N TRP D 163 -20.72 -39.23 29.99
CA TRP D 163 -20.29 -39.84 31.24
C TRP D 163 -18.96 -40.60 31.12
N PRO D 164 -18.57 -41.14 29.97
CA PRO D 164 -17.16 -41.55 29.86
C PRO D 164 -16.20 -40.38 30.01
N MET D 165 -16.50 -39.22 29.42
CA MET D 165 -15.57 -38.10 29.52
C MET D 165 -15.38 -37.64 30.96
N SER D 166 -16.42 -37.71 31.78
CA SER D 166 -16.31 -37.31 33.19
C SER D 166 -15.40 -38.24 33.95
N ILE D 167 -15.57 -39.56 33.79
CA ILE D 167 -14.70 -40.46 34.52
C ILE D 167 -13.25 -40.34 34.06
N GLY D 168 -13.03 -39.89 32.83
CA GLY D 168 -11.68 -39.69 32.35
C GLY D 168 -11.05 -38.45 32.95
N LYS D 169 -11.83 -37.38 32.96
CA LYS D 169 -11.40 -36.15 33.60
C LYS D 169 -11.15 -36.37 35.09
N TRP D 170 -12.02 -37.14 35.75
CA TRP D 170 -11.80 -37.52 37.15
C TRP D 170 -10.45 -38.21 37.30
N ALA D 171 -10.17 -39.19 36.43
CA ALA D 171 -8.97 -40.02 36.54
C ALA D 171 -7.70 -39.23 36.20
N VAL D 172 -7.72 -38.48 35.11
CA VAL D 172 -6.55 -37.71 34.70
C VAL D 172 -6.18 -36.69 35.76
N GLU D 173 -7.18 -35.93 36.22
CA GLU D 173 -6.98 -35.06 37.36
C GLU D 173 -6.53 -35.85 38.58
N GLY D 174 -7.16 -37.00 38.82
CA GLY D 174 -6.80 -37.78 40.00
C GLY D 174 -5.34 -38.20 40.02
N ILE D 175 -4.86 -38.73 38.88
CA ILE D 175 -3.48 -39.18 38.81
C ILE D 175 -2.53 -38.00 38.95
N GLU D 176 -2.92 -36.83 38.43
CA GLU D 176 -2.06 -35.66 38.54
C GLU D 176 -1.92 -35.18 39.98
N THR D 177 -3.04 -34.89 40.65
CA THR D 177 -3.00 -34.50 42.06
C THR D 177 -2.25 -35.52 42.90
N ARG D 178 -2.52 -36.80 42.65
CA ARG D 178 -1.89 -37.87 43.44
C ARG D 178 -0.38 -37.86 43.28
N ALA D 179 0.13 -37.46 42.10
CA ALA D 179 1.58 -37.30 41.95
C ALA D 179 2.09 -36.06 42.68
N GLN D 180 1.35 -34.95 42.60
CA GLN D 180 1.73 -33.71 43.26
C GLN D 180 1.67 -33.77 44.78
N LEU D 181 1.76 -34.97 45.32
CA LEU D 181 1.80 -35.17 46.75
C LEU D 181 2.84 -36.20 47.11
N LEU D 182 3.56 -36.75 46.12
CA LEU D 182 4.50 -37.85 46.33
C LEU D 182 5.64 -37.48 47.25
N ASP D 183 5.83 -36.20 47.57
CA ASP D 183 6.89 -35.79 48.48
C ASP D 183 6.41 -35.81 49.93
N SER D 184 5.36 -35.05 50.23
CA SER D 184 4.69 -35.08 51.52
C SER D 184 3.96 -36.41 51.76
N ASP D 185 4.36 -37.44 51.00
CA ASP D 185 3.77 -38.77 51.15
C ASP D 185 3.78 -39.21 52.60
N GLY D 186 4.98 -39.26 53.18
CA GLY D 186 5.20 -39.70 54.54
C GLY D 186 4.70 -38.73 55.60
N LEU D 187 4.54 -37.46 55.26
CA LEU D 187 4.07 -36.48 56.22
C LEU D 187 2.70 -36.83 56.77
N LEU D 188 1.90 -37.57 56.01
CA LEU D 188 0.68 -38.18 56.54
C LEU D 188 0.94 -39.53 57.20
N ARG D 189 1.86 -40.34 56.64
CA ARG D 189 2.26 -41.63 57.21
C ARG D 189 3.05 -41.49 58.50
N GLN D 190 3.36 -40.26 58.90
CA GLN D 190 4.14 -40.00 60.09
C GLN D 190 3.36 -39.13 61.08
N SER D 191 2.10 -39.47 61.31
CA SER D 191 1.28 -38.79 62.30
C SER D 191 0.43 -39.83 63.01
N SER D 192 0.18 -39.59 64.30
CA SER D 192 -0.44 -40.61 65.16
C SER D 192 -1.81 -41.03 64.62
N ASP D 193 -2.62 -40.07 64.19
CA ASP D 193 -3.95 -40.35 63.63
C ASP D 193 -3.98 -39.71 62.24
N PRO D 194 -3.53 -40.42 61.21
CA PRO D 194 -3.52 -39.84 59.86
C PRO D 194 -4.89 -39.73 59.22
N TYR D 195 -5.93 -40.32 59.81
CA TYR D 195 -7.29 -40.07 59.33
C TYR D 195 -7.76 -38.68 59.73
N ILE D 196 -7.40 -38.23 60.92
CA ILE D 196 -7.89 -36.94 61.38
C ILE D 196 -7.10 -35.78 60.81
N LEU D 197 -5.87 -36.01 60.37
CA LEU D 197 -5.14 -34.98 59.64
C LEU D 197 -5.71 -34.81 58.25
N MET D 198 -6.12 -35.92 57.65
CA MET D 198 -6.68 -35.93 56.31
C MET D 198 -8.09 -35.35 56.27
N ARG D 199 -8.81 -35.39 57.37
CA ARG D 199 -10.14 -34.79 57.43
C ARG D 199 -10.07 -33.34 57.85
N GLU D 200 -9.05 -32.97 58.61
CA GLU D 200 -8.83 -31.58 58.95
C GLU D 200 -8.20 -30.80 57.80
N ALA D 201 -7.40 -31.47 56.97
CA ALA D 201 -6.90 -30.84 55.75
C ALA D 201 -8.02 -30.64 54.72
N TYR D 202 -9.04 -31.51 54.73
CA TYR D 202 -10.16 -31.36 53.82
C TYR D 202 -10.99 -30.13 54.16
N PHE D 203 -11.26 -29.93 55.45
CA PHE D 203 -12.09 -28.82 55.90
C PHE D 203 -11.32 -27.51 55.86
N GLN D 204 -10.00 -27.55 56.04
CA GLN D 204 -9.18 -26.37 55.79
C GLN D 204 -9.36 -25.87 54.36
N ARG D 205 -9.25 -26.78 53.39
CA ARG D 205 -9.31 -26.37 51.98
C ARG D 205 -10.73 -26.01 51.55
N HIS D 206 -11.72 -26.78 51.99
CA HIS D 206 -13.08 -26.58 51.46
C HIS D 206 -13.80 -25.39 52.08
N ASP D 207 -13.48 -25.01 53.32
CA ASP D 207 -14.01 -23.79 53.94
C ASP D 207 -13.34 -22.53 53.40
N PHE D 208 -12.01 -22.58 53.28
CA PHE D 208 -11.24 -21.46 52.74
C PHE D 208 -11.86 -20.96 51.44
N ILE D 209 -12.31 -21.89 50.60
CA ILE D 209 -12.87 -21.55 49.30
C ILE D 209 -14.19 -20.79 49.44
N ALA D 210 -15.11 -21.28 50.27
CA ALA D 210 -16.43 -20.66 50.31
C ALA D 210 -16.41 -19.29 50.97
N ASN D 211 -15.48 -19.07 51.89
CA ASN D 211 -15.40 -17.80 52.63
C ASN D 211 -14.26 -16.89 52.19
N ALA E 1 13.65 -1.60 6.60
CA ALA E 1 12.53 -2.47 6.87
C ALA E 1 11.98 -2.23 8.26
N GLU E 2 12.80 -2.28 9.32
CA GLU E 2 12.29 -1.88 10.63
C GLU E 2 12.29 -0.36 10.67
N ILE E 3 11.09 0.21 10.68
CA ILE E 3 10.89 1.65 10.64
C ILE E 3 10.18 2.17 11.87
N TYR E 4 9.87 1.33 12.83
CA TYR E 4 9.27 1.78 14.08
C TYR E 4 9.65 0.79 15.15
N ASN E 5 10.09 1.28 16.30
CA ASN E 5 10.47 0.41 17.40
C ASN E 5 10.44 1.23 18.69
N LYS E 6 9.34 1.15 19.43
CA LYS E 6 9.14 2.02 20.58
C LYS E 6 8.01 1.45 21.43
N ASP E 7 8.22 1.43 22.74
CA ASP E 7 7.25 0.90 23.70
C ASP E 7 6.91 -0.54 23.35
N GLY E 8 7.95 -1.34 23.15
CA GLY E 8 7.82 -2.76 22.89
C GLY E 8 7.08 -3.17 21.62
N ASN E 9 6.56 -2.23 20.84
CA ASN E 9 6.02 -2.56 19.52
C ASN E 9 7.04 -2.14 18.46
N LYS E 10 7.36 -3.06 17.55
CA LYS E 10 8.27 -2.78 16.44
C LYS E 10 7.58 -3.20 15.14
N VAL E 11 7.77 -2.43 14.08
CA VAL E 11 7.04 -2.60 12.82
C VAL E 11 8.04 -2.65 11.68
N ASP E 12 8.00 -3.74 10.91
CA ASP E 12 8.90 -3.92 9.78
C ASP E 12 8.10 -3.74 8.48
N LEU E 13 8.31 -2.61 7.80
CA LEU E 13 7.70 -2.33 6.50
C LEU E 13 8.69 -2.71 5.41
N TYR E 14 8.41 -3.78 4.68
CA TYR E 14 9.37 -4.33 3.75
C TYR E 14 8.80 -4.38 2.34
N GLY E 15 9.69 -4.47 1.37
CA GLY E 15 9.23 -4.56 0.00
C GLY E 15 10.34 -4.90 -0.96
N LYS E 16 9.95 -5.07 -2.22
CA LYS E 16 10.95 -5.16 -3.27
C LYS E 16 10.36 -4.67 -4.58
N ALA E 17 11.26 -4.31 -5.49
CA ALA E 17 10.91 -3.95 -6.85
C ALA E 17 11.74 -4.82 -7.75
N VAL E 18 11.08 -5.67 -8.53
CA VAL E 18 11.74 -6.66 -9.35
C VAL E 18 11.42 -6.35 -10.80
N GLY E 19 12.42 -5.94 -11.55
CA GLY E 19 12.28 -5.87 -12.99
C GLY E 19 12.52 -7.25 -13.57
N LEU E 20 11.50 -7.88 -14.13
CA LEU E 20 11.61 -9.25 -14.61
C LEU E 20 11.31 -9.36 -16.08
N HIS E 21 12.03 -10.23 -16.76
CA HIS E 21 11.71 -10.57 -18.12
C HIS E 21 11.86 -12.06 -18.32
N TYR E 22 10.95 -12.64 -19.12
CA TYR E 22 10.98 -14.05 -19.48
C TYR E 22 11.29 -14.18 -20.96
N PHE E 23 12.20 -15.10 -21.29
CA PHE E 23 12.50 -15.43 -22.66
C PHE E 23 12.06 -16.86 -22.93
N SER E 24 11.21 -17.03 -23.94
CA SER E 24 10.71 -18.32 -24.38
C SER E 24 10.41 -18.24 -25.87
N LYS E 25 10.39 -19.40 -26.51
CA LYS E 25 10.24 -19.45 -27.97
C LYS E 25 8.89 -18.90 -28.40
N GLY E 26 8.91 -18.06 -29.43
CA GLY E 26 7.69 -17.56 -30.02
C GLY E 26 6.93 -16.69 -29.05
N ASN E 27 5.61 -16.87 -29.01
CA ASN E 27 4.75 -16.10 -28.11
C ASN E 27 4.84 -16.57 -26.68
N GLY E 28 5.39 -17.75 -26.46
CA GLY E 28 5.50 -18.30 -25.14
C GLY E 28 4.34 -19.14 -24.67
N GLU E 29 3.36 -19.45 -25.53
CA GLU E 29 2.21 -20.23 -25.08
C GLU E 29 2.63 -21.63 -24.63
N ASN E 30 3.64 -22.20 -25.28
CA ASN E 30 4.14 -23.55 -25.04
C ASN E 30 5.37 -23.56 -24.15
N SER E 31 5.44 -22.67 -23.15
CA SER E 31 6.63 -22.50 -22.33
C SER E 31 6.44 -23.05 -20.93
N TYR E 32 7.57 -23.26 -20.25
CA TYR E 32 7.49 -23.56 -18.83
C TYR E 32 6.89 -22.38 -18.09
N GLY E 33 7.34 -21.17 -18.41
CA GLY E 33 6.91 -20.00 -17.67
C GLY E 33 6.28 -18.87 -18.44
N GLY E 34 6.29 -18.94 -19.76
CA GLY E 34 5.75 -17.87 -20.58
C GLY E 34 6.83 -16.92 -21.04
N ASN E 35 6.39 -15.82 -21.61
CA ASN E 35 7.32 -14.92 -22.27
C ASN E 35 6.81 -13.49 -22.23
N GLY E 36 7.72 -12.55 -21.97
CA GLY E 36 7.48 -11.12 -21.95
C GLY E 36 7.91 -10.51 -20.63
N ASP E 37 7.32 -9.35 -20.32
CA ASP E 37 7.65 -8.62 -19.10
C ASP E 37 6.99 -9.28 -17.89
N MET E 38 7.75 -9.44 -16.81
CA MET E 38 7.26 -10.11 -15.62
C MET E 38 7.47 -9.29 -14.36
N THR E 39 7.78 -8.01 -14.49
CA THR E 39 8.09 -7.12 -13.38
C THR E 39 6.94 -6.99 -12.40
N TYR E 40 7.26 -7.00 -11.11
CA TYR E 40 6.29 -6.84 -10.04
C TYR E 40 6.92 -6.13 -8.87
N ALA E 41 6.08 -5.71 -7.93
CA ALA E 41 6.53 -5.08 -6.70
C ALA E 41 5.92 -5.84 -5.55
N ARG E 42 6.43 -5.60 -4.35
CA ARG E 42 5.90 -6.31 -3.20
C ARG E 42 5.97 -5.40 -1.98
N LEU E 43 4.93 -5.40 -1.16
CA LEU E 43 4.88 -4.57 0.04
C LEU E 43 4.28 -5.37 1.17
N GLY E 44 4.72 -5.07 2.38
CA GLY E 44 4.14 -5.75 3.51
C GLY E 44 4.64 -5.14 4.79
N PHE E 45 4.01 -5.55 5.89
CA PHE E 45 4.52 -5.24 7.22
C PHE E 45 4.55 -6.50 8.06
N LYS E 46 5.58 -6.60 8.88
CA LYS E 46 5.69 -7.59 9.94
C LYS E 46 5.73 -6.80 11.22
N GLY E 47 4.74 -6.97 12.06
CA GLY E 47 4.66 -6.29 13.33
C GLY E 47 4.76 -7.31 14.44
N GLU E 48 5.27 -6.85 15.58
CA GLU E 48 5.64 -7.75 16.68
C GLU E 48 5.71 -6.91 17.94
N THR E 49 4.90 -7.24 18.94
CA THR E 49 4.89 -6.46 20.16
C THR E 49 5.25 -7.35 21.35
N GLN E 50 6.11 -6.84 22.22
CA GLN E 50 6.53 -7.56 23.41
C GLN E 50 5.52 -7.21 24.49
N ILE E 51 4.53 -8.07 24.68
CA ILE E 51 3.52 -7.81 25.70
C ILE E 51 4.13 -7.95 27.08
N ASN E 52 4.86 -9.04 27.32
CA ASN E 52 5.59 -9.23 28.56
C ASN E 52 6.62 -10.33 28.34
N SER E 53 7.27 -10.76 29.41
CA SER E 53 8.39 -11.68 29.31
C SER E 53 8.00 -12.99 28.64
N ASP E 54 6.71 -13.34 28.64
CA ASP E 54 6.25 -14.54 27.96
C ASP E 54 5.54 -14.28 26.64
N LEU E 55 4.83 -13.17 26.51
CA LEU E 55 3.92 -12.97 25.40
C LEU E 55 4.47 -12.00 24.38
N THR E 56 4.54 -12.47 23.14
CA THR E 56 4.81 -11.63 21.98
C THR E 56 3.64 -11.76 21.03
N GLY E 57 2.93 -10.68 20.84
CA GLY E 57 1.91 -10.64 19.84
C GLY E 57 2.49 -10.20 18.52
N TYR E 58 1.92 -10.73 17.43
CA TYR E 58 2.46 -10.45 16.11
C TYR E 58 1.34 -10.43 15.08
N GLY E 59 1.61 -9.71 14.00
CA GLY E 59 0.72 -9.66 12.85
C GLY E 59 1.53 -9.30 11.63
N GLN E 60 1.01 -9.66 10.46
CA GLN E 60 1.75 -9.52 9.21
C GLN E 60 0.81 -9.54 8.02
N TRP E 61 1.10 -8.70 7.03
CA TRP E 61 0.33 -8.56 5.80
C TRP E 61 1.26 -8.31 4.62
N GLU E 62 0.95 -8.90 3.47
CA GLU E 62 1.86 -8.81 2.34
C GLU E 62 1.14 -8.85 1.00
N TYR E 63 1.40 -7.88 0.13
CA TYR E 63 0.68 -7.75 -1.13
C TYR E 63 1.62 -7.87 -2.31
N ASN E 64 1.06 -8.27 -3.45
CA ASN E 64 1.78 -8.38 -4.73
C ASN E 64 1.15 -7.42 -5.73
N PHE E 65 1.91 -6.41 -6.13
CA PHE E 65 1.54 -5.46 -7.18
C PHE E 65 2.28 -5.82 -8.48
N GLN E 66 1.53 -6.10 -9.56
CA GLN E 66 2.15 -6.43 -10.84
C GLN E 66 2.60 -5.19 -11.59
N GLY E 67 3.84 -5.20 -12.06
CA GLY E 67 4.34 -4.15 -12.90
C GLY E 67 4.10 -4.35 -14.39
N ASN E 68 3.60 -5.52 -14.78
CA ASN E 68 3.40 -5.82 -16.19
C ASN E 68 1.97 -5.63 -16.69
N ASN E 69 1.12 -4.89 -15.97
CA ASN E 69 -0.21 -4.54 -16.46
C ASN E 69 -0.22 -3.11 -16.99
N SER E 70 -1.15 -2.83 -17.89
CA SER E 70 -1.29 -1.46 -18.37
C SER E 70 -2.04 -0.65 -17.33
N GLU E 71 -2.11 0.66 -17.53
CA GLU E 71 -2.89 1.46 -16.58
C GLU E 71 -4.40 1.47 -16.88
N GLY E 72 -4.86 0.70 -17.86
CA GLY E 72 -6.25 0.62 -18.23
C GLY E 72 -6.96 -0.57 -17.61
N ALA E 73 -7.77 -1.23 -18.43
CA ALA E 73 -8.72 -2.23 -17.94
C ALA E 73 -8.03 -3.36 -17.19
N ASP E 74 -6.84 -3.74 -17.62
CA ASP E 74 -6.18 -4.90 -17.03
C ASP E 74 -5.40 -4.56 -15.76
N ALA E 75 -5.52 -3.32 -15.26
CA ALA E 75 -4.58 -2.82 -14.26
C ALA E 75 -4.44 -3.72 -13.05
N GLN E 76 -5.50 -4.42 -12.66
CA GLN E 76 -5.49 -5.19 -11.42
C GLN E 76 -5.07 -6.65 -11.61
N THR E 77 -4.70 -7.05 -12.82
CA THR E 77 -4.43 -8.46 -13.12
C THR E 77 -3.21 -8.95 -12.37
N GLY E 78 -3.40 -9.97 -11.53
CA GLY E 78 -2.31 -10.53 -10.79
C GLY E 78 -2.06 -9.87 -9.47
N ASN E 79 -2.66 -8.70 -9.24
CA ASN E 79 -2.62 -8.11 -7.92
C ASN E 79 -3.41 -8.95 -6.94
N LYS E 80 -2.82 -9.16 -5.77
CA LYS E 80 -3.38 -9.99 -4.72
C LYS E 80 -2.64 -9.67 -3.44
N THR E 81 -3.37 -9.74 -2.34
CA THR E 81 -2.77 -9.85 -1.02
C THR E 81 -2.36 -11.32 -0.81
N ARG E 82 -1.10 -11.52 -0.41
CA ARG E 82 -0.50 -12.84 -0.28
C ARG E 82 -0.70 -13.43 1.11
N LEU E 83 -0.40 -12.66 2.14
CA LEU E 83 -0.49 -13.07 3.53
C LEU E 83 -1.20 -12.00 4.34
N ALA E 84 -2.01 -12.43 5.30
CA ALA E 84 -2.67 -11.52 6.22
C ALA E 84 -3.12 -12.33 7.42
N PHE E 85 -2.39 -12.21 8.53
CA PHE E 85 -2.70 -12.99 9.72
C PHE E 85 -2.13 -12.27 10.94
N ALA E 86 -2.65 -12.64 12.09
CA ALA E 86 -2.19 -12.16 13.39
C ALA E 86 -2.09 -13.35 14.34
N GLY E 87 -1.39 -13.18 15.46
CA GLY E 87 -1.17 -14.32 16.34
C GLY E 87 -0.55 -13.96 17.68
N LEU E 88 -0.28 -15.01 18.48
CA LEU E 88 0.33 -14.90 19.80
C LEU E 88 1.45 -15.93 19.95
N LYS E 89 2.55 -15.55 20.61
CA LYS E 89 3.66 -16.45 20.89
C LYS E 89 3.94 -16.50 22.40
N TYR E 90 4.02 -17.71 22.96
CA TYR E 90 4.25 -17.96 24.39
C TYR E 90 5.66 -18.47 24.66
N ALA E 91 6.35 -17.86 25.63
CA ALA E 91 7.65 -18.31 26.12
C ALA E 91 7.81 -19.83 26.08
N ASP E 92 8.55 -20.32 25.08
CA ASP E 92 8.89 -21.73 24.82
C ASP E 92 7.76 -22.68 25.20
N VAL E 93 6.61 -22.48 24.57
CA VAL E 93 5.33 -23.13 24.83
C VAL E 93 4.61 -23.17 23.49
N GLY E 94 5.03 -22.31 22.58
CA GLY E 94 4.61 -22.29 21.20
C GLY E 94 4.03 -20.99 20.69
N SER E 95 3.27 -21.08 19.60
CA SER E 95 2.79 -19.89 18.92
C SER E 95 1.46 -20.24 18.28
N PHE E 96 0.66 -19.22 18.05
CA PHE E 96 -0.64 -19.48 17.43
C PHE E 96 -1.08 -18.28 16.62
N ASP E 97 -1.34 -18.50 15.35
CA ASP E 97 -1.74 -17.42 14.46
C ASP E 97 -2.81 -17.92 13.51
N TYR E 98 -3.77 -17.06 13.24
CA TYR E 98 -4.88 -17.32 12.34
C TYR E 98 -4.94 -16.25 11.26
N GLY E 99 -5.33 -16.68 10.08
CA GLY E 99 -5.50 -15.81 8.95
C GLY E 99 -5.20 -16.55 7.67
N ARG E 100 -4.70 -15.79 6.71
CA ARG E 100 -4.15 -16.31 5.47
C ARG E 100 -2.65 -16.47 5.64
N ASN E 101 -2.17 -17.70 5.54
CA ASN E 101 -0.80 -18.01 5.91
C ASN E 101 -0.39 -19.22 5.10
N TYR E 102 0.87 -19.62 5.23
CA TYR E 102 1.40 -20.75 4.50
C TYR E 102 0.81 -22.05 5.03
N GLY E 103 0.42 -22.96 4.13
CA GLY E 103 -0.06 -24.25 4.54
C GLY E 103 1.05 -25.14 5.09
N VAL E 104 0.67 -26.15 5.88
CA VAL E 104 1.69 -26.83 6.69
C VAL E 104 2.63 -27.68 5.85
N VAL E 105 2.14 -28.27 4.75
CA VAL E 105 2.98 -29.11 3.90
C VAL E 105 4.12 -28.31 3.28
N TYR E 106 4.04 -26.98 3.30
CA TYR E 106 5.18 -26.16 2.91
C TYR E 106 6.32 -26.25 3.91
N ASP E 107 6.05 -26.62 5.16
CA ASP E 107 7.13 -26.81 6.12
C ASP E 107 8.16 -27.82 5.64
N ALA E 108 7.79 -28.68 4.69
CA ALA E 108 8.71 -29.61 4.04
C ALA E 108 9.11 -29.17 2.63
N LEU E 109 8.16 -28.65 1.86
CA LEU E 109 8.43 -28.25 0.49
C LEU E 109 9.34 -27.04 0.41
N GLY E 110 9.43 -26.26 1.49
CA GLY E 110 10.35 -25.13 1.54
C GLY E 110 11.79 -25.53 1.40
N TYR E 111 12.13 -26.78 1.76
CA TYR E 111 13.50 -27.26 1.65
C TYR E 111 14.06 -27.02 0.25
N THR E 112 13.28 -27.34 -0.79
CA THR E 112 13.75 -27.20 -2.15
C THR E 112 13.30 -25.92 -2.86
N ASP E 113 12.47 -25.08 -2.24
CA ASP E 113 11.96 -23.87 -2.91
C ASP E 113 12.94 -22.71 -2.72
N MET E 114 14.08 -22.84 -3.40
CA MET E 114 15.23 -21.97 -3.21
C MET E 114 15.76 -21.45 -4.52
N LEU E 115 15.02 -21.60 -5.60
CA LEU E 115 15.49 -21.24 -6.92
C LEU E 115 15.43 -19.74 -7.14
N PRO E 116 16.15 -19.22 -8.14
CA PRO E 116 16.19 -17.76 -8.34
C PRO E 116 14.87 -17.20 -8.80
N GLU E 117 14.16 -17.89 -9.68
CA GLU E 117 12.85 -17.40 -10.05
C GLU E 117 11.84 -18.55 -9.95
N PHE E 118 12.16 -19.71 -10.52
CA PHE E 118 11.18 -20.79 -10.54
C PHE E 118 11.35 -21.80 -9.41
N GLY E 119 11.17 -23.08 -9.71
CA GLY E 119 11.20 -24.13 -8.69
C GLY E 119 10.04 -24.07 -7.72
N GLY E 120 10.05 -25.02 -6.79
CA GLY E 120 8.93 -25.10 -5.86
C GLY E 120 7.61 -25.28 -6.57
N ASP E 121 7.60 -26.06 -7.65
CA ASP E 121 6.42 -26.18 -8.50
C ASP E 121 5.23 -26.82 -7.81
N THR E 122 5.45 -27.58 -6.73
CA THR E 122 4.35 -28.25 -6.07
C THR E 122 3.69 -27.41 -5.00
N ALA E 123 4.23 -26.24 -4.68
CA ALA E 123 3.69 -25.42 -3.60
C ALA E 123 2.64 -24.45 -4.15
N TYR E 124 1.59 -25.03 -4.73
CA TYR E 124 0.55 -24.25 -5.38
C TYR E 124 -0.15 -23.37 -4.35
N SER E 125 -0.49 -22.16 -4.76
CA SER E 125 -1.31 -21.28 -3.94
C SER E 125 -2.75 -21.75 -4.00
N ASP E 126 -3.45 -21.61 -2.87
CA ASP E 126 -4.86 -21.97 -2.78
C ASP E 126 -5.06 -23.43 -3.20
N ASP E 127 -4.34 -24.33 -2.54
CA ASP E 127 -4.36 -25.74 -2.91
C ASP E 127 -4.17 -26.56 -1.64
N PHE E 128 -5.11 -26.43 -0.71
CA PHE E 128 -5.08 -27.14 0.56
C PHE E 128 -3.80 -26.74 1.29
N PHE E 129 -2.89 -27.65 1.58
CA PHE E 129 -1.84 -27.37 2.56
C PHE E 129 -0.46 -27.09 1.96
N VAL E 130 -0.31 -27.02 0.63
CA VAL E 130 1.01 -26.88 0.03
C VAL E 130 1.42 -25.44 -0.23
N GLY E 131 0.49 -24.49 -0.14
CA GLY E 131 0.87 -23.11 -0.33
C GLY E 131 0.16 -22.13 0.58
N ARG E 132 0.18 -20.86 0.21
CA ARG E 132 -0.55 -19.86 0.97
C ARG E 132 -2.04 -20.07 0.77
N VAL E 133 -2.80 -20.12 1.86
CA VAL E 133 -4.22 -20.40 1.75
C VAL E 133 -4.89 -19.60 2.86
N GLY E 134 -6.14 -19.26 2.64
CA GLY E 134 -6.89 -18.44 3.58
C GLY E 134 -7.62 -19.26 4.63
N GLY E 135 -7.65 -18.73 5.85
CA GLY E 135 -8.46 -19.27 6.92
C GLY E 135 -7.84 -20.47 7.60
N VAL E 136 -6.58 -20.35 7.97
CA VAL E 136 -5.89 -21.40 8.71
C VAL E 136 -5.52 -20.89 10.10
N ALA E 137 -5.73 -21.76 11.08
CA ALA E 137 -5.21 -21.62 12.42
C ALA E 137 -4.05 -22.58 12.59
N THR E 138 -2.96 -22.11 13.19
CA THR E 138 -1.71 -22.86 13.23
C THR E 138 -1.12 -22.85 14.63
N TYR E 139 -0.97 -24.03 15.24
CA TYR E 139 -0.11 -24.16 16.41
C TYR E 139 1.26 -24.59 15.93
N ARG E 140 2.30 -23.92 16.40
CA ARG E 140 3.67 -24.33 16.16
C ARG E 140 4.43 -24.28 17.46
N ASN E 141 5.39 -25.18 17.60
CA ASN E 141 6.27 -25.18 18.75
C ASN E 141 7.69 -25.51 18.32
N SER E 142 8.63 -24.66 18.74
CA SER E 142 10.04 -24.81 18.45
C SER E 142 10.80 -25.31 19.66
N ASN E 143 11.77 -26.19 19.40
CA ASN E 143 12.61 -26.81 20.43
C ASN E 143 11.75 -27.53 21.46
N PHE E 144 10.67 -28.15 20.99
CA PHE E 144 9.77 -28.98 21.78
C PHE E 144 9.60 -28.55 23.23
N PHE E 145 9.03 -27.36 23.44
CA PHE E 145 8.70 -26.86 24.76
C PHE E 145 9.96 -26.62 25.59
N GLY E 146 11.03 -26.20 24.92
CA GLY E 146 12.30 -25.95 25.56
C GLY E 146 13.12 -27.18 25.85
N LEU E 147 12.54 -28.37 25.71
CA LEU E 147 13.26 -29.60 26.03
C LEU E 147 14.17 -30.02 24.89
N VAL E 148 13.59 -30.55 23.82
CA VAL E 148 14.35 -31.11 22.71
C VAL E 148 14.83 -30.00 21.80
N ASP E 149 16.14 -29.91 21.61
CA ASP E 149 16.73 -28.82 20.86
C ASP E 149 16.71 -29.13 19.37
N GLY E 150 16.23 -28.17 18.58
CA GLY E 150 16.17 -28.32 17.14
C GLY E 150 15.01 -29.12 16.61
N LEU E 151 14.10 -29.54 17.48
CA LEU E 151 12.95 -30.34 17.08
C LEU E 151 11.73 -29.45 17.05
N ASN E 152 11.22 -29.19 15.86
CA ASN E 152 10.01 -28.41 15.72
C ASN E 152 8.88 -29.29 15.23
N PHE E 153 7.68 -28.96 15.66
CA PHE E 153 6.50 -29.54 15.07
C PHE E 153 5.50 -28.42 14.86
N ALA E 154 4.41 -28.74 14.19
CA ALA E 154 3.35 -27.79 13.93
C ALA E 154 2.10 -28.57 13.54
N VAL E 155 0.94 -28.08 13.97
CA VAL E 155 -0.36 -28.65 13.64
C VAL E 155 -1.30 -27.53 13.22
N GLN E 156 -2.09 -27.77 12.18
CA GLN E 156 -2.82 -26.70 11.49
C GLN E 156 -4.23 -27.14 11.16
N TYR E 157 -5.17 -26.18 11.17
CA TYR E 157 -6.56 -26.43 10.84
C TYR E 157 -6.99 -25.61 9.62
N LEU E 158 -7.74 -26.23 8.72
CA LEU E 158 -8.12 -25.58 7.47
C LEU E 158 -9.62 -25.39 7.46
N GLY E 159 -10.10 -24.15 7.56
CA GLY E 159 -11.53 -23.90 7.45
C GLY E 159 -11.98 -23.90 6.00
N LYS E 160 -13.11 -24.56 5.74
CA LYS E 160 -13.60 -24.66 4.36
C LYS E 160 -13.71 -23.27 3.77
N ASN E 161 -13.31 -23.14 2.52
CA ASN E 161 -13.53 -21.92 1.75
C ASN E 161 -14.25 -22.38 0.48
N GLU E 162 -15.57 -22.29 0.50
CA GLU E 162 -16.36 -22.63 -0.69
C GLU E 162 -16.40 -21.39 -1.57
N ARG E 163 -15.50 -21.33 -2.56
CA ARG E 163 -15.33 -20.20 -3.45
C ARG E 163 -16.08 -20.43 -4.76
N ASP E 164 -15.86 -19.54 -5.74
CA ASP E 164 -16.61 -19.61 -6.98
C ASP E 164 -16.04 -20.63 -7.95
N THR E 165 -14.73 -20.82 -7.96
CA THR E 165 -14.07 -21.79 -8.81
C THR E 165 -13.65 -23.01 -8.01
N ALA E 166 -13.75 -24.19 -8.63
CA ALA E 166 -13.25 -25.40 -7.99
C ALA E 166 -11.78 -25.27 -7.61
N ARG E 167 -10.98 -24.61 -8.44
CA ARG E 167 -9.54 -24.54 -8.25
C ARG E 167 -9.16 -23.99 -6.89
N ARG E 168 -9.84 -22.92 -6.45
CA ARG E 168 -9.46 -22.18 -5.27
C ARG E 168 -10.28 -22.57 -4.04
N SER E 169 -11.24 -23.47 -4.19
CA SER E 169 -12.10 -23.86 -3.08
C SER E 169 -11.45 -24.97 -2.27
N ASN E 170 -12.01 -25.21 -1.09
CA ASN E 170 -11.55 -26.33 -0.27
C ASN E 170 -12.54 -26.50 0.88
N GLY E 171 -12.54 -27.69 1.46
CA GLY E 171 -13.37 -28.00 2.61
C GLY E 171 -12.58 -27.97 3.90
N ASP E 172 -13.25 -28.40 4.96
CA ASP E 172 -12.57 -28.50 6.25
C ASP E 172 -11.45 -29.53 6.17
N GLY E 173 -10.38 -29.28 6.92
CA GLY E 173 -9.24 -30.16 6.91
C GLY E 173 -8.30 -29.86 8.05
N VAL E 174 -7.25 -30.68 8.14
CA VAL E 174 -6.28 -30.58 9.22
C VAL E 174 -4.98 -31.21 8.75
N GLY E 175 -3.86 -30.71 9.28
CA GLY E 175 -2.58 -31.25 8.89
C GLY E 175 -1.52 -30.92 9.93
N GLY E 176 -0.31 -31.41 9.69
CA GLY E 176 0.74 -31.23 10.67
C GLY E 176 2.10 -31.50 10.08
N SER E 177 3.12 -31.22 10.87
CA SER E 177 4.50 -31.40 10.40
C SER E 177 5.42 -31.60 11.59
N ILE E 178 6.53 -32.30 11.35
CA ILE E 178 7.61 -32.38 12.33
C ILE E 178 8.93 -32.26 11.59
N SER E 179 9.87 -31.50 12.17
CA SER E 179 11.24 -31.40 11.66
C SER E 179 12.23 -31.62 12.79
N TYR E 180 13.38 -32.16 12.44
CA TYR E 180 14.55 -32.14 13.31
C TYR E 180 15.70 -31.47 12.58
N GLU E 181 16.40 -30.56 13.25
CA GLU E 181 17.55 -29.88 12.68
C GLU E 181 18.74 -30.00 13.63
N TYR E 182 19.87 -30.48 13.10
CA TYR E 182 21.06 -30.68 13.94
C TYR E 182 22.32 -30.50 13.12
N GLU E 183 23.03 -29.40 13.37
CA GLU E 183 24.31 -29.08 12.74
C GLU E 183 24.23 -29.14 11.23
N GLY E 184 23.63 -28.13 10.61
CA GLY E 184 23.57 -28.02 9.18
C GLY E 184 22.62 -28.97 8.47
N PHE E 185 22.31 -30.12 9.09
CA PHE E 185 21.41 -31.09 8.51
C PHE E 185 19.99 -30.88 9.00
N GLY E 186 19.03 -31.13 8.11
CA GLY E 186 17.64 -31.07 8.49
C GLY E 186 16.80 -32.14 7.83
N ILE E 187 15.88 -32.74 8.58
CA ILE E 187 14.89 -33.68 8.06
C ILE E 187 13.51 -33.18 8.45
N VAL E 188 12.53 -33.36 7.56
CA VAL E 188 11.16 -32.91 7.82
C VAL E 188 10.19 -33.76 7.01
N GLY E 189 9.02 -34.00 7.61
CA GLY E 189 7.89 -34.54 6.88
C GLY E 189 6.62 -33.87 7.36
N ALA E 190 5.61 -33.86 6.49
CA ALA E 190 4.34 -33.20 6.78
C ALA E 190 3.23 -33.83 5.98
N TYR E 191 2.02 -33.77 6.52
CA TYR E 191 0.86 -34.40 5.91
C TYR E 191 -0.38 -33.58 6.24
N GLY E 192 -1.30 -33.49 5.27
CA GLY E 192 -2.59 -32.89 5.51
C GLY E 192 -3.65 -33.57 4.68
N ALA E 193 -4.89 -33.48 5.15
CA ALA E 193 -6.03 -34.03 4.42
C ALA E 193 -7.27 -33.18 4.70
N ALA E 194 -8.16 -33.08 3.72
CA ALA E 194 -9.33 -32.22 3.85
C ALA E 194 -10.45 -32.69 2.93
N ASP E 195 -11.65 -32.23 3.22
CA ASP E 195 -12.78 -32.55 2.35
C ASP E 195 -12.74 -31.66 1.13
N ARG E 196 -13.29 -32.16 0.02
CA ARG E 196 -13.38 -31.45 -1.24
C ARG E 196 -14.77 -30.81 -1.38
N THR E 197 -14.82 -29.66 -2.02
CA THR E 197 -16.10 -28.99 -2.25
C THR E 197 -16.94 -29.82 -3.22
N ASN E 198 -18.27 -29.68 -3.13
CA ASN E 198 -19.11 -30.26 -4.16
C ASN E 198 -18.69 -29.78 -5.54
N LEU E 199 -18.23 -28.54 -5.64
CA LEU E 199 -17.73 -28.04 -6.91
C LEU E 199 -16.57 -28.89 -7.41
N GLN E 200 -15.60 -29.16 -6.52
CA GLN E 200 -14.42 -29.93 -6.89
C GLN E 200 -14.77 -31.36 -7.26
N GLU E 201 -15.81 -31.92 -6.64
CA GLU E 201 -16.24 -33.28 -6.93
C GLU E 201 -16.95 -33.37 -8.27
N ALA E 202 -17.71 -32.34 -8.64
CA ALA E 202 -18.36 -32.25 -9.95
C ALA E 202 -17.37 -31.85 -11.04
N GLN E 203 -16.12 -32.13 -10.85
CA GLN E 203 -15.15 -31.80 -11.89
C GLN E 203 -14.81 -33.01 -12.75
N PRO E 204 -14.56 -32.76 -14.05
CA PRO E 204 -14.14 -33.86 -14.95
C PRO E 204 -12.87 -34.55 -14.51
N LEU E 205 -11.88 -33.78 -14.04
CA LEU E 205 -10.60 -34.31 -13.61
C LEU E 205 -10.60 -34.42 -12.09
N GLY E 206 -10.33 -35.61 -11.56
CA GLY E 206 -10.30 -35.81 -10.12
C GLY E 206 -11.53 -36.40 -9.47
N ASN E 207 -11.35 -37.37 -8.58
CA ASN E 207 -12.45 -38.01 -7.89
C ASN E 207 -12.00 -38.48 -6.51
N GLY E 208 -12.87 -38.25 -5.53
CA GLY E 208 -12.61 -38.62 -4.15
C GLY E 208 -13.22 -37.60 -3.23
N LYS E 209 -13.80 -38.02 -2.12
CA LYS E 209 -14.40 -37.06 -1.21
C LYS E 209 -13.39 -36.34 -0.32
N LYS E 210 -12.11 -36.75 -0.38
CA LYS E 210 -11.07 -36.26 0.51
C LYS E 210 -9.83 -36.01 -0.33
N ALA E 211 -9.18 -34.87 -0.11
CA ALA E 211 -7.91 -34.59 -0.74
C ALA E 211 -6.80 -34.73 0.29
N GLU E 212 -5.64 -35.19 -0.16
CA GLU E 212 -4.60 -35.63 0.75
C GLU E 212 -3.23 -35.27 0.17
N GLN E 213 -2.35 -34.75 1.01
CA GLN E 213 -1.05 -34.26 0.58
C GLN E 213 -0.01 -34.54 1.65
N TRP E 214 1.09 -35.15 1.25
CA TRP E 214 2.20 -35.36 2.16
C TRP E 214 3.48 -35.11 1.38
N ALA E 215 4.55 -34.83 2.12
CA ALA E 215 5.84 -34.59 1.51
C ALA E 215 6.90 -34.72 2.59
N THR E 216 8.11 -35.11 2.18
CA THR E 216 9.24 -35.28 3.09
C THR E 216 10.49 -34.63 2.49
N GLY E 217 11.39 -34.17 3.36
CA GLY E 217 12.54 -33.39 2.91
C GLY E 217 13.81 -33.51 3.71
N LEU E 218 14.95 -33.46 3.01
CA LEU E 218 16.30 -33.42 3.56
C LEU E 218 17.07 -32.20 3.06
N LYS E 219 17.91 -31.64 3.93
CA LYS E 219 18.72 -30.48 3.54
C LYS E 219 20.05 -30.51 4.27
N TYR E 220 21.08 -29.99 3.58
CA TYR E 220 22.35 -29.66 4.21
C TYR E 220 22.61 -28.19 3.91
N ASP E 221 22.82 -27.40 4.96
CA ASP E 221 22.79 -25.95 4.83
C ASP E 221 23.89 -25.36 5.72
N ALA E 222 25.12 -25.37 5.21
CA ALA E 222 26.30 -24.97 5.99
C ALA E 222 27.51 -24.89 5.08
N ASN E 223 28.44 -23.99 5.42
CA ASN E 223 29.71 -23.88 4.71
C ASN E 223 29.49 -23.50 3.25
N ASN E 224 28.62 -22.53 3.01
CA ASN E 224 28.31 -21.97 1.70
C ASN E 224 27.64 -22.98 0.77
N ILE E 225 27.27 -24.15 1.26
CA ILE E 225 26.69 -25.20 0.44
C ILE E 225 25.24 -25.39 0.81
N TYR E 226 24.40 -25.62 -0.17
CA TYR E 226 23.00 -25.91 0.11
C TYR E 226 22.53 -27.01 -0.81
N LEU E 227 22.18 -28.15 -0.22
CA LEU E 227 21.68 -29.31 -0.94
C LEU E 227 20.38 -29.71 -0.28
N ALA E 228 19.36 -29.98 -1.09
CA ALA E 228 18.06 -30.29 -0.57
C ALA E 228 17.31 -31.18 -1.53
N ALA E 229 16.44 -32.04 -0.99
CA ALA E 229 15.64 -32.94 -1.79
C ALA E 229 14.29 -33.14 -1.12
N ASN E 230 13.26 -33.30 -1.95
CA ASN E 230 11.88 -33.46 -1.51
C ASN E 230 11.19 -34.56 -2.30
N TYR E 231 10.54 -35.49 -1.59
CA TYR E 231 9.59 -36.41 -2.20
C TYR E 231 8.24 -36.28 -1.51
N GLY E 232 7.17 -36.30 -2.30
CA GLY E 232 5.84 -36.33 -1.73
C GLY E 232 4.88 -36.88 -2.76
N GLU E 233 3.69 -37.20 -2.28
CA GLU E 233 2.62 -37.71 -3.11
C GLU E 233 1.33 -36.97 -2.79
N THR E 234 0.50 -36.77 -3.81
CA THR E 234 -0.84 -36.23 -3.60
C THR E 234 -1.87 -37.23 -4.10
N ARG E 235 -3.02 -37.26 -3.42
CA ARG E 235 -4.20 -37.96 -3.89
C ARG E 235 -5.30 -36.91 -3.94
N ASN E 236 -5.79 -36.61 -5.14
CA ASN E 236 -6.93 -35.69 -5.37
C ASN E 236 -6.59 -34.22 -5.04
N ALA E 237 -5.33 -33.79 -5.19
CA ALA E 237 -4.99 -32.45 -4.67
C ALA E 237 -4.27 -31.54 -5.66
N THR E 238 -3.38 -32.04 -6.50
CA THR E 238 -2.70 -31.15 -7.44
C THR E 238 -3.69 -30.69 -8.51
N PRO E 239 -3.95 -29.39 -8.64
CA PRO E 239 -4.84 -28.91 -9.69
C PRO E 239 -4.19 -29.05 -11.06
N ILE E 240 -4.89 -29.71 -11.97
CA ILE E 240 -4.46 -29.89 -13.34
C ILE E 240 -5.56 -29.35 -14.24
N THR E 241 -5.16 -28.98 -15.45
CA THR E 241 -6.09 -28.44 -16.43
C THR E 241 -5.69 -28.97 -17.80
N ASN E 242 -6.60 -29.71 -18.43
CA ASN E 242 -6.32 -30.42 -19.69
C ASN E 242 -6.53 -29.48 -20.85
N LYS E 243 -5.45 -29.10 -21.53
CA LYS E 243 -5.55 -28.06 -22.53
C LYS E 243 -6.39 -28.47 -23.74
N PHE E 244 -6.42 -29.76 -24.08
CA PHE E 244 -7.11 -30.21 -25.28
C PHE E 244 -8.62 -30.15 -25.11
N THR E 245 -9.13 -30.78 -24.05
CA THR E 245 -10.56 -30.87 -23.76
C THR E 245 -11.10 -29.66 -23.00
N ASN E 246 -10.25 -28.69 -22.66
CA ASN E 246 -10.60 -27.47 -21.93
C ASN E 246 -11.34 -27.76 -20.63
N THR E 247 -10.91 -28.79 -19.93
CA THR E 247 -11.46 -29.17 -18.65
C THR E 247 -10.48 -28.82 -17.51
N SER E 248 -11.03 -28.66 -16.31
CA SER E 248 -10.23 -28.43 -15.12
C SER E 248 -10.38 -29.62 -14.17
N GLY E 249 -9.79 -29.49 -13.00
CA GLY E 249 -9.89 -30.54 -11.99
C GLY E 249 -8.62 -30.77 -11.21
N PHE E 250 -8.38 -32.03 -10.84
CA PHE E 250 -7.26 -32.40 -10.00
C PHE E 250 -6.71 -33.76 -10.43
N ALA E 251 -5.45 -33.99 -10.13
CA ALA E 251 -4.86 -35.29 -10.38
C ALA E 251 -5.29 -36.25 -9.27
N ASN E 252 -5.76 -37.43 -9.65
CA ASN E 252 -6.09 -38.42 -8.62
C ASN E 252 -4.85 -38.84 -7.85
N LYS E 253 -3.69 -38.82 -8.49
CA LYS E 253 -2.45 -39.06 -7.79
C LYS E 253 -1.32 -38.35 -8.50
N THR E 254 -0.32 -37.94 -7.72
CA THR E 254 0.98 -37.54 -8.24
C THR E 254 2.06 -37.97 -7.26
N GLN E 255 3.19 -38.40 -7.80
CA GLN E 255 4.42 -38.57 -7.06
C GLN E 255 5.34 -37.43 -7.45
N ASP E 256 5.91 -36.74 -6.46
CA ASP E 256 6.64 -35.50 -6.72
C ASP E 256 8.03 -35.57 -6.13
N VAL E 257 9.03 -35.28 -6.97
CA VAL E 257 10.44 -35.32 -6.62
C VAL E 257 11.04 -33.96 -6.96
N LEU E 258 11.80 -33.38 -6.03
CA LEU E 258 12.51 -32.14 -6.28
C LEU E 258 13.86 -32.17 -5.60
N LEU E 259 14.91 -31.74 -6.30
CA LEU E 259 16.25 -31.64 -5.74
C LEU E 259 16.89 -30.31 -6.08
N VAL E 260 17.76 -29.82 -5.19
CA VAL E 260 18.42 -28.52 -5.35
C VAL E 260 19.82 -28.56 -4.76
N ALA E 261 20.80 -28.06 -5.53
CA ALA E 261 22.16 -27.84 -5.08
C ALA E 261 22.58 -26.43 -5.42
N GLN E 262 23.19 -25.74 -4.45
CA GLN E 262 23.65 -24.37 -4.61
C GLN E 262 24.91 -24.17 -3.79
N TYR E 263 25.83 -23.36 -4.31
CA TYR E 263 27.00 -22.92 -3.57
C TYR E 263 26.97 -21.41 -3.46
N GLN E 264 27.49 -20.88 -2.35
CA GLN E 264 27.57 -19.44 -2.15
C GLN E 264 29.04 -18.99 -2.14
N PHE E 265 29.53 -18.52 -3.27
CA PHE E 265 30.89 -18.02 -3.35
C PHE E 265 31.07 -16.76 -2.53
N ASP E 266 32.25 -16.61 -1.89
CA ASP E 266 32.46 -15.41 -1.08
C ASP E 266 32.51 -14.15 -1.93
N PHE E 267 32.75 -14.26 -3.24
CA PHE E 267 32.78 -13.07 -4.07
C PHE E 267 31.39 -12.63 -4.55
N GLY E 268 30.33 -13.31 -4.19
CA GLY E 268 28.98 -12.79 -4.33
C GLY E 268 28.01 -13.63 -5.13
N LEU E 269 28.48 -14.50 -6.02
CA LEU E 269 27.62 -15.28 -6.89
C LEU E 269 27.15 -16.55 -6.20
N ARG E 270 25.86 -16.85 -6.30
CA ARG E 270 25.27 -18.08 -5.80
C ARG E 270 24.67 -18.87 -6.95
N PRO E 271 25.45 -19.73 -7.58
CA PRO E 271 24.90 -20.63 -8.60
C PRO E 271 23.93 -21.64 -8.00
N SER E 272 23.04 -22.19 -8.85
CA SER E 272 22.04 -23.14 -8.43
C SER E 272 21.74 -24.16 -9.54
N ILE E 273 21.59 -25.42 -9.17
CA ILE E 273 21.09 -26.46 -10.07
C ILE E 273 19.96 -27.22 -9.39
N ALA E 274 19.04 -27.74 -10.19
CA ALA E 274 17.86 -28.41 -9.65
C ALA E 274 17.20 -29.30 -10.68
N TYR E 275 16.52 -30.35 -10.19
CA TYR E 275 15.73 -31.27 -11.00
C TYR E 275 14.36 -31.38 -10.33
N THR E 276 13.30 -31.33 -11.15
CA THR E 276 11.93 -31.38 -10.64
C THR E 276 11.07 -32.22 -11.56
N LYS E 277 10.34 -33.18 -10.99
CA LYS E 277 9.46 -34.05 -11.77
C LYS E 277 8.16 -34.23 -11.01
N SER E 278 7.03 -34.06 -11.70
CA SER E 278 5.74 -34.31 -11.09
C SER E 278 4.94 -35.20 -12.02
N LYS E 279 4.79 -36.47 -11.63
CA LYS E 279 4.11 -37.48 -12.42
C LYS E 279 2.72 -37.66 -11.86
N ALA E 280 1.70 -37.44 -12.70
CA ALA E 280 0.32 -37.69 -12.32
C ALA E 280 -0.08 -39.10 -12.70
N LYS E 281 -1.09 -39.62 -12.01
CA LYS E 281 -1.45 -41.03 -12.18
C LYS E 281 -2.96 -41.14 -12.00
N ASP E 282 -3.55 -42.10 -12.72
CA ASP E 282 -5.00 -42.33 -12.69
C ASP E 282 -5.76 -41.06 -13.09
N VAL E 283 -5.30 -40.39 -14.12
CA VAL E 283 -5.94 -39.20 -14.64
C VAL E 283 -7.01 -39.60 -15.64
N GLU E 284 -8.21 -39.05 -15.47
CA GLU E 284 -9.35 -39.23 -16.35
C GLU E 284 -9.01 -39.15 -17.83
N GLY E 285 -9.12 -40.27 -18.54
CA GLY E 285 -8.88 -40.25 -19.97
C GLY E 285 -7.43 -40.15 -20.37
N ILE E 286 -6.49 -40.11 -19.43
CA ILE E 286 -5.07 -40.08 -19.79
C ILE E 286 -4.29 -41.17 -19.06
N GLY E 287 -4.43 -41.24 -17.74
CA GLY E 287 -3.66 -42.22 -16.99
C GLY E 287 -2.43 -41.61 -16.37
N ASP E 288 -1.25 -42.02 -16.82
CA ASP E 288 0.01 -41.49 -16.33
C ASP E 288 0.47 -40.38 -17.27
N VAL E 289 0.79 -39.23 -16.69
CA VAL E 289 1.12 -38.05 -17.48
C VAL E 289 2.01 -37.15 -16.63
N ASP E 290 3.07 -36.63 -17.23
CA ASP E 290 3.97 -35.76 -16.49
C ASP E 290 3.39 -34.35 -16.42
N LEU E 291 3.56 -33.71 -15.27
CA LEU E 291 3.13 -32.34 -15.04
C LEU E 291 4.30 -31.38 -14.97
N VAL E 292 5.37 -31.76 -14.28
CA VAL E 292 6.60 -30.98 -14.19
C VAL E 292 7.75 -31.92 -14.49
N ASN E 293 8.68 -31.50 -15.36
CA ASN E 293 9.88 -32.30 -15.70
C ASN E 293 10.92 -31.37 -16.31
N TYR E 294 11.89 -30.95 -15.51
CA TYR E 294 12.91 -30.05 -16.01
C TYR E 294 14.15 -30.16 -15.15
N PHE E 295 15.27 -29.77 -15.74
CA PHE E 295 16.47 -29.39 -15.02
C PHE E 295 16.58 -27.88 -15.00
N GLU E 296 17.28 -27.36 -14.00
CA GLU E 296 17.51 -25.93 -13.92
C GLU E 296 18.96 -25.64 -13.59
N VAL E 297 19.52 -24.67 -14.29
CA VAL E 297 20.79 -24.05 -13.93
C VAL E 297 20.54 -22.56 -13.76
N GLY E 298 21.05 -21.99 -12.67
CA GLY E 298 20.84 -20.57 -12.41
C GLY E 298 21.87 -20.00 -11.47
N ALA E 299 21.84 -18.68 -11.32
CA ALA E 299 22.75 -17.98 -10.42
C ALA E 299 22.15 -16.65 -10.02
N THR E 300 22.59 -16.15 -8.87
CA THR E 300 22.24 -14.84 -8.38
C THR E 300 23.50 -14.11 -7.96
N TYR E 301 23.66 -12.86 -8.35
CA TYR E 301 24.77 -12.08 -7.80
C TYR E 301 24.21 -11.15 -6.74
N TYR E 302 24.82 -11.17 -5.56
CA TYR E 302 24.39 -10.35 -4.45
C TYR E 302 25.35 -9.18 -4.36
N PHE E 303 24.87 -7.99 -4.73
CA PHE E 303 25.69 -6.80 -4.58
C PHE E 303 25.87 -6.50 -3.10
N ASN E 304 24.77 -6.44 -2.36
CA ASN E 304 24.79 -6.42 -0.90
C ASN E 304 23.45 -6.97 -0.44
N LYS E 305 23.09 -6.73 0.82
CA LYS E 305 21.86 -7.31 1.35
C LYS E 305 20.60 -6.71 0.76
N ASN E 306 20.70 -5.69 -0.09
CA ASN E 306 19.56 -4.95 -0.62
C ASN E 306 19.43 -4.97 -2.14
N MET E 307 20.48 -5.34 -2.87
CA MET E 307 20.47 -5.26 -4.33
C MET E 307 21.03 -6.54 -4.93
N SER E 308 20.33 -7.07 -5.93
CA SER E 308 20.72 -8.35 -6.48
C SER E 308 20.24 -8.47 -7.91
N THR E 309 20.70 -9.53 -8.57
CA THR E 309 20.34 -9.78 -9.95
C THR E 309 20.45 -11.27 -10.21
N TYR E 310 19.63 -11.79 -11.12
CA TYR E 310 19.64 -13.24 -11.31
C TYR E 310 19.21 -13.63 -12.71
N VAL E 311 19.72 -14.78 -13.14
CA VAL E 311 19.29 -15.49 -14.34
C VAL E 311 18.94 -16.93 -13.97
N ASP E 312 17.88 -17.46 -14.57
CA ASP E 312 17.34 -18.78 -14.24
C ASP E 312 16.90 -19.45 -15.53
N TYR E 313 17.63 -20.49 -15.95
CA TYR E 313 17.35 -21.23 -17.17
C TYR E 313 16.72 -22.57 -16.83
N ILE E 314 15.51 -22.81 -17.34
CA ILE E 314 14.80 -24.06 -17.16
C ILE E 314 14.91 -24.87 -18.44
N ILE E 315 15.62 -25.99 -18.36
CA ILE E 315 15.75 -26.97 -19.43
C ILE E 315 14.53 -27.88 -19.36
N ASN E 316 13.48 -27.54 -20.09
CA ASN E 316 12.20 -28.21 -19.91
C ASN E 316 12.23 -29.58 -20.58
N GLN E 317 12.18 -30.64 -19.76
CA GLN E 317 12.20 -31.99 -20.31
C GLN E 317 10.82 -32.60 -20.45
N ILE E 318 9.76 -31.80 -20.38
CA ILE E 318 8.42 -32.31 -20.61
C ILE E 318 8.33 -32.71 -22.08
N ASP E 319 7.51 -33.71 -22.38
CA ASP E 319 7.52 -34.24 -23.73
C ASP E 319 6.72 -33.30 -24.66
N SER E 320 6.98 -33.44 -25.96
CA SER E 320 6.37 -32.52 -26.92
C SER E 320 4.88 -32.79 -27.10
N ASP E 321 4.44 -34.02 -26.85
CA ASP E 321 3.08 -34.48 -27.07
C ASP E 321 2.43 -34.86 -25.74
N ASN E 322 2.75 -34.12 -24.68
CA ASN E 322 2.19 -34.34 -23.34
C ASN E 322 0.67 -34.42 -23.38
N LYS E 323 0.12 -35.51 -22.83
CA LYS E 323 -1.30 -35.77 -22.98
C LYS E 323 -2.18 -34.77 -22.24
N LEU E 324 -1.62 -34.02 -21.29
CA LEU E 324 -2.38 -32.98 -20.58
C LEU E 324 -2.17 -31.58 -21.16
N GLY E 325 -1.11 -31.38 -21.93
CA GLY E 325 -0.86 -30.12 -22.60
C GLY E 325 0.23 -29.27 -21.99
N VAL E 326 0.96 -29.80 -21.02
CA VAL E 326 2.00 -29.03 -20.36
C VAL E 326 2.98 -28.52 -21.40
N GLY E 327 3.37 -27.26 -21.27
CA GLY E 327 4.28 -26.68 -22.25
C GLY E 327 5.63 -27.36 -22.21
N SER E 328 6.20 -27.59 -23.39
CA SER E 328 7.40 -28.40 -23.55
C SER E 328 8.64 -27.61 -23.95
N ASP E 329 8.49 -26.31 -24.21
CA ASP E 329 9.63 -25.45 -24.53
C ASP E 329 10.30 -24.95 -23.26
N ASP E 330 11.59 -24.64 -23.38
CA ASP E 330 12.35 -24.03 -22.29
C ASP E 330 11.85 -22.62 -21.98
N THR E 331 12.22 -22.16 -20.79
CA THR E 331 12.07 -20.76 -20.39
C THR E 331 13.30 -20.34 -19.59
N VAL E 332 13.77 -19.11 -19.83
CA VAL E 332 14.89 -18.52 -19.11
C VAL E 332 14.50 -17.14 -18.64
N ALA E 333 14.80 -16.82 -17.37
CA ALA E 333 14.43 -15.54 -16.78
C ALA E 333 15.67 -14.70 -16.46
N VAL E 334 15.54 -13.39 -16.62
CA VAL E 334 16.54 -12.44 -16.18
C VAL E 334 15.84 -11.43 -15.28
N GLY E 335 16.37 -11.22 -14.10
CA GLY E 335 15.74 -10.34 -13.13
C GLY E 335 16.77 -9.46 -12.45
N ILE E 336 16.32 -8.26 -12.11
CA ILE E 336 17.07 -7.35 -11.27
C ILE E 336 16.20 -6.94 -10.09
N VAL E 337 16.75 -6.97 -8.88
CA VAL E 337 15.94 -6.90 -7.67
C VAL E 337 16.51 -5.92 -6.65
N TYR E 338 15.75 -4.87 -6.34
CA TYR E 338 15.98 -4.02 -5.19
C TYR E 338 14.93 -4.32 -4.13
N GLN E 339 15.38 -4.65 -2.92
CA GLN E 339 14.51 -5.01 -1.80
C GLN E 339 14.92 -4.26 -0.55
N PHE E 340 13.98 -4.14 0.38
CA PHE E 340 14.22 -3.39 1.62
C PHE E 340 13.37 -3.92 2.78
N ARG F 13 67.94 -19.90 -24.07
CA ARG F 13 66.71 -20.62 -24.38
C ARG F 13 66.68 -21.16 -25.81
N SER F 14 66.05 -22.32 -25.97
CA SER F 14 65.75 -22.85 -27.30
C SER F 14 64.93 -21.85 -28.12
N ASP F 15 65.26 -21.75 -29.40
CA ASP F 15 64.70 -20.85 -30.41
C ASP F 15 65.14 -21.39 -31.76
N PRO F 16 64.44 -22.38 -32.33
CA PRO F 16 64.90 -22.98 -33.59
C PRO F 16 64.90 -22.03 -34.78
N LEU F 17 63.74 -21.49 -35.16
CA LEU F 17 63.70 -20.62 -36.34
C LEU F 17 64.14 -19.19 -36.04
N GLU F 18 65.07 -19.01 -35.10
CA GLU F 18 65.52 -17.67 -34.72
C GLU F 18 66.01 -16.87 -35.91
N GLY F 19 66.57 -17.53 -36.92
CA GLY F 19 67.02 -16.82 -38.11
C GLY F 19 65.86 -16.16 -38.85
N PHE F 20 64.81 -16.94 -39.12
CA PHE F 20 63.64 -16.39 -39.81
C PHE F 20 62.95 -15.32 -38.98
N ASN F 21 62.75 -15.60 -37.69
CA ASN F 21 61.96 -14.71 -36.84
C ASN F 21 62.54 -13.31 -36.78
N ARG F 22 63.87 -13.21 -36.64
CA ARG F 22 64.50 -11.91 -36.49
C ARG F 22 64.29 -11.03 -37.72
N THR F 23 64.39 -11.61 -38.90
CA THR F 23 64.13 -10.83 -40.11
C THR F 23 62.66 -10.44 -40.16
N MET F 24 61.77 -11.40 -39.85
CA MET F 24 60.34 -11.16 -39.79
C MET F 24 59.96 -10.26 -38.60
N PHE F 25 60.78 -10.24 -37.55
CA PHE F 25 60.60 -9.31 -36.44
C PHE F 25 61.03 -7.91 -36.83
N ASN F 26 62.10 -7.80 -37.63
CA ASN F 26 62.57 -6.51 -38.10
C ASN F 26 61.61 -5.87 -39.06
N PHE F 27 61.03 -6.65 -39.96
CA PHE F 27 59.93 -6.16 -40.76
C PHE F 27 58.89 -5.50 -39.85
N ASN F 28 58.56 -6.16 -38.74
CA ASN F 28 57.54 -5.62 -37.86
C ASN F 28 58.06 -4.40 -37.12
N PHE F 29 59.32 -4.42 -36.67
CA PHE F 29 59.87 -3.33 -35.87
C PHE F 29 60.17 -2.08 -36.69
N ASN F 30 60.82 -2.25 -37.84
CA ASN F 30 61.44 -1.11 -38.49
C ASN F 30 60.65 -0.55 -39.65
N VAL F 31 59.67 -1.28 -40.15
CA VAL F 31 58.81 -0.76 -41.21
C VAL F 31 57.33 -0.83 -40.84
N VAL F 32 56.81 -2.01 -40.47
CA VAL F 32 55.35 -2.05 -40.30
C VAL F 32 54.93 -1.30 -39.04
N ASP F 33 55.82 -1.08 -38.08
CA ASP F 33 55.41 -0.27 -36.94
C ASP F 33 55.48 1.23 -37.20
N PRO F 34 56.67 1.83 -37.42
CA PRO F 34 56.74 3.29 -37.46
C PRO F 34 56.03 3.93 -38.63
N TYR F 35 55.81 3.19 -39.73
CA TYR F 35 55.11 3.71 -40.89
C TYR F 35 53.60 3.51 -40.79
N VAL F 36 53.14 2.48 -40.04
CA VAL F 36 51.74 2.08 -40.03
C VAL F 36 51.11 2.14 -38.65
N LEU F 37 51.52 1.22 -37.77
CA LEU F 37 50.86 1.05 -36.49
C LEU F 37 51.06 2.25 -35.56
N ARG F 38 52.28 2.78 -35.47
CA ARG F 38 52.51 3.81 -34.46
C ARG F 38 51.83 5.14 -34.78
N PRO F 39 51.80 5.59 -36.04
CA PRO F 39 50.92 6.73 -36.35
C PRO F 39 49.46 6.44 -36.06
N VAL F 40 48.95 5.27 -36.44
CA VAL F 40 47.55 4.93 -36.13
C VAL F 40 47.30 4.99 -34.63
N ALA F 41 48.25 4.50 -33.83
CA ALA F 41 48.05 4.52 -32.39
C ALA F 41 48.08 5.95 -31.86
N VAL F 42 48.93 6.80 -32.42
CA VAL F 42 48.93 8.21 -32.04
C VAL F 42 47.58 8.84 -32.34
N ALA F 43 47.05 8.62 -33.54
CA ALA F 43 45.72 9.11 -33.88
C ALA F 43 44.69 8.63 -32.87
N TRP F 44 44.77 7.35 -32.50
CA TRP F 44 43.88 6.77 -31.49
C TRP F 44 44.02 7.50 -30.16
N ARG F 45 45.25 7.64 -29.66
CA ARG F 45 45.42 8.31 -28.37
C ARG F 45 45.02 9.77 -28.47
N ASP F 46 45.10 10.35 -29.66
CA ASP F 46 44.80 11.76 -29.85
C ASP F 46 43.31 12.05 -30.04
N TYR F 47 42.57 11.15 -30.69
CA TYR F 47 41.19 11.46 -31.05
C TYR F 47 40.14 10.64 -30.32
N VAL F 48 40.38 9.35 -30.04
CA VAL F 48 39.38 8.56 -29.33
C VAL F 48 39.35 8.96 -27.86
N PRO F 49 38.21 9.40 -27.34
CA PRO F 49 38.13 9.80 -25.93
C PRO F 49 38.10 8.59 -25.01
N GLN F 50 38.51 8.82 -23.77
CA GLN F 50 38.71 7.72 -22.82
C GLN F 50 37.46 6.89 -22.56
N PRO F 51 36.32 7.46 -22.15
CA PRO F 51 35.12 6.62 -22.04
C PRO F 51 34.92 5.71 -23.24
N ALA F 52 35.26 6.19 -24.44
CA ALA F 52 35.13 5.36 -25.63
C ALA F 52 36.15 4.23 -25.63
N ARG F 53 37.36 4.50 -25.18
CA ARG F 53 38.40 3.48 -25.17
C ARG F 53 38.08 2.37 -24.17
N ASN F 54 37.74 2.73 -22.94
CA ASN F 54 37.44 1.73 -21.93
C ASN F 54 36.13 0.99 -22.21
N GLY F 55 35.23 1.60 -22.97
CA GLY F 55 34.04 0.87 -23.39
C GLY F 55 34.33 -0.24 -24.38
N LEU F 56 35.32 -0.06 -25.24
CA LEU F 56 35.58 -1.09 -26.24
C LEU F 56 36.44 -2.21 -25.69
N SER F 57 37.47 -1.87 -24.90
CA SER F 57 38.34 -2.93 -24.40
C SER F 57 37.63 -3.76 -23.35
N ASN F 58 36.68 -3.19 -22.61
CA ASN F 58 35.76 -4.00 -21.84
C ASN F 58 34.83 -4.81 -22.74
N PHE F 59 34.39 -4.21 -23.83
CA PHE F 59 33.45 -4.89 -24.70
C PHE F 59 34.10 -6.06 -25.43
N THR F 60 35.32 -5.87 -25.95
CA THR F 60 35.99 -6.98 -26.64
C THR F 60 36.46 -8.03 -25.64
N SER F 61 36.94 -7.61 -24.46
CA SER F 61 37.36 -8.55 -23.44
C SER F 61 36.20 -9.33 -22.84
N ASN F 62 34.97 -8.92 -23.11
CA ASN F 62 33.80 -9.70 -22.71
C ASN F 62 33.58 -10.92 -23.59
N LEU F 63 33.80 -10.80 -24.89
CA LEU F 63 33.58 -11.93 -25.78
C LEU F 63 34.49 -13.09 -25.45
N GLU F 64 35.57 -12.86 -24.72
CA GLU F 64 36.43 -13.93 -24.26
C GLU F 64 36.04 -14.44 -22.88
N GLU F 65 35.23 -13.70 -22.14
CA GLU F 65 34.91 -14.09 -20.77
C GLU F 65 34.23 -15.45 -20.68
N PRO F 66 33.31 -15.82 -21.57
CA PRO F 66 32.74 -17.18 -21.47
C PRO F 66 33.75 -18.26 -21.77
N ALA F 67 34.63 -18.01 -22.73
CA ALA F 67 35.70 -18.96 -23.00
C ALA F 67 36.67 -19.07 -21.83
N VAL F 68 37.01 -17.94 -21.20
CA VAL F 68 37.94 -18.00 -20.06
C VAL F 68 37.31 -18.78 -18.92
N MET F 69 35.99 -18.71 -18.78
CA MET F 69 35.29 -19.54 -17.81
C MET F 69 35.40 -21.02 -18.16
N VAL F 70 35.09 -21.37 -19.41
CA VAL F 70 35.12 -22.78 -19.83
C VAL F 70 36.49 -23.36 -19.60
N ASN F 71 37.54 -22.62 -19.94
CA ASN F 71 38.89 -23.17 -19.80
C ASN F 71 39.32 -23.28 -18.35
N TYR F 72 38.77 -22.47 -17.45
CA TYR F 72 39.16 -22.59 -16.05
C TYR F 72 38.54 -23.82 -15.40
N PHE F 73 37.41 -24.28 -15.90
CA PHE F 73 36.79 -25.49 -15.38
C PHE F 73 37.63 -26.71 -15.75
N LEU F 74 38.05 -26.77 -17.01
CA LEU F 74 38.91 -27.83 -17.52
C LEU F 74 40.21 -27.98 -16.74
N GLN F 75 40.58 -26.99 -15.93
CA GLN F 75 41.76 -27.07 -15.11
C GLN F 75 41.46 -27.40 -13.65
N GLY F 76 40.19 -27.61 -13.32
CA GLY F 76 39.83 -28.01 -11.98
C GLY F 76 39.76 -26.89 -10.97
N ASP F 77 39.55 -25.65 -11.42
CA ASP F 77 39.44 -24.48 -10.56
C ASP F 77 38.04 -23.92 -10.71
N PRO F 78 37.03 -24.58 -10.13
CA PRO F 78 35.67 -24.11 -10.32
C PRO F 78 35.49 -22.71 -9.80
N TYR F 79 36.27 -22.33 -8.78
CA TYR F 79 36.24 -21.01 -8.18
C TYR F 79 36.59 -19.95 -9.22
N LYS F 80 37.84 -19.95 -9.66
CA LYS F 80 38.26 -19.00 -10.68
C LYS F 80 37.35 -19.09 -11.89
N GLY F 81 36.94 -20.31 -12.25
CA GLY F 81 36.06 -20.47 -13.38
C GLY F 81 34.71 -19.81 -13.19
N MET F 82 34.19 -19.86 -11.96
CA MET F 82 32.91 -19.25 -11.66
C MET F 82 33.01 -17.74 -11.51
N VAL F 83 34.19 -17.21 -11.23
CA VAL F 83 34.37 -15.76 -11.24
C VAL F 83 34.07 -15.19 -12.61
N HIS F 84 34.62 -15.82 -13.65
CA HIS F 84 34.51 -15.23 -14.98
C HIS F 84 33.11 -15.39 -15.55
N PHE F 85 32.38 -16.42 -15.14
CA PHE F 85 30.95 -16.42 -15.39
C PHE F 85 30.34 -15.13 -14.87
N THR F 86 30.62 -14.80 -13.60
CA THR F 86 30.09 -13.60 -12.97
C THR F 86 30.45 -12.35 -13.76
N ARG F 87 31.68 -12.23 -14.22
CA ARG F 87 32.08 -11.11 -15.07
C ARG F 87 31.15 -10.99 -16.26
N PHE F 88 31.03 -12.05 -17.04
CA PHE F 88 30.20 -12.03 -18.23
C PHE F 88 28.75 -11.67 -17.91
N PHE F 89 28.15 -12.41 -16.96
CA PHE F 89 26.75 -12.21 -16.58
C PHE F 89 26.47 -10.76 -16.19
N LEU F 90 27.21 -10.25 -15.21
CA LEU F 90 26.96 -8.91 -14.71
C LEU F 90 27.16 -7.87 -15.80
N ASN F 91 28.28 -7.96 -16.51
CA ASN F 91 28.63 -6.90 -17.46
C ASN F 91 27.77 -6.93 -18.71
N THR F 92 27.28 -8.09 -19.10
CA THR F 92 26.47 -8.19 -20.32
C THR F 92 25.08 -7.62 -20.12
N ILE F 93 24.40 -8.02 -19.04
CA ILE F 93 23.03 -7.59 -18.80
C ILE F 93 23.00 -6.18 -18.25
N LEU F 94 23.64 -5.98 -17.09
CA LEU F 94 23.72 -4.68 -16.48
C LEU F 94 24.73 -3.77 -17.19
N GLY F 95 25.87 -4.30 -17.61
CA GLY F 95 26.85 -3.42 -18.19
C GLY F 95 26.67 -3.07 -19.65
N MET F 96 25.43 -3.12 -20.13
CA MET F 96 25.09 -2.67 -21.48
C MET F 96 25.80 -3.50 -22.52
N GLY F 97 25.69 -4.83 -22.38
CA GLY F 97 26.31 -5.72 -23.34
C GLY F 97 27.81 -5.78 -23.25
N GLY F 98 28.39 -5.47 -22.08
CA GLY F 98 29.81 -5.54 -21.89
C GLY F 98 30.56 -4.23 -21.96
N LEU F 99 29.88 -3.11 -22.17
CA LEU F 99 30.60 -1.84 -22.26
C LEU F 99 31.06 -1.36 -20.90
N ILE F 100 30.32 -1.70 -19.86
CA ILE F 100 30.51 -1.20 -18.51
C ILE F 100 30.94 -2.35 -17.62
N ASP F 101 32.00 -2.16 -16.87
CA ASP F 101 32.51 -3.24 -16.04
C ASP F 101 31.77 -3.19 -14.70
N VAL F 102 30.49 -3.57 -14.74
CA VAL F 102 29.71 -3.52 -13.51
C VAL F 102 30.32 -4.49 -12.51
N ALA F 103 30.87 -5.60 -13.03
CA ALA F 103 31.48 -6.64 -12.20
C ALA F 103 32.76 -6.15 -11.55
N GLY F 104 33.52 -5.31 -12.25
CA GLY F 104 34.76 -4.84 -11.69
C GLY F 104 34.52 -3.80 -10.61
N MET F 105 33.62 -2.86 -10.90
CA MET F 105 33.12 -1.93 -9.90
C MET F 105 32.43 -2.62 -8.74
N ALA F 106 31.97 -3.85 -8.94
CA ALA F 106 31.23 -4.58 -7.90
C ALA F 106 32.14 -5.12 -6.80
N ASN F 107 32.87 -6.19 -7.09
CA ASN F 107 33.81 -6.85 -6.21
C ASN F 107 35.25 -6.66 -6.67
N PRO F 108 36.22 -6.76 -5.78
CA PRO F 108 37.61 -6.87 -6.25
C PRO F 108 37.97 -8.28 -6.69
N GLN F 109 37.33 -9.33 -6.17
CA GLN F 109 37.65 -10.65 -6.69
C GLN F 109 37.15 -10.86 -8.11
N LEU F 110 36.38 -9.91 -8.64
CA LEU F 110 35.89 -9.93 -10.00
C LEU F 110 36.62 -8.96 -10.94
N GLN F 111 37.74 -8.38 -10.52
CA GLN F 111 38.43 -7.44 -11.38
C GLN F 111 38.85 -8.11 -12.68
N ARG F 112 38.68 -7.40 -13.80
CA ARG F 112 39.14 -7.89 -15.10
C ARG F 112 40.59 -8.36 -15.02
N VAL F 113 40.84 -9.57 -15.51
CA VAL F 113 42.18 -10.12 -15.55
C VAL F 113 42.48 -10.64 -16.95
N GLU F 114 43.74 -11.00 -17.17
CA GLU F 114 44.17 -11.48 -18.48
C GLU F 114 43.44 -12.78 -18.82
N PRO F 115 43.07 -12.98 -20.08
CA PRO F 115 42.23 -14.14 -20.41
C PRO F 115 43.03 -15.41 -20.24
N HIS F 116 42.32 -16.48 -19.88
CA HIS F 116 42.89 -17.82 -19.84
C HIS F 116 42.06 -18.64 -20.83
N ARG F 117 42.52 -18.71 -22.08
CA ARG F 117 41.81 -19.45 -23.10
C ARG F 117 42.58 -20.76 -23.33
N PHE F 118 42.23 -21.46 -24.41
CA PHE F 118 42.66 -22.84 -24.60
C PHE F 118 44.17 -23.05 -24.54
N GLY F 119 44.97 -22.07 -24.95
CA GLY F 119 46.41 -22.22 -24.82
C GLY F 119 46.83 -22.58 -23.41
N SER F 120 46.26 -21.87 -22.43
CA SER F 120 46.66 -22.13 -21.05
C SER F 120 46.21 -23.49 -20.58
N THR F 121 45.10 -24.01 -21.12
CA THR F 121 44.66 -25.35 -20.77
C THR F 121 45.63 -26.40 -21.29
N LEU F 122 46.11 -26.23 -22.53
CA LEU F 122 47.12 -27.14 -23.07
C LEU F 122 48.39 -27.11 -22.25
N GLY F 123 48.95 -25.93 -22.02
CA GLY F 123 50.18 -25.84 -21.24
C GLY F 123 50.00 -26.26 -19.80
N HIS F 124 48.79 -26.14 -19.27
CA HIS F 124 48.50 -26.63 -17.94
C HIS F 124 48.68 -28.14 -17.86
N TYR F 125 48.17 -28.87 -18.85
CA TYR F 125 48.32 -30.32 -18.91
C TYR F 125 49.58 -30.78 -19.63
N GLY F 126 50.63 -29.98 -19.66
CA GLY F 126 51.93 -30.47 -20.10
C GLY F 126 52.41 -30.12 -21.48
N VAL F 127 51.71 -29.32 -22.25
CA VAL F 127 52.12 -29.13 -23.63
C VAL F 127 53.14 -28.00 -23.70
N GLY F 128 53.95 -28.03 -24.77
CA GLY F 128 54.98 -27.06 -25.04
C GLY F 128 54.64 -26.18 -26.23
N TYR F 129 55.55 -25.24 -26.51
CA TYR F 129 55.41 -24.37 -27.67
C TYR F 129 56.06 -24.91 -28.93
N GLY F 130 56.97 -25.88 -28.80
CA GLY F 130 57.70 -26.44 -29.92
C GLY F 130 58.73 -25.48 -30.47
N PRO F 131 58.29 -24.58 -31.37
CA PRO F 131 59.15 -23.47 -31.80
C PRO F 131 58.44 -22.13 -31.67
N TYR F 132 59.15 -21.10 -31.17
CA TYR F 132 58.67 -19.73 -31.20
C TYR F 132 58.79 -19.16 -32.61
N VAL F 133 57.67 -18.74 -33.20
CA VAL F 133 57.65 -18.10 -34.51
C VAL F 133 57.19 -16.66 -34.37
N GLN F 134 57.61 -15.81 -35.33
CA GLN F 134 57.21 -14.40 -35.35
C GLN F 134 56.75 -14.04 -36.75
N LEU F 135 55.55 -13.59 -36.86
CA LEU F 135 54.98 -13.39 -38.19
C LEU F 135 54.95 -11.92 -38.60
N PRO F 136 55.04 -11.63 -39.89
CA PRO F 136 54.90 -10.23 -40.34
C PRO F 136 53.47 -9.76 -40.19
N PHE F 137 53.31 -8.50 -39.76
CA PHE F 137 52.01 -7.86 -39.52
C PHE F 137 51.31 -8.48 -38.31
N TYR F 138 51.61 -9.72 -37.98
CA TYR F 138 51.00 -10.40 -36.85
C TYR F 138 51.76 -10.18 -35.56
N GLY F 139 53.08 -10.25 -35.62
CA GLY F 139 53.90 -10.26 -34.43
C GLY F 139 54.16 -11.64 -33.87
N SER F 140 54.41 -11.70 -32.56
CA SER F 140 54.78 -12.96 -31.92
C SER F 140 53.64 -13.97 -32.01
N PHE F 141 54.00 -15.24 -32.17
CA PHE F 141 53.02 -16.30 -32.38
C PHE F 141 53.61 -17.63 -31.95
N THR F 142 52.85 -18.39 -31.18
CA THR F 142 53.17 -19.79 -30.92
C THR F 142 52.05 -20.64 -31.50
N LEU F 143 52.32 -21.94 -31.65
CA LEU F 143 51.29 -22.86 -32.10
C LEU F 143 50.32 -23.17 -30.97
N ARG F 144 50.85 -23.40 -29.77
CA ARG F 144 50.02 -23.81 -28.64
C ARG F 144 49.04 -22.70 -28.27
N ASP F 145 49.53 -21.48 -28.19
CA ASP F 145 48.74 -20.40 -27.61
C ASP F 145 47.98 -19.65 -28.69
N GLU F 146 48.65 -18.79 -29.46
CA GLU F 146 48.01 -18.22 -30.64
C GLU F 146 47.64 -19.34 -31.59
N GLY F 147 46.48 -19.25 -32.20
CA GLY F 147 46.10 -20.34 -33.07
C GLY F 147 45.65 -21.57 -32.31
N GLY F 148 46.31 -21.88 -31.19
CA GLY F 148 45.74 -22.86 -30.27
C GLY F 148 44.58 -22.30 -29.48
N ASP F 149 44.61 -20.99 -29.22
CA ASP F 149 43.45 -20.29 -28.70
C ASP F 149 42.31 -20.20 -29.70
N MET F 150 42.55 -20.50 -30.97
CA MET F 150 41.48 -20.42 -31.96
C MET F 150 40.39 -21.43 -31.69
N ALA F 151 40.70 -22.45 -30.88
CA ALA F 151 39.70 -23.45 -30.51
C ALA F 151 38.47 -22.79 -29.92
N ASP F 152 38.66 -21.74 -29.11
CA ASP F 152 37.53 -21.06 -28.52
C ASP F 152 36.63 -20.44 -29.58
N GLY F 153 37.14 -20.23 -30.78
CA GLY F 153 36.33 -19.69 -31.85
C GLY F 153 35.28 -20.64 -32.39
N LEU F 154 35.34 -21.91 -31.98
CA LEU F 154 34.46 -22.94 -32.48
C LEU F 154 33.17 -23.08 -31.68
N TYR F 155 32.96 -22.27 -30.65
CA TYR F 155 31.80 -22.48 -29.79
C TYR F 155 31.30 -21.13 -29.27
N PRO F 156 30.21 -21.06 -28.44
CA PRO F 156 29.52 -19.79 -28.23
C PRO F 156 30.33 -18.58 -27.80
N VAL F 157 29.65 -17.44 -27.95
CA VAL F 157 30.11 -16.06 -28.11
C VAL F 157 31.12 -15.95 -29.25
N LEU F 158 32.27 -16.61 -29.14
CA LEU F 158 33.25 -16.38 -30.20
C LEU F 158 32.89 -17.07 -31.50
N SER F 159 32.01 -18.08 -31.46
CA SER F 159 31.55 -18.68 -32.70
C SER F 159 30.62 -17.74 -33.45
N TRP F 160 30.17 -16.68 -32.80
CA TRP F 160 29.25 -15.74 -33.41
C TRP F 160 29.98 -14.58 -34.09
N LEU F 161 31.31 -14.59 -34.12
CA LEU F 161 32.08 -13.54 -34.76
C LEU F 161 32.41 -13.93 -36.20
N THR F 162 31.92 -13.17 -37.18
CA THR F 162 32.36 -13.37 -38.56
C THR F 162 33.84 -12.98 -38.68
N TRP F 163 34.51 -13.50 -39.73
CA TRP F 163 35.93 -13.13 -39.88
C TRP F 163 36.21 -11.65 -40.11
N PRO F 164 35.27 -10.84 -40.59
CA PRO F 164 35.46 -9.38 -40.42
C PRO F 164 35.53 -8.95 -38.96
N MET F 165 34.59 -9.40 -38.13
CA MET F 165 34.56 -9.04 -36.72
C MET F 165 35.78 -9.58 -35.99
N SER F 166 36.20 -10.79 -36.34
CA SER F 166 37.35 -11.41 -35.69
C SER F 166 38.61 -10.59 -35.94
N ILE F 167 38.90 -10.31 -37.22
CA ILE F 167 40.04 -9.46 -37.52
C ILE F 167 39.79 -8.05 -37.01
N GLY F 168 38.54 -7.67 -36.84
CA GLY F 168 38.26 -6.37 -36.23
C GLY F 168 38.57 -6.37 -34.74
N LYS F 169 38.16 -7.43 -34.04
CA LYS F 169 38.48 -7.54 -32.61
C LYS F 169 39.98 -7.58 -32.38
N TRP F 170 40.70 -8.42 -33.13
CA TRP F 170 42.16 -8.47 -33.03
C TRP F 170 42.76 -7.11 -33.28
N ALA F 171 42.28 -6.42 -34.31
CA ALA F 171 42.86 -5.17 -34.73
C ALA F 171 42.63 -4.08 -33.68
N VAL F 172 41.40 -3.95 -33.20
CA VAL F 172 41.07 -2.91 -32.24
C VAL F 172 41.81 -3.10 -30.92
N GLU F 173 41.83 -4.34 -30.40
CA GLU F 173 42.61 -4.65 -29.22
C GLU F 173 44.10 -4.30 -29.43
N GLY F 174 44.65 -4.65 -30.58
CA GLY F 174 46.03 -4.33 -30.87
C GLY F 174 46.32 -2.83 -30.88
N ILE F 175 45.45 -2.06 -31.52
CA ILE F 175 45.71 -0.62 -31.61
C ILE F 175 45.64 -0.01 -30.23
N GLU F 176 44.75 -0.52 -29.38
CA GLU F 176 44.70 -0.05 -28.00
C GLU F 176 46.00 -0.37 -27.28
N THR F 177 46.45 -1.62 -27.39
CA THR F 177 47.71 -2.00 -26.77
C THR F 177 48.84 -1.05 -27.21
N ARG F 178 48.95 -0.79 -28.50
CA ARG F 178 50.02 0.09 -28.99
C ARG F 178 49.90 1.50 -28.47
N ALA F 179 48.68 1.99 -28.27
CA ALA F 179 48.52 3.32 -27.71
C ALA F 179 49.02 3.36 -26.27
N GLN F 180 48.71 2.32 -25.48
CA GLN F 180 49.19 2.32 -24.10
C GLN F 180 50.70 2.27 -24.04
N LEU F 181 51.34 1.72 -25.05
CA LEU F 181 52.77 1.55 -25.00
C LEU F 181 53.52 2.74 -25.51
N LEU F 182 52.83 3.79 -25.98
CA LEU F 182 53.52 4.90 -26.62
C LEU F 182 54.53 5.59 -25.71
N ASP F 183 54.50 5.32 -24.41
CA ASP F 183 55.46 5.93 -23.49
C ASP F 183 56.71 5.07 -23.36
N SER F 184 56.55 3.77 -23.09
CA SER F 184 57.69 2.87 -23.16
C SER F 184 58.18 2.70 -24.60
N ASP F 185 57.36 3.07 -25.58
CA ASP F 185 57.66 3.04 -27.02
C ASP F 185 58.92 3.85 -27.28
N GLY F 186 60.07 3.26 -27.01
CA GLY F 186 61.32 3.99 -27.14
C GLY F 186 62.37 3.52 -26.16
N LEU F 187 61.94 3.05 -24.99
CA LEU F 187 62.88 2.42 -24.06
C LEU F 187 63.35 1.07 -24.60
N LEU F 188 62.54 0.45 -25.47
CA LEU F 188 62.90 -0.77 -26.18
C LEU F 188 63.84 -0.50 -27.34
N ARG F 189 63.74 0.68 -27.95
CA ARG F 189 64.71 1.11 -28.95
C ARG F 189 66.09 1.43 -28.37
N GLN F 190 66.26 1.32 -27.05
CA GLN F 190 67.52 1.62 -26.40
C GLN F 190 68.08 0.37 -25.74
N SER F 191 67.96 -0.78 -26.40
CA SER F 191 68.43 -2.02 -25.82
C SER F 191 69.13 -2.85 -26.90
N SER F 192 70.17 -3.57 -26.46
CA SER F 192 71.12 -4.16 -27.39
C SER F 192 70.44 -5.09 -28.39
N ASP F 193 69.61 -6.01 -27.92
CA ASP F 193 68.94 -6.94 -28.84
C ASP F 193 67.45 -6.97 -28.52
N PRO F 194 66.67 -6.07 -29.11
CA PRO F 194 65.24 -6.04 -28.82
C PRO F 194 64.49 -7.25 -29.36
N TYR F 195 65.12 -8.14 -30.11
CA TYR F 195 64.42 -9.38 -30.46
C TYR F 195 64.32 -10.29 -29.25
N ILE F 196 65.37 -10.35 -28.44
CA ILE F 196 65.41 -11.27 -27.31
C ILE F 196 64.57 -10.74 -26.14
N LEU F 197 64.34 -9.44 -26.08
CA LEU F 197 63.46 -8.94 -25.04
C LEU F 197 62.02 -9.25 -25.38
N MET F 198 61.58 -8.85 -26.56
CA MET F 198 60.22 -9.14 -27.00
C MET F 198 60.11 -10.55 -27.57
N ARG F 199 60.93 -11.44 -27.04
CA ARG F 199 60.80 -12.88 -27.13
C ARG F 199 60.78 -13.49 -25.75
N GLU F 200 61.57 -12.94 -24.84
CA GLU F 200 61.54 -13.36 -23.47
C GLU F 200 60.31 -12.77 -22.80
N ALA F 201 59.90 -11.58 -23.22
CA ALA F 201 58.66 -11.05 -22.67
C ALA F 201 57.49 -11.91 -23.08
N TYR F 202 57.54 -12.47 -24.28
CA TYR F 202 56.45 -13.32 -24.71
C TYR F 202 56.38 -14.57 -23.85
N PHE F 203 57.53 -15.16 -23.57
CA PHE F 203 57.50 -16.36 -22.76
C PHE F 203 57.33 -16.04 -21.29
N GLN F 204 57.86 -14.91 -20.83
CA GLN F 204 57.58 -14.48 -19.46
C GLN F 204 56.09 -14.36 -19.22
N ARG F 205 55.39 -13.71 -20.13
CA ARG F 205 53.96 -13.47 -19.97
C ARG F 205 53.16 -14.75 -20.20
N HIS F 206 53.53 -15.53 -21.21
CA HIS F 206 52.75 -16.71 -21.56
C HIS F 206 52.98 -17.86 -20.60
N ASP F 207 54.12 -17.88 -19.92
CA ASP F 207 54.33 -18.87 -18.87
C ASP F 207 53.52 -18.51 -17.63
N PHE F 208 53.58 -17.25 -17.22
CA PHE F 208 52.82 -16.80 -16.05
C PHE F 208 51.35 -17.16 -16.17
N ILE F 209 50.78 -16.95 -17.36
CA ILE F 209 49.37 -17.25 -17.57
C ILE F 209 49.12 -18.76 -17.47
N ALA F 210 49.98 -19.55 -18.12
CA ALA F 210 49.81 -20.99 -18.20
C ALA F 210 49.99 -21.69 -16.86
N ASN F 211 50.65 -21.06 -15.90
CA ASN F 211 50.96 -21.71 -14.63
C ASN F 211 49.88 -21.39 -13.58
#